data_6YAK
#
_entry.id   6YAK
#
_cell.length_a   123.078
_cell.length_b   130.047
_cell.length_c   165.897
_cell.angle_alpha   90.000
_cell.angle_beta   90.000
_cell.angle_gamma   90.000
#
_symmetry.space_group_name_H-M   'I 2 2 2'
#
loop_
_entity.id
_entity.type
_entity.pdbx_description
1 polymer 'N-terminal component of the split chain transketolase'
2 polymer 'C-terminal component of the split chain transketolase'
3 non-polymer '2-[3-[(4-azanyl-2-methyl-pyrimidin-5-yl)methyl]-4-methyl-2H-1,3-thiazol-5-yl]ethyl phosphono hydrogen phosphate'
4 non-polymer 'CALCIUM ION'
5 non-polymer D-MALATE
6 non-polymer '(2S)-2-hydroxybutanedioic acid'
7 non-polymer 'CHLORIDE ION'
8 water water
#
loop_
_entity_poly.entity_id
_entity_poly.type
_entity_poly.pdbx_seq_one_letter_code
_entity_poly.pdbx_strand_id
1 'polypeptide(L)'
;MAGSHHHHHHGMASMTGGQQMGRSGDDDDMQDEILNLKLIANQLRQHVVKMVGEANSGHPGGSLSAADILAVLFFKEMRI
DPANPKWQDRDRFVLSKGHASPVLYAALAERGFFPKEWLSQFRKINSPLQGHPDMKKVPGVEMSTGSLGQGFSTAVGMAL
GLKLDRSPARVYVLLGDGEIQEGIVWEAAMAAAHYKLNNLTAILDYNGLQIDGPVQEVMNPEPVADKWRSFGFKVITVDG
HNIPEIINAIDAARLHLEGPTIIIAKTVKGKGVSFMENRVEWHGSAPKPEQVAEALSELQVGREKLWEE
;
AAA,CCC
2 'polypeptide(L)'
;MAGSHHHHHHGMASMTGGQQMGRSGDDDDMGGIATREAYGKALVELGQENPKIVVLDADLSKSTKTSDFAKAFPERFFNM
GIAEQNLMGVAAGLSTVGKIPFASTFAVFAAGRAFEIIRNSICYPKLNVKIAATHAGLTVGEDGASHQAIEDLALMRVLP
NMQVFVPADAAQTRAIVKKAAEIEGPVYIRLGRSGVPEVFSPDIRFEPGRGTVLKEGKDVTIVALGIMTAKALEAAKMLE
AEGIAARVVDMASLKPIDRELLVESARLTGAVVTAEEHSVIGGLGSAVAEVLSEEYPIPVVKVGVNDVFGESGTPQALLE
KYGLTARDVVAAVQKALTLKR
;
BBB,DDD
#
loop_
_chem_comp.id
_chem_comp.type
_chem_comp.name
_chem_comp.formula
8EL non-polymer '2-[3-[(4-azanyl-2-methyl-pyrimidin-5-yl)methyl]-4-methyl-2H-1,3-thiazol-5-yl]ethyl phosphono hydrogen phosphate' 'C12 H20 N4 O7 P2 S'
CA non-polymer 'CALCIUM ION' 'Ca 2'
CL non-polymer 'CHLORIDE ION' 'Cl -1'
LMR non-polymer '(2S)-2-hydroxybutanedioic acid' 'C4 H6 O5'
MLT non-polymer D-MALATE 'C4 H6 O5'
#
# COMPACT_ATOMS: atom_id res chain seq x y z
N ASP A 28 24.86 49.27 4.64
CA ASP A 28 23.75 48.37 5.09
C ASP A 28 24.22 46.92 4.95
N ASP A 29 24.43 46.20 6.05
CA ASP A 29 24.79 44.75 6.05
C ASP A 29 23.54 43.93 5.74
N MET A 30 22.36 44.39 6.15
CA MET A 30 21.06 43.69 5.92
C MET A 30 20.73 43.76 4.43
N GLN A 31 20.89 44.94 3.82
CA GLN A 31 20.63 45.17 2.37
C GLN A 31 21.66 44.40 1.53
N ASP A 32 22.92 44.37 1.99
CA ASP A 32 24.02 43.58 1.35
C ASP A 32 23.69 42.09 1.51
N GLU A 33 23.18 41.68 2.67
CA GLU A 33 22.77 40.27 2.93
C GLU A 33 21.69 39.86 1.92
N ILE A 34 20.69 40.69 1.68
CA ILE A 34 19.58 40.39 0.74
C ILE A 34 20.13 40.29 -0.69
N LEU A 35 20.98 41.25 -1.11
CA LEU A 35 21.57 41.21 -2.47
C LEU A 35 22.34 39.89 -2.65
N ASN A 36 23.12 39.49 -1.66
CA ASN A 36 23.95 38.26 -1.73
CA ASN A 36 23.95 38.26 -1.74
C ASN A 36 23.02 37.05 -1.87
N LEU A 37 21.89 37.04 -1.18
CA LEU A 37 20.92 35.92 -1.30
C LEU A 37 20.31 35.89 -2.71
N LYS A 38 20.03 37.05 -3.31
CA LYS A 38 19.50 37.12 -4.70
C LYS A 38 20.56 36.59 -5.67
N LEU A 39 21.83 36.93 -5.46
CA LEU A 39 22.92 36.43 -6.31
C LEU A 39 23.03 34.90 -6.15
N ILE A 40 22.96 34.39 -4.92
CA ILE A 40 23.04 32.92 -4.72
C ILE A 40 21.83 32.25 -5.42
N ALA A 41 20.63 32.79 -5.27
CA ALA A 41 19.44 32.21 -5.93
C ALA A 41 19.67 32.15 -7.44
N ASN A 42 20.23 33.22 -8.03
CA ASN A 42 20.53 33.26 -9.48
C ASN A 42 21.52 32.14 -9.84
N GLN A 43 22.56 31.94 -9.03
CA GLN A 43 23.56 30.86 -9.26
C GLN A 43 22.85 29.49 -9.21
N LEU A 44 21.95 29.29 -8.25
CA LEU A 44 21.21 27.99 -8.14
C LEU A 44 20.43 27.77 -9.43
N ARG A 45 19.75 28.82 -9.93
CA ARG A 45 18.98 28.69 -11.18
C ARG A 45 19.89 28.33 -12.37
N GLN A 46 21.07 28.95 -12.46
CA GLN A 46 22.02 28.64 -13.56
C GLN A 46 22.46 27.17 -13.45
N HIS A 47 22.75 26.69 -12.25
CA HIS A 47 23.11 25.26 -12.04
C HIS A 47 21.96 24.36 -12.51
N VAL A 48 20.73 24.69 -12.13
CA VAL A 48 19.54 23.85 -12.48
C VAL A 48 19.46 23.69 -14.00
N VAL A 49 19.49 24.81 -14.73
CA VAL A 49 19.32 24.77 -16.20
C VAL A 49 20.44 23.93 -16.82
N LYS A 50 21.69 24.15 -16.40
CA LYS A 50 22.86 23.47 -16.99
CA LYS A 50 22.86 23.47 -16.99
C LYS A 50 22.81 21.97 -16.68
N MET A 51 22.45 21.60 -15.43
CA MET A 51 22.61 20.18 -15.02
CA MET A 51 22.61 20.18 -15.03
C MET A 51 21.47 19.36 -15.66
N VAL A 52 20.27 19.94 -15.81
CA VAL A 52 19.14 19.23 -16.47
C VAL A 52 19.44 19.10 -17.96
N GLY A 53 19.96 20.16 -18.59
CA GLY A 53 20.39 20.10 -20.00
C GLY A 53 21.40 18.98 -20.25
N GLU A 54 22.43 18.90 -19.41
CA GLU A 54 23.53 17.93 -19.59
CA GLU A 54 23.53 17.92 -19.59
C GLU A 54 22.98 16.50 -19.38
N ALA A 55 22.08 16.33 -18.41
CA ALA A 55 21.50 15.01 -18.08
C ALA A 55 20.53 14.52 -19.15
N ASN A 56 19.94 15.42 -19.94
CA ASN A 56 18.86 15.12 -20.92
C ASN A 56 17.61 14.64 -20.18
N SER A 57 17.49 14.97 -18.90
CA SER A 57 16.47 14.39 -18.02
C SER A 57 16.38 15.28 -16.79
N GLY A 58 15.19 15.40 -16.22
CA GLY A 58 15.02 16.11 -14.94
C GLY A 58 13.94 17.17 -15.01
N HIS A 59 13.86 17.98 -13.96
CA HIS A 59 12.62 18.73 -13.62
C HIS A 59 12.93 20.20 -13.42
N PRO A 60 13.01 21.01 -14.51
CA PRO A 60 13.41 22.39 -14.35
C PRO A 60 12.33 23.25 -13.70
N GLY A 61 11.06 23.09 -14.06
CA GLY A 61 10.01 24.05 -13.64
C GLY A 61 9.93 24.15 -12.13
N GLY A 62 9.77 23.01 -11.46
CA GLY A 62 9.59 22.95 -10.00
C GLY A 62 10.90 23.10 -9.25
N SER A 63 12.04 23.06 -9.93
CA SER A 63 13.35 23.41 -9.34
C SER A 63 13.48 24.93 -9.32
N LEU A 64 13.20 25.57 -10.46
CA LEU A 64 13.33 27.05 -10.59
C LEU A 64 12.34 27.76 -9.66
N SER A 65 11.13 27.23 -9.45
CA SER A 65 10.12 27.85 -8.57
C SER A 65 10.65 27.93 -7.13
N ALA A 66 11.51 27.00 -6.70
CA ALA A 66 11.92 26.88 -5.29
C ALA A 66 13.29 27.52 -5.02
N ALA A 67 13.97 28.13 -6.01
CA ALA A 67 15.38 28.57 -5.83
C ALA A 67 15.50 29.68 -4.77
N ASP A 68 14.55 30.60 -4.64
CA ASP A 68 14.66 31.69 -3.64
C ASP A 68 14.47 31.10 -2.24
N ILE A 69 13.57 30.15 -2.10
CA ILE A 69 13.33 29.45 -0.80
C ILE A 69 14.62 28.73 -0.39
N LEU A 70 15.23 27.95 -1.27
CA LEU A 70 16.45 27.21 -0.88
CA LEU A 70 16.47 27.19 -0.95
C LEU A 70 17.62 28.16 -0.67
N ALA A 71 17.68 29.29 -1.37
CA ALA A 71 18.76 30.29 -1.09
C ALA A 71 18.64 30.76 0.36
N VAL A 72 17.44 31.13 0.79
CA VAL A 72 17.20 31.63 2.17
C VAL A 72 17.54 30.52 3.17
N LEU A 73 17.10 29.29 2.92
CA LEU A 73 17.34 28.19 3.91
C LEU A 73 18.83 27.86 3.99
N PHE A 74 19.49 27.61 2.86
CA PHE A 74 20.85 27.03 2.90
C PHE A 74 21.91 28.13 3.11
N PHE A 75 21.60 29.40 2.92
CA PHE A 75 22.64 30.48 2.98
C PHE A 75 22.28 31.53 4.01
N LYS A 76 21.25 31.36 4.83
CA LYS A 76 20.97 32.30 5.95
CA LYS A 76 20.97 32.30 5.95
C LYS A 76 20.37 31.57 7.15
N GLU A 77 19.23 30.88 6.97
CA GLU A 77 18.38 30.52 8.12
C GLU A 77 18.78 29.19 8.77
N MET A 78 19.15 28.18 7.99
CA MET A 78 19.48 26.85 8.57
CA MET A 78 19.45 26.86 8.60
C MET A 78 20.83 26.88 9.27
N ARG A 79 20.90 26.20 10.41
CA ARG A 79 22.17 25.94 11.14
CA ARG A 79 22.16 25.94 11.15
C ARG A 79 22.70 24.59 10.66
N ILE A 80 23.69 24.62 9.79
CA ILE A 80 24.28 23.40 9.17
C ILE A 80 25.75 23.64 8.98
N ASP A 81 26.51 22.55 8.85
CA ASP A 81 27.99 22.62 8.73
C ASP A 81 28.43 21.52 7.78
N PRO A 82 28.89 21.83 6.55
CA PRO A 82 29.38 20.79 5.65
C PRO A 82 30.61 20.05 6.19
N ALA A 83 31.31 20.59 7.20
CA ALA A 83 32.46 19.94 7.88
C ALA A 83 31.97 19.00 8.99
N ASN A 84 30.66 19.02 9.30
CA ASN A 84 30.05 18.19 10.35
C ASN A 84 28.63 17.85 9.88
N PRO A 85 28.47 17.12 8.74
CA PRO A 85 27.14 16.85 8.18
C PRO A 85 26.26 15.97 9.08
N LYS A 86 26.83 15.29 10.09
CA LYS A 86 26.09 14.42 11.05
CA LYS A 86 26.02 14.45 11.03
C LYS A 86 25.92 15.13 12.40
N TRP A 87 26.23 16.43 12.48
CA TRP A 87 25.98 17.22 13.72
C TRP A 87 24.56 16.93 14.24
N GLN A 88 24.42 16.42 15.46
CA GLN A 88 23.12 15.91 15.99
CA GLN A 88 23.11 15.90 15.95
C GLN A 88 22.07 17.02 16.07
N ASP A 89 22.50 18.27 16.33
CA ASP A 89 21.54 19.39 16.54
C ASP A 89 21.41 20.26 15.29
N ARG A 90 21.91 19.80 14.14
CA ARG A 90 21.78 20.53 12.86
C ARG A 90 20.30 20.72 12.54
N ASP A 91 19.97 21.83 11.90
CA ASP A 91 18.66 21.93 11.24
C ASP A 91 18.64 20.92 10.08
N ARG A 92 17.46 20.43 9.77
CA ARG A 92 17.27 19.46 8.68
CA ARG A 92 17.28 19.45 8.67
C ARG A 92 16.34 20.04 7.63
N PHE A 93 16.65 19.80 6.38
CA PHE A 93 15.77 20.12 5.25
C PHE A 93 15.37 18.81 4.58
N VAL A 94 14.08 18.64 4.36
CA VAL A 94 13.55 17.48 3.59
C VAL A 94 12.87 18.01 2.33
N LEU A 95 13.34 17.54 1.17
CA LEU A 95 12.71 17.89 -0.12
C LEU A 95 11.62 16.86 -0.40
N SER A 96 10.41 17.07 0.10
CA SER A 96 9.31 16.09 -0.07
C SER A 96 8.95 16.00 -1.56
N LYS A 97 9.00 17.11 -2.28
CA LYS A 97 8.81 17.12 -3.76
C LYS A 97 10.16 16.80 -4.41
N GLY A 98 10.58 15.54 -4.31
CA GLY A 98 11.95 15.11 -4.57
C GLY A 98 12.39 15.20 -6.01
N HIS A 99 11.44 15.33 -6.94
CA HIS A 99 11.79 15.52 -8.36
C HIS A 99 12.52 16.84 -8.56
N ALA A 100 12.40 17.80 -7.64
CA ALA A 100 13.13 19.08 -7.68
C ALA A 100 14.57 18.90 -7.15
N SER A 101 15.12 17.70 -7.21
CA SER A 101 16.51 17.41 -6.80
C SER A 101 17.51 18.38 -7.41
N PRO A 102 17.40 18.88 -8.66
CA PRO A 102 18.42 19.82 -9.15
C PRO A 102 18.64 21.03 -8.24
N VAL A 103 17.58 21.64 -7.71
CA VAL A 103 17.76 22.86 -6.88
C VAL A 103 18.37 22.48 -5.53
N LEU A 104 18.04 21.31 -4.97
CA LEU A 104 18.69 20.88 -3.71
C LEU A 104 20.17 20.60 -3.97
N TYR A 105 20.49 19.87 -5.03
CA TYR A 105 21.90 19.55 -5.34
C TYR A 105 22.70 20.85 -5.61
N ALA A 106 22.12 21.80 -6.32
CA ALA A 106 22.77 23.10 -6.56
C ALA A 106 23.09 23.79 -5.22
N ALA A 107 22.12 23.84 -4.31
CA ALA A 107 22.30 24.46 -2.98
C ALA A 107 23.41 23.74 -2.20
N LEU A 108 23.36 22.41 -2.15
CA LEU A 108 24.34 21.65 -1.34
C LEU A 108 25.74 21.81 -1.94
N ALA A 109 25.88 21.81 -3.27
CA ALA A 109 27.20 22.03 -3.92
C ALA A 109 27.71 23.44 -3.58
N GLU A 110 26.86 24.45 -3.67
CA GLU A 110 27.31 25.84 -3.40
C GLU A 110 27.63 26.02 -1.92
N ARG A 111 27.01 25.26 -1.01
CA ARG A 111 27.31 25.33 0.46
CA ARG A 111 27.30 25.32 0.45
C ARG A 111 28.57 24.53 0.80
N GLY A 112 29.07 23.71 -0.11
CA GLY A 112 30.33 22.96 0.06
C GLY A 112 30.16 21.54 0.60
N PHE A 113 28.98 20.93 0.45
CA PHE A 113 28.75 19.55 0.94
C PHE A 113 29.45 18.52 0.05
N PHE A 114 29.65 18.82 -1.23
CA PHE A 114 30.29 17.89 -2.20
C PHE A 114 30.79 18.73 -3.37
N PRO A 115 31.68 18.18 -4.22
CA PRO A 115 32.26 18.98 -5.30
C PRO A 115 31.22 19.44 -6.33
N LYS A 116 31.37 20.67 -6.82
CA LYS A 116 30.49 21.18 -7.89
C LYS A 116 30.57 20.31 -9.15
N GLU A 117 31.69 19.62 -9.37
CA GLU A 117 31.90 18.72 -10.53
CA GLU A 117 31.89 18.72 -10.54
C GLU A 117 30.85 17.59 -10.52
N TRP A 118 30.33 17.21 -9.33
CA TRP A 118 29.28 16.16 -9.28
C TRP A 118 28.06 16.59 -10.11
N LEU A 119 27.78 17.88 -10.20
CA LEU A 119 26.53 18.35 -10.85
C LEU A 119 26.51 17.94 -12.31
N SER A 120 27.67 17.79 -12.96
CA SER A 120 27.76 17.46 -14.39
CA SER A 120 27.79 17.45 -14.40
C SER A 120 27.42 15.99 -14.66
N GLN A 121 27.26 15.16 -13.61
CA GLN A 121 26.92 13.73 -13.80
C GLN A 121 25.54 13.42 -13.20
N PHE A 122 24.73 14.42 -12.94
CA PHE A 122 23.31 14.25 -12.53
C PHE A 122 22.62 13.20 -13.40
N ARG A 123 21.97 12.22 -12.76
CA ARG A 123 21.10 11.20 -13.39
C ARG A 123 21.91 10.19 -14.23
N LYS A 124 23.24 10.22 -14.21
CA LYS A 124 24.08 9.25 -14.95
CA LYS A 124 24.08 9.25 -14.95
C LYS A 124 24.27 7.99 -14.12
N ILE A 125 24.42 6.85 -14.78
CA ILE A 125 24.74 5.59 -14.07
C ILE A 125 26.03 5.78 -13.23
N ASN A 126 25.99 5.25 -12.00
N ASN A 126 26.10 5.09 -12.09
CA ASN A 126 27.09 5.28 -10.99
CA ASN A 126 27.33 5.02 -11.25
C ASN A 126 27.30 6.66 -10.36
C ASN A 126 27.71 6.44 -10.78
N SER A 127 26.61 7.70 -10.80
N SER A 127 26.72 7.29 -10.51
CA SER A 127 26.70 9.04 -10.18
CA SER A 127 26.90 8.70 -10.06
C SER A 127 26.06 9.00 -8.81
C SER A 127 26.08 8.96 -8.81
N PRO A 128 26.61 9.70 -7.79
CA PRO A 128 25.88 9.89 -6.53
C PRO A 128 24.59 10.70 -6.66
N LEU A 129 24.51 11.61 -7.63
CA LEU A 129 23.37 12.54 -7.77
C LEU A 129 22.25 11.85 -8.57
N GLN A 130 21.49 11.03 -7.86
CA GLN A 130 20.34 10.27 -8.41
C GLN A 130 19.22 11.25 -8.83
N GLY A 131 18.34 10.80 -9.70
CA GLY A 131 17.23 11.64 -10.19
C GLY A 131 16.32 12.14 -9.08
N HIS A 132 16.12 11.33 -8.04
CA HIS A 132 15.48 11.74 -6.78
C HIS A 132 16.52 11.57 -5.67
N PRO A 133 16.51 12.39 -4.61
CA PRO A 133 17.62 12.39 -3.63
C PRO A 133 17.74 11.02 -2.94
N ASP A 134 18.98 10.52 -2.83
CA ASP A 134 19.36 9.31 -2.07
C ASP A 134 20.22 9.73 -0.87
N MET A 135 19.67 9.66 0.33
CA MET A 135 20.35 10.11 1.56
C MET A 135 21.64 9.31 1.81
N LYS A 136 21.78 8.11 1.27
CA LYS A 136 22.99 7.29 1.54
C LYS A 136 24.13 7.65 0.58
N LYS A 137 23.87 8.43 -0.48
CA LYS A 137 24.88 8.75 -1.52
C LYS A 137 25.29 10.21 -1.47
N VAL A 138 24.52 11.11 -0.84
CA VAL A 138 24.78 12.57 -0.97
C VAL A 138 24.85 13.22 0.40
N PRO A 139 26.02 13.78 0.80
CA PRO A 139 26.10 14.54 2.03
C PRO A 139 25.12 15.72 2.01
N GLY A 140 24.40 15.90 3.11
CA GLY A 140 23.43 16.99 3.28
C GLY A 140 22.02 16.61 2.86
N VAL A 141 21.83 15.45 2.20
CA VAL A 141 20.47 14.93 1.91
C VAL A 141 20.00 14.17 3.14
N GLU A 142 18.87 14.60 3.72
CA GLU A 142 18.40 14.08 5.02
C GLU A 142 17.43 12.91 4.86
N MET A 143 16.82 12.74 3.69
CA MET A 143 15.90 11.62 3.46
C MET A 143 15.92 11.31 1.97
N SER A 144 15.77 10.03 1.63
CA SER A 144 15.54 9.61 0.23
C SER A 144 14.07 9.90 -0.09
N THR A 145 13.81 10.78 -1.06
CA THR A 145 12.43 11.21 -1.39
C THR A 145 12.22 10.96 -2.87
N GLY A 146 11.05 11.28 -3.37
CA GLY A 146 10.72 10.91 -4.76
C GLY A 146 9.39 10.21 -4.85
N SER A 147 8.95 9.55 -3.79
CA SER A 147 7.53 9.13 -3.70
C SER A 147 6.77 10.22 -2.97
N LEU A 148 5.88 10.91 -3.67
CA LEU A 148 5.25 12.13 -3.11
C LEU A 148 4.45 11.82 -1.84
N GLY A 149 4.56 12.75 -0.89
CA GLY A 149 3.97 12.69 0.44
C GLY A 149 4.90 12.06 1.45
N GLN A 150 5.75 11.12 1.04
CA GLN A 150 6.53 10.35 2.03
C GLN A 150 7.55 11.24 2.75
N GLY A 151 8.24 12.13 2.05
CA GLY A 151 9.24 12.98 2.75
C GLY A 151 8.60 13.75 3.88
N PHE A 152 7.42 14.30 3.67
CA PHE A 152 6.70 15.07 4.71
C PHE A 152 6.43 14.20 5.93
N SER A 153 5.97 12.96 5.74
CA SER A 153 5.73 12.03 6.88
C SER A 153 7.06 11.79 7.61
N THR A 154 8.16 11.55 6.90
CA THR A 154 9.46 11.32 7.59
C THR A 154 9.86 12.60 8.34
N ALA A 155 9.58 13.78 7.81
CA ALA A 155 9.94 15.06 8.48
C ALA A 155 9.19 15.16 9.81
N VAL A 156 7.94 14.74 9.86
CA VAL A 156 7.16 14.70 11.12
C VAL A 156 7.87 13.77 12.10
N GLY A 157 8.32 12.60 11.66
CA GLY A 157 9.06 11.69 12.55
C GLY A 157 10.37 12.29 13.03
N MET A 158 11.13 12.98 12.17
CA MET A 158 12.37 13.67 12.61
C MET A 158 12.02 14.69 13.69
N ALA A 159 11.02 15.53 13.46
CA ALA A 159 10.65 16.59 14.42
C ALA A 159 10.19 15.96 15.73
N LEU A 160 9.46 14.86 15.68
CA LEU A 160 8.99 14.14 16.88
C LEU A 160 10.20 13.67 17.69
N GLY A 161 11.20 13.07 17.05
CA GLY A 161 12.38 12.55 17.77
C GLY A 161 13.23 13.68 18.31
N LEU A 162 13.38 14.77 17.58
CA LEU A 162 14.20 15.91 18.04
C LEU A 162 13.53 16.62 19.21
N LYS A 163 12.20 16.68 19.21
CA LYS A 163 11.41 17.24 20.35
C LYS A 163 11.67 16.33 21.57
N LEU A 164 11.67 15.02 21.38
CA LEU A 164 11.91 14.10 22.52
CA LEU A 164 11.99 14.01 22.45
C LEU A 164 13.33 14.32 23.09
N ASP A 165 14.34 14.56 22.26
CA ASP A 165 15.79 14.69 22.61
C ASP A 165 16.14 16.12 23.07
N ARG A 166 15.14 16.97 23.25
CA ARG A 166 15.33 18.40 23.66
CA ARG A 166 15.33 18.39 23.67
C ARG A 166 16.26 19.14 22.70
N SER A 167 16.27 18.78 21.43
N SER A 167 16.28 18.77 21.42
CA SER A 167 17.18 19.40 20.45
CA SER A 167 17.19 19.39 20.44
C SER A 167 16.66 20.80 20.15
C SER A 167 16.66 20.80 20.15
N PRO A 168 17.57 21.77 19.93
CA PRO A 168 17.18 23.07 19.37
C PRO A 168 16.95 23.02 17.85
N ALA A 169 17.17 21.88 17.21
CA ALA A 169 17.05 21.71 15.74
C ALA A 169 15.64 22.08 15.27
N ARG A 170 15.59 22.60 14.06
CA ARG A 170 14.33 22.85 13.32
C ARG A 170 14.34 21.94 12.08
N VAL A 171 13.17 21.41 11.77
CA VAL A 171 12.96 20.59 10.55
C VAL A 171 12.18 21.43 9.54
N TYR A 172 12.80 21.72 8.41
CA TYR A 172 12.18 22.45 7.29
C TYR A 172 11.82 21.41 6.22
N VAL A 173 10.63 21.52 5.66
CA VAL A 173 10.21 20.54 4.61
C VAL A 173 9.45 21.26 3.51
N LEU A 174 9.86 21.03 2.27
CA LEU A 174 9.24 21.65 1.06
C LEU A 174 8.29 20.64 0.39
N LEU A 175 7.04 21.07 0.21
CA LEU A 175 5.93 20.30 -0.42
CA LEU A 175 5.93 20.30 -0.42
C LEU A 175 5.55 20.94 -1.76
N GLY A 176 5.08 20.11 -2.69
CA GLY A 176 4.41 20.59 -3.91
C GLY A 176 2.91 20.78 -3.69
N ASP A 177 2.26 21.59 -4.53
CA ASP A 177 0.79 21.80 -4.40
C ASP A 177 0.00 20.71 -5.15
N GLY A 178 0.61 19.93 -6.05
CA GLY A 178 0.04 18.65 -6.48
C GLY A 178 0.23 17.59 -5.38
N GLU A 179 1.42 17.59 -4.78
CA GLU A 179 1.79 16.60 -3.75
C GLU A 179 0.76 16.53 -2.62
N ILE A 180 0.14 17.66 -2.24
CA ILE A 180 -0.84 17.70 -1.11
C ILE A 180 -2.17 17.03 -1.47
N GLN A 181 -2.28 16.44 -2.66
CA GLN A 181 -3.42 15.54 -3.00
C GLN A 181 -3.24 14.16 -2.35
N GLU A 182 -2.03 13.81 -1.87
CA GLU A 182 -1.77 12.50 -1.23
C GLU A 182 -2.35 12.47 0.19
N GLY A 183 -3.04 11.39 0.54
CA GLY A 183 -3.63 11.18 1.86
C GLY A 183 -2.58 11.22 2.97
N ILE A 184 -1.39 10.69 2.72
CA ILE A 184 -0.36 10.64 3.79
C ILE A 184 -0.02 12.07 4.24
N VAL A 185 -0.14 13.08 3.38
CA VAL A 185 0.14 14.48 3.81
C VAL A 185 -0.81 14.87 4.94
N TRP A 186 -2.07 14.52 4.85
CA TRP A 186 -3.12 14.91 5.83
C TRP A 186 -2.95 14.08 7.10
N GLU A 187 -2.57 12.81 6.98
CA GLU A 187 -2.22 11.98 8.18
C GLU A 187 -1.06 12.65 8.92
N ALA A 188 0.00 12.98 8.21
CA ALA A 188 1.22 13.61 8.78
C ALA A 188 0.85 14.96 9.40
N ALA A 189 0.01 15.75 8.75
CA ALA A 189 -0.39 17.07 9.28
C ALA A 189 -1.15 16.87 10.59
N MET A 190 -2.08 15.93 10.62
CA MET A 190 -2.90 15.67 11.82
C MET A 190 -1.95 15.27 12.96
N ALA A 191 -0.98 14.41 12.68
CA ALA A 191 -0.02 13.93 13.69
C ALA A 191 0.87 15.07 14.17
N ALA A 192 1.34 15.94 13.30
CA ALA A 192 2.26 17.05 13.68
C ALA A 192 1.52 18.01 14.62
N ALA A 193 0.24 18.27 14.38
CA ALA A 193 -0.57 19.12 15.28
C ALA A 193 -0.77 18.41 16.61
N HIS A 194 -1.13 17.13 16.60
CA HIS A 194 -1.43 16.35 17.83
C HIS A 194 -0.20 16.32 18.73
N TYR A 195 1.00 16.14 18.16
CA TYR A 195 2.27 16.04 18.93
C TYR A 195 2.91 17.41 19.14
N LYS A 196 2.23 18.49 18.76
CA LYS A 196 2.67 19.88 19.08
C LYS A 196 4.08 20.14 18.54
N LEU A 197 4.33 19.79 17.27
CA LEU A 197 5.68 19.88 16.70
C LEU A 197 5.94 21.30 16.17
N ASN A 198 6.18 22.23 17.09
CA ASN A 198 6.47 23.65 16.72
C ASN A 198 7.87 23.79 16.13
N ASN A 199 8.65 22.72 16.16
CA ASN A 199 10.00 22.63 15.57
C ASN A 199 9.93 22.20 14.09
N LEU A 200 8.72 22.03 13.54
CA LEU A 200 8.50 21.65 12.12
C LEU A 200 7.96 22.88 11.38
N THR A 201 8.69 23.31 10.34
CA THR A 201 8.26 24.40 9.44
C THR A 201 8.08 23.81 8.05
N ALA A 202 6.83 23.70 7.60
CA ALA A 202 6.51 23.27 6.23
C ALA A 202 6.50 24.49 5.32
N ILE A 203 6.87 24.29 4.07
CA ILE A 203 6.82 25.34 3.03
C ILE A 203 6.12 24.71 1.84
N LEU A 204 5.08 25.36 1.32
CA LEU A 204 4.38 24.90 0.13
C LEU A 204 4.84 25.72 -1.07
N ASP A 205 5.33 25.04 -2.10
CA ASP A 205 5.72 25.64 -3.40
C ASP A 205 4.41 25.82 -4.18
N TYR A 206 3.75 26.95 -3.99
CA TYR A 206 2.36 27.19 -4.46
C TYR A 206 2.41 27.81 -5.87
N ASN A 207 2.72 26.98 -6.86
CA ASN A 207 2.95 27.42 -8.26
C ASN A 207 1.73 27.12 -9.15
N GLY A 208 0.72 26.40 -8.65
CA GLY A 208 -0.57 26.24 -9.35
C GLY A 208 -0.58 25.18 -10.43
N LEU A 209 0.54 24.52 -10.74
CA LEU A 209 0.64 23.57 -11.89
C LEU A 209 1.08 22.19 -11.42
N GLN A 210 0.65 21.16 -12.10
CA GLN A 210 1.16 19.77 -11.92
C GLN A 210 1.27 19.13 -13.31
N ILE A 211 1.40 17.82 -13.42
CA ILE A 211 1.81 17.21 -14.72
C ILE A 211 0.72 17.40 -15.78
N ASP A 212 -0.52 17.11 -15.43
CA ASP A 212 -1.61 17.00 -16.45
C ASP A 212 -2.32 18.33 -16.63
N GLY A 213 -1.89 19.38 -15.94
CA GLY A 213 -2.49 20.71 -16.08
C GLY A 213 -2.44 21.49 -14.78
N PRO A 214 -3.16 22.62 -14.71
CA PRO A 214 -3.31 23.39 -13.48
C PRO A 214 -3.91 22.48 -12.40
N VAL A 215 -3.45 22.65 -11.15
N VAL A 215 -3.45 22.66 -11.17
CA VAL A 215 -3.95 21.83 -10.02
CA VAL A 215 -3.94 21.82 -10.03
C VAL A 215 -5.46 22.02 -9.89
C VAL A 215 -5.45 22.02 -9.87
N GLN A 216 -5.99 23.20 -10.19
CA GLN A 216 -7.45 23.46 -10.04
CA GLN A 216 -7.45 23.46 -10.04
C GLN A 216 -8.24 22.60 -11.05
N GLU A 217 -7.65 22.23 -12.18
CA GLU A 217 -8.30 21.40 -13.22
C GLU A 217 -8.14 19.90 -12.89
N VAL A 218 -6.97 19.50 -12.41
CA VAL A 218 -6.63 18.06 -12.23
C VAL A 218 -7.35 17.52 -10.99
N MET A 219 -7.17 18.17 -9.84
CA MET A 219 -7.77 17.72 -8.57
C MET A 219 -7.64 18.88 -7.59
N ASN A 220 -8.65 19.73 -7.56
CA ASN A 220 -8.51 21.07 -6.92
C ASN A 220 -8.31 20.93 -5.41
N PRO A 221 -7.16 21.38 -4.85
CA PRO A 221 -6.99 21.33 -3.40
C PRO A 221 -7.47 22.60 -2.68
N GLU A 222 -8.02 23.59 -3.39
CA GLU A 222 -8.49 24.83 -2.74
C GLU A 222 -9.71 24.52 -1.88
N PRO A 223 -9.98 25.23 -0.78
CA PRO A 223 -9.15 26.32 -0.24
C PRO A 223 -7.93 25.84 0.58
N VAL A 224 -6.73 26.06 0.04
CA VAL A 224 -5.51 25.40 0.60
C VAL A 224 -5.19 25.94 2.00
N ALA A 225 -5.18 27.25 2.20
CA ALA A 225 -4.89 27.81 3.54
C ALA A 225 -5.94 27.34 4.56
N ASP A 226 -7.22 27.31 4.21
CA ASP A 226 -8.27 26.84 5.15
C ASP A 226 -8.00 25.37 5.54
N LYS A 227 -7.59 24.53 4.59
CA LYS A 227 -7.31 23.10 4.90
C LYS A 227 -6.18 23.02 5.95
N TRP A 228 -5.07 23.72 5.72
CA TRP A 228 -3.93 23.66 6.68
C TRP A 228 -4.33 24.20 8.05
N ARG A 229 -5.11 25.27 8.11
CA ARG A 229 -5.58 25.83 9.41
CA ARG A 229 -5.58 25.83 9.41
C ARG A 229 -6.47 24.79 10.10
N SER A 230 -7.35 24.11 9.36
CA SER A 230 -8.29 23.12 9.95
CA SER A 230 -8.29 23.12 9.95
C SER A 230 -7.53 21.89 10.46
N PHE A 231 -6.32 21.66 9.93
CA PHE A 231 -5.43 20.56 10.40
C PHE A 231 -4.50 21.04 11.51
N GLY A 232 -4.63 22.27 11.98
CA GLY A 232 -3.94 22.72 13.21
C GLY A 232 -2.64 23.43 12.96
N PHE A 233 -2.34 23.82 11.72
CA PHE A 233 -1.11 24.55 11.38
C PHE A 233 -1.40 26.05 11.42
N LYS A 234 -0.45 26.82 11.93
CA LYS A 234 -0.40 28.26 11.62
C LYS A 234 -0.10 28.37 10.12
N VAL A 235 -0.78 29.28 9.41
CA VAL A 235 -0.54 29.51 7.97
C VAL A 235 -0.01 30.94 7.79
N ILE A 236 1.11 31.07 7.10
CA ILE A 236 1.65 32.38 6.64
C ILE A 236 1.73 32.36 5.12
N THR A 237 1.16 33.36 4.45
CA THR A 237 1.22 33.46 2.98
CA THR A 237 1.22 33.45 2.97
C THR A 237 2.30 34.46 2.59
N VAL A 238 3.16 34.10 1.66
CA VAL A 238 4.25 34.98 1.18
C VAL A 238 4.32 34.89 -0.35
N ASP A 239 4.94 35.90 -0.94
CA ASP A 239 5.51 35.83 -2.30
C ASP A 239 6.80 35.01 -2.20
N GLY A 240 6.81 33.81 -2.79
CA GLY A 240 7.96 32.87 -2.73
C GLY A 240 9.16 33.32 -3.53
N HIS A 241 9.10 34.50 -4.17
CA HIS A 241 10.26 35.12 -4.87
C HIS A 241 10.68 36.41 -4.15
N ASN A 242 10.12 36.66 -2.97
CA ASN A 242 10.43 37.86 -2.15
C ASN A 242 11.24 37.40 -0.94
N ILE A 243 12.55 37.59 -0.99
CA ILE A 243 13.47 37.01 0.04
C ILE A 243 13.18 37.60 1.41
N PRO A 244 12.99 38.93 1.57
CA PRO A 244 12.62 39.46 2.88
C PRO A 244 11.32 38.87 3.47
N GLU A 245 10.29 38.63 2.63
CA GLU A 245 9.02 38.04 3.12
C GLU A 245 9.28 36.60 3.60
N ILE A 246 10.10 35.84 2.90
CA ILE A 246 10.42 34.44 3.30
C ILE A 246 11.15 34.48 4.65
N ILE A 247 12.16 35.35 4.78
CA ILE A 247 12.91 35.51 6.05
C ILE A 247 11.94 35.84 7.19
N ASN A 248 11.05 36.81 6.98
CA ASN A 248 10.11 37.26 8.03
C ASN A 248 9.16 36.12 8.41
N ALA A 249 8.71 35.33 7.44
CA ALA A 249 7.78 34.20 7.70
C ALA A 249 8.49 33.13 8.54
N ILE A 250 9.75 32.85 8.25
CA ILE A 250 10.52 31.84 9.03
C ILE A 250 10.66 32.35 10.47
N ASP A 251 10.91 33.65 10.68
CA ASP A 251 11.02 34.20 12.06
CA ASP A 251 11.02 34.18 12.06
C ASP A 251 9.68 34.04 12.78
N ALA A 252 8.56 34.32 12.11
CA ALA A 252 7.22 34.20 12.73
C ALA A 252 6.93 32.73 13.08
N ALA A 253 7.31 31.80 12.23
CA ALA A 253 7.17 30.35 12.50
C ALA A 253 7.93 29.99 13.78
N ARG A 254 9.15 30.47 13.91
CA ARG A 254 10.00 30.15 15.11
C ARG A 254 9.29 30.61 16.38
N LEU A 255 8.61 31.75 16.35
CA LEU A 255 7.98 32.34 17.55
C LEU A 255 6.62 31.68 17.85
N HIS A 256 6.06 30.91 16.93
CA HIS A 256 4.76 30.22 17.14
C HIS A 256 5.01 28.88 17.84
N LEU A 257 4.58 28.76 19.09
CA LEU A 257 4.95 27.59 19.93
C LEU A 257 3.83 26.56 20.05
N GLU A 258 2.58 26.87 19.67
CA GLU A 258 1.44 25.93 19.90
C GLU A 258 1.56 24.68 19.01
N GLY A 259 2.26 24.80 17.89
CA GLY A 259 2.39 23.68 16.96
C GLY A 259 3.10 24.13 15.71
N PRO A 260 3.02 23.32 14.62
CA PRO A 260 3.74 23.62 13.40
C PRO A 260 3.14 24.80 12.61
N THR A 261 3.95 25.31 11.70
CA THR A 261 3.58 26.39 10.76
C THR A 261 3.80 25.88 9.34
N ILE A 262 2.92 26.26 8.41
CA ILE A 262 3.22 26.14 6.96
C ILE A 262 3.28 27.54 6.36
N ILE A 263 4.34 27.76 5.60
CA ILE A 263 4.55 28.98 4.77
C ILE A 263 4.07 28.64 3.37
N ILE A 264 2.95 29.24 2.96
CA ILE A 264 2.38 29.04 1.60
C ILE A 264 3.03 30.08 0.71
N ALA A 265 3.96 29.65 -0.13
CA ALA A 265 4.85 30.52 -0.91
C ALA A 265 4.34 30.54 -2.36
N LYS A 266 3.66 31.63 -2.73
CA LYS A 266 3.16 31.78 -4.12
C LYS A 266 4.35 31.98 -5.06
N THR A 267 4.50 31.08 -6.04
CA THR A 267 5.67 31.01 -6.92
C THR A 267 5.23 30.90 -8.37
N VAL A 268 6.20 31.11 -9.24
CA VAL A 268 6.05 30.94 -10.71
C VAL A 268 6.83 29.69 -11.08
N LYS A 269 6.16 28.67 -11.62
CA LYS A 269 6.88 27.47 -12.10
C LYS A 269 7.81 27.93 -13.22
N GLY A 270 9.08 27.54 -13.20
CA GLY A 270 10.05 27.97 -14.21
C GLY A 270 10.57 29.39 -13.97
N LYS A 271 10.33 29.97 -12.80
CA LYS A 271 10.77 31.36 -12.47
C LYS A 271 12.21 31.61 -12.91
N GLY A 272 12.41 32.70 -13.67
CA GLY A 272 13.75 33.18 -14.07
C GLY A 272 14.06 32.91 -15.53
N VAL A 273 13.31 32.00 -16.18
CA VAL A 273 13.52 31.64 -17.61
C VAL A 273 12.22 31.95 -18.36
N SER A 274 12.23 32.97 -19.23
CA SER A 274 11.01 33.54 -19.85
C SER A 274 10.13 32.43 -20.45
N PHE A 275 10.72 31.52 -21.22
CA PHE A 275 9.95 30.52 -22.02
C PHE A 275 9.50 29.34 -21.14
N MET A 276 9.95 29.27 -19.88
CA MET A 276 9.51 28.21 -18.94
C MET A 276 8.44 28.75 -17.99
N GLU A 277 8.33 30.05 -17.78
CA GLU A 277 7.49 30.62 -16.69
C GLU A 277 6.01 30.25 -16.88
N ASN A 278 5.40 29.66 -15.85
CA ASN A 278 3.95 29.31 -15.82
CA ASN A 278 3.95 29.31 -15.82
C ASN A 278 3.61 28.30 -16.93
N ARG A 279 4.55 27.48 -17.38
CA ARG A 279 4.33 26.49 -18.46
CA ARG A 279 4.33 26.49 -18.46
C ARG A 279 4.24 25.08 -17.88
N VAL A 280 3.09 24.43 -18.06
CA VAL A 280 2.85 23.05 -17.56
C VAL A 280 3.94 22.12 -18.15
N GLU A 281 4.31 22.33 -19.41
CA GLU A 281 5.16 21.39 -20.18
C GLU A 281 6.63 21.43 -19.75
N TRP A 282 7.03 22.36 -18.87
CA TRP A 282 8.44 22.42 -18.39
C TRP A 282 8.54 21.78 -17.00
N HIS A 283 7.54 20.99 -16.60
CA HIS A 283 7.59 20.19 -15.36
C HIS A 283 8.80 19.24 -15.39
N GLY A 284 8.94 18.45 -16.46
CA GLY A 284 9.81 17.26 -16.46
C GLY A 284 10.52 17.05 -17.77
N SER A 285 10.74 18.12 -18.55
CA SER A 285 11.42 18.09 -19.86
C SER A 285 12.75 18.81 -19.79
N ALA A 286 13.79 18.25 -20.38
CA ALA A 286 15.16 18.81 -20.37
C ALA A 286 15.31 19.78 -21.53
N PRO A 287 15.87 20.98 -21.32
CA PRO A 287 16.13 21.91 -22.42
C PRO A 287 17.23 21.37 -23.35
N LYS A 288 17.06 21.61 -24.65
CA LYS A 288 18.08 21.32 -25.69
CA LYS A 288 18.08 21.32 -25.69
C LYS A 288 19.18 22.36 -25.59
N PRO A 289 20.37 22.13 -26.18
CA PRO A 289 21.48 23.09 -26.03
C PRO A 289 21.14 24.55 -26.37
N GLU A 290 20.34 24.80 -27.42
CA GLU A 290 19.95 26.18 -27.81
CA GLU A 290 19.94 26.18 -27.81
C GLU A 290 19.10 26.80 -26.69
N GLN A 291 18.24 26.00 -26.05
CA GLN A 291 17.38 26.47 -24.94
C GLN A 291 18.22 26.69 -23.67
N VAL A 292 19.22 25.86 -23.40
CA VAL A 292 20.16 26.09 -22.26
C VAL A 292 20.86 27.43 -22.50
N ALA A 293 21.36 27.68 -23.72
CA ALA A 293 22.10 28.93 -24.03
C ALA A 293 21.20 30.15 -23.81
N GLU A 294 19.95 30.08 -24.29
CA GLU A 294 18.96 31.18 -24.14
C GLU A 294 18.69 31.42 -22.65
N ALA A 295 18.44 30.35 -21.88
CA ALA A 295 18.08 30.45 -20.45
C ALA A 295 19.27 31.04 -19.67
N LEU A 296 20.49 30.57 -19.93
CA LEU A 296 21.70 31.08 -19.23
C LEU A 296 21.93 32.55 -19.58
N SER A 297 21.68 32.96 -20.84
CA SER A 297 21.83 34.37 -21.26
CA SER A 297 21.83 34.38 -21.26
C SER A 297 20.87 35.25 -20.43
N GLU A 298 19.61 34.84 -20.30
CA GLU A 298 18.62 35.60 -19.49
C GLU A 298 19.10 35.69 -18.04
N LEU A 299 19.53 34.56 -17.47
CA LEU A 299 19.95 34.52 -16.04
C LEU A 299 21.23 35.35 -15.86
N GLN A 300 22.14 35.34 -16.84
CA GLN A 300 23.41 36.10 -16.73
C GLN A 300 23.11 37.60 -16.85
N VAL A 301 22.16 38.00 -17.70
CA VAL A 301 21.70 39.41 -17.81
C VAL A 301 21.10 39.83 -16.47
N GLY A 302 20.27 38.95 -15.87
CA GLY A 302 19.73 39.17 -14.51
C GLY A 302 20.84 39.34 -13.48
N ARG A 303 21.89 38.53 -13.56
CA ARG A 303 23.01 38.51 -12.59
C ARG A 303 23.82 39.81 -12.73
N GLU A 304 24.12 40.24 -13.97
CA GLU A 304 24.92 41.46 -14.23
C GLU A 304 24.19 42.67 -13.65
N LYS A 305 22.86 42.68 -13.72
CA LYS A 305 21.99 43.75 -13.17
C LYS A 305 22.09 43.78 -11.64
N LEU A 306 22.28 42.62 -11.00
CA LEU A 306 22.46 42.54 -9.53
C LEU A 306 23.84 43.11 -9.16
N TRP A 307 24.88 42.85 -9.96
CA TRP A 307 26.25 43.39 -9.74
C TRP A 307 26.24 44.92 -9.89
N GLU A 308 25.21 45.48 -10.53
CA GLU A 308 24.99 46.96 -10.68
C GLU A 308 24.49 47.55 -9.36
N GLU A 309 23.81 46.77 -8.52
CA GLU A 309 23.40 47.17 -7.14
C GLU A 309 24.59 47.02 -6.19
N GLY B 31 -0.15 -25.97 26.02
CA GLY B 31 -0.53 -24.65 25.44
C GLY B 31 0.33 -23.52 26.00
N GLY B 32 0.89 -22.70 25.10
CA GLY B 32 1.75 -21.55 25.45
C GLY B 32 1.03 -20.22 25.20
N ILE B 33 1.66 -19.10 25.54
CA ILE B 33 1.05 -17.78 25.28
C ILE B 33 1.15 -17.50 23.78
N ALA B 34 0.34 -16.55 23.32
CA ALA B 34 0.33 -16.08 21.92
C ALA B 34 1.68 -15.41 21.62
N THR B 35 2.12 -15.44 20.38
CA THR B 35 3.35 -14.72 19.99
C THR B 35 3.15 -13.22 20.23
N ARG B 36 1.96 -12.65 20.05
CA ARG B 36 1.77 -11.19 20.33
C ARG B 36 2.02 -10.92 21.81
N GLU B 37 1.65 -11.85 22.71
CA GLU B 37 1.84 -11.64 24.17
CA GLU B 37 1.83 -11.65 24.17
C GLU B 37 3.33 -11.68 24.49
N ALA B 38 4.06 -12.63 23.91
CA ALA B 38 5.52 -12.72 24.11
C ALA B 38 6.18 -11.44 23.56
N TYR B 39 5.70 -10.93 22.42
CA TYR B 39 6.22 -9.67 21.83
C TYR B 39 6.03 -8.51 22.82
N GLY B 40 4.81 -8.33 23.35
CA GLY B 40 4.56 -7.21 24.27
C GLY B 40 5.49 -7.26 25.46
N LYS B 41 5.74 -8.44 26.01
CA LYS B 41 6.65 -8.59 27.18
C LYS B 41 8.08 -8.31 26.76
N ALA B 42 8.52 -8.79 25.59
CA ALA B 42 9.89 -8.57 25.11
C ALA B 42 10.14 -7.07 24.89
N LEU B 43 9.14 -6.33 24.42
CA LEU B 43 9.28 -4.86 24.24
C LEU B 43 9.60 -4.19 25.58
N VAL B 44 8.93 -4.61 26.64
CA VAL B 44 9.17 -4.01 27.98
C VAL B 44 10.61 -4.33 28.39
N GLU B 45 11.04 -5.58 28.21
CA GLU B 45 12.43 -6.00 28.52
C GLU B 45 13.43 -5.10 27.74
N LEU B 46 13.19 -4.86 26.46
CA LEU B 46 14.05 -3.98 25.63
C LEU B 46 14.01 -2.57 26.20
N GLY B 47 12.84 -2.05 26.57
CA GLY B 47 12.72 -0.68 27.06
C GLY B 47 13.53 -0.49 28.34
N GLN B 48 13.60 -1.54 29.16
CA GLN B 48 14.35 -1.46 30.45
C GLN B 48 15.84 -1.35 30.20
N GLU B 49 16.36 -1.88 29.08
CA GLU B 49 17.83 -2.05 28.89
CA GLU B 49 17.82 -2.08 28.87
C GLU B 49 18.34 -1.23 27.70
N ASN B 50 17.45 -0.55 26.95
CA ASN B 50 17.87 0.12 25.69
C ASN B 50 17.13 1.44 25.57
N PRO B 51 17.80 2.57 25.86
CA PRO B 51 17.13 3.87 25.89
CA PRO B 51 17.09 3.85 25.89
C PRO B 51 16.67 4.37 24.50
N LYS B 52 17.17 3.76 23.43
CA LYS B 52 16.90 4.21 22.04
CA LYS B 52 16.88 4.24 22.06
C LYS B 52 15.58 3.61 21.52
N ILE B 53 15.05 2.58 22.18
CA ILE B 53 13.81 1.91 21.70
C ILE B 53 12.63 2.86 21.83
N VAL B 54 11.86 3.02 20.75
CA VAL B 54 10.55 3.72 20.80
C VAL B 54 9.54 2.82 20.10
N VAL B 55 8.29 2.95 20.46
CA VAL B 55 7.22 2.04 19.97
C VAL B 55 6.07 2.89 19.44
N LEU B 56 5.56 2.50 18.28
CA LEU B 56 4.43 3.18 17.62
C LEU B 56 3.31 2.19 17.33
N ASP B 57 2.08 2.67 17.32
CA ASP B 57 0.92 1.85 16.94
C ASP B 57 -0.05 2.72 16.15
N ALA B 58 -1.10 2.08 15.65
CA ALA B 58 -2.12 2.74 14.82
C ALA B 58 -3.51 2.36 15.34
N ASP B 59 -3.82 2.79 16.58
CA ASP B 59 -5.08 2.53 17.31
C ASP B 59 -5.33 1.03 17.48
N LEU B 60 -4.28 0.20 17.59
CA LEU B 60 -4.47 -1.24 17.88
C LEU B 60 -3.53 -1.68 19.02
N SER B 61 -3.07 -0.75 19.85
CA SER B 61 -2.14 -1.06 20.96
C SER B 61 -2.72 -2.14 21.90
N LYS B 62 -4.00 -2.05 22.19
CA LYS B 62 -4.74 -3.03 23.02
C LYS B 62 -4.58 -4.44 22.46
N SER B 63 -4.57 -4.55 21.14
CA SER B 63 -4.63 -5.85 20.42
C SER B 63 -3.25 -6.35 20.02
N THR B 64 -2.33 -5.48 19.59
CA THR B 64 -0.95 -5.88 19.21
C THR B 64 -0.12 -6.22 20.44
N LYS B 65 -0.52 -5.68 21.60
CA LYS B 65 0.21 -5.80 22.90
C LYS B 65 1.39 -4.82 22.96
N THR B 66 1.47 -3.80 22.10
CA THR B 66 2.34 -2.64 22.41
C THR B 66 1.84 -1.94 23.68
N SER B 67 0.63 -2.25 24.13
CA SER B 67 0.04 -1.65 25.35
C SER B 67 0.96 -1.92 26.55
N ASP B 68 1.69 -3.03 26.61
CA ASP B 68 2.57 -3.28 27.78
C ASP B 68 3.67 -2.22 27.82
N PHE B 69 4.32 -1.94 26.71
CA PHE B 69 5.35 -0.88 26.59
C PHE B 69 4.71 0.49 26.84
N ALA B 70 3.52 0.73 26.27
CA ALA B 70 2.82 2.03 26.44
C ALA B 70 2.63 2.32 27.94
N LYS B 71 2.34 1.30 28.74
CA LYS B 71 2.11 1.49 30.20
CA LYS B 71 2.11 1.48 30.21
C LYS B 71 3.46 1.70 30.92
N ALA B 72 4.50 0.97 30.53
CA ALA B 72 5.80 0.99 31.22
C ALA B 72 6.61 2.23 30.86
N PHE B 73 6.56 2.67 29.60
CA PHE B 73 7.40 3.76 29.03
C PHE B 73 6.52 4.65 28.18
N PRO B 74 5.47 5.31 28.74
CA PRO B 74 4.61 6.18 27.94
C PRO B 74 5.38 7.27 27.18
N GLU B 75 6.48 7.77 27.73
CA GLU B 75 7.33 8.82 27.13
C GLU B 75 7.91 8.38 25.78
N ARG B 76 8.03 7.06 25.52
CA ARG B 76 8.64 6.53 24.29
C ARG B 76 7.61 5.80 23.44
N PHE B 77 6.34 5.98 23.73
CA PHE B 77 5.23 5.34 22.98
C PHE B 77 4.43 6.40 22.23
N PHE B 78 4.18 6.16 20.94
CA PHE B 78 3.50 7.13 20.04
C PHE B 78 2.36 6.43 19.29
N ASN B 79 1.13 6.69 19.67
CA ASN B 79 -0.05 6.22 18.92
C ASN B 79 -0.23 7.16 17.73
N MET B 80 -0.30 6.60 16.53
CA MET B 80 -0.43 7.42 15.30
C MET B 80 -1.89 7.46 14.84
N GLY B 81 -2.82 6.87 15.58
CA GLY B 81 -4.20 6.74 15.10
C GLY B 81 -4.28 5.81 13.89
N ILE B 82 -5.43 5.85 13.20
CA ILE B 82 -5.72 4.85 12.14
C ILE B 82 -5.13 5.37 10.83
N ALA B 83 -3.82 5.22 10.69
CA ALA B 83 -3.02 5.98 9.70
C ALA B 83 -1.73 5.21 9.44
N GLU B 84 -1.83 4.07 8.76
CA GLU B 84 -0.68 3.14 8.66
C GLU B 84 0.41 3.69 7.75
N GLN B 85 0.09 4.45 6.70
CA GLN B 85 1.16 5.04 5.86
CA GLN B 85 1.11 5.10 5.84
C GLN B 85 2.00 5.98 6.73
N ASN B 86 1.36 6.86 7.48
CA ASN B 86 2.10 7.82 8.32
C ASN B 86 2.79 7.09 9.48
N LEU B 87 2.22 6.01 10.00
CA LEU B 87 2.90 5.19 11.03
C LEU B 87 4.30 4.85 10.55
N MET B 88 4.43 4.34 9.33
CA MET B 88 5.74 3.88 8.84
C MET B 88 6.64 5.04 8.43
N GLY B 89 6.08 6.14 7.90
CA GLY B 89 6.92 7.30 7.59
C GLY B 89 7.48 7.96 8.84
N VAL B 90 6.66 8.07 9.88
CA VAL B 90 7.11 8.66 11.16
C VAL B 90 8.16 7.73 11.78
N ALA B 91 7.97 6.41 11.71
CA ALA B 91 9.01 5.47 12.21
C ALA B 91 10.32 5.70 11.46
N ALA B 92 10.27 5.82 10.12
CA ALA B 92 11.47 6.08 9.31
C ALA B 92 12.16 7.36 9.83
N GLY B 93 11.41 8.45 9.99
CA GLY B 93 12.03 9.70 10.45
C GLY B 93 12.64 9.57 11.84
N LEU B 94 11.95 8.90 12.75
CA LEU B 94 12.51 8.67 14.13
C LEU B 94 13.83 7.92 14.04
N SER B 95 13.96 6.96 13.13
CA SER B 95 15.19 6.15 13.02
C SER B 95 16.38 7.02 12.61
N THR B 96 16.17 8.18 11.97
CA THR B 96 17.26 9.07 11.54
C THR B 96 17.69 10.01 12.68
N VAL B 97 17.00 10.01 13.80
CA VAL B 97 17.35 10.82 15.02
CA VAL B 97 17.42 10.83 14.96
C VAL B 97 17.84 9.90 16.12
N GLY B 98 18.35 8.72 15.76
CA GLY B 98 19.06 7.81 16.68
C GLY B 98 18.12 6.96 17.51
N LYS B 99 16.85 6.86 17.14
CA LYS B 99 15.89 5.94 17.82
C LYS B 99 15.84 4.62 17.06
N ILE B 100 15.45 3.55 17.74
CA ILE B 100 15.19 2.20 17.16
C ILE B 100 13.69 2.00 17.29
N PRO B 101 12.91 2.34 16.25
CA PRO B 101 11.45 2.21 16.36
C PRO B 101 10.93 0.81 16.03
N PHE B 102 10.02 0.35 16.87
CA PHE B 102 9.13 -0.81 16.62
C PHE B 102 7.76 -0.25 16.28
N ALA B 103 7.28 -0.51 15.07
CA ALA B 103 5.96 -0.04 14.59
C ALA B 103 5.01 -1.23 14.45
N SER B 104 3.83 -1.14 15.04
CA SER B 104 2.87 -2.27 15.08
C SER B 104 1.50 -1.86 14.58
N THR B 105 0.84 -2.85 13.97
CA THR B 105 -0.58 -2.90 13.59
C THR B 105 -0.82 -4.33 13.12
N PHE B 106 -2.00 -4.63 12.59
CA PHE B 106 -2.27 -5.98 12.04
C PHE B 106 -1.50 -6.13 10.72
N ALA B 107 -1.06 -7.34 10.42
CA ALA B 107 -0.24 -7.65 9.24
C ALA B 107 -0.87 -7.15 7.93
N VAL B 108 -2.17 -7.28 7.74
CA VAL B 108 -2.78 -6.85 6.46
CA VAL B 108 -2.82 -6.82 6.48
C VAL B 108 -2.52 -5.34 6.28
N PHE B 109 -2.58 -4.56 7.35
CA PHE B 109 -2.44 -3.10 7.25
C PHE B 109 -0.97 -2.71 7.25
N ALA B 110 -0.13 -3.39 8.04
CA ALA B 110 1.30 -3.06 8.14
C ALA B 110 1.97 -3.34 6.80
N ALA B 111 1.84 -4.56 6.29
CA ALA B 111 2.55 -4.98 5.06
C ALA B 111 1.89 -4.34 3.83
N GLY B 112 0.56 -4.20 3.84
CA GLY B 112 -0.21 -3.85 2.63
C GLY B 112 -0.50 -2.37 2.56
N ARG B 113 -1.19 -1.80 3.54
CA ARG B 113 -1.61 -0.38 3.45
CA ARG B 113 -1.60 -0.39 3.46
C ARG B 113 -0.35 0.51 3.38
N ALA B 114 0.71 0.13 4.08
CA ALA B 114 1.96 0.94 4.12
C ALA B 114 3.06 0.36 3.24
N PHE B 115 2.79 -0.62 2.37
CA PHE B 115 3.83 -1.28 1.57
C PHE B 115 4.81 -0.28 0.97
N GLU B 116 4.31 0.71 0.21
CA GLU B 116 5.21 1.54 -0.61
C GLU B 116 5.99 2.56 0.24
N ILE B 117 5.51 2.85 1.45
CA ILE B 117 6.26 3.67 2.43
C ILE B 117 7.39 2.81 2.99
N ILE B 118 7.10 1.58 3.36
CA ILE B 118 8.15 0.62 3.78
C ILE B 118 9.19 0.50 2.65
N ARG B 119 8.74 0.40 1.41
CA ARG B 119 9.65 0.23 0.26
C ARG B 119 10.57 1.45 0.13
N ASN B 120 10.00 2.63 -0.02
CA ASN B 120 10.76 3.81 -0.53
C ASN B 120 11.32 4.68 0.61
N SER B 121 10.75 4.63 1.83
CA SER B 121 11.30 5.41 2.98
C SER B 121 12.06 4.52 3.96
N ILE B 122 11.94 3.19 3.90
CA ILE B 122 12.64 2.31 4.89
C ILE B 122 13.63 1.40 4.18
N CYS B 123 13.19 0.59 3.21
CA CYS B 123 14.07 -0.43 2.60
C CYS B 123 15.09 0.20 1.67
N TYR B 124 14.69 1.11 0.79
CA TYR B 124 15.66 1.71 -0.16
C TYR B 124 16.79 2.40 0.59
N PRO B 125 16.51 3.29 1.57
CA PRO B 125 17.59 3.90 2.37
C PRO B 125 18.18 3.01 3.48
N LYS B 126 17.69 1.77 3.62
CA LYS B 126 18.16 0.78 4.62
CA LYS B 126 18.12 0.77 4.62
C LYS B 126 18.09 1.38 6.03
N LEU B 127 16.94 1.92 6.41
CA LEU B 127 16.78 2.54 7.74
C LEU B 127 16.45 1.48 8.79
N ASN B 128 16.75 1.82 10.04
CA ASN B 128 16.75 0.88 11.16
C ASN B 128 15.37 0.82 11.81
N VAL B 129 14.36 0.40 11.06
CA VAL B 129 12.96 0.29 11.51
C VAL B 129 12.56 -1.18 11.65
N LYS B 130 11.90 -1.51 12.75
CA LYS B 130 11.39 -2.86 13.03
C LYS B 130 9.88 -2.83 12.94
N ILE B 131 9.31 -3.65 12.09
CA ILE B 131 7.84 -3.76 11.91
CA ILE B 131 7.84 -3.75 11.90
C ILE B 131 7.39 -5.05 12.58
N ALA B 132 6.59 -4.95 13.61
CA ALA B 132 6.08 -6.12 14.35
C ALA B 132 4.58 -6.15 14.14
N ALA B 133 4.14 -7.01 13.23
CA ALA B 133 2.75 -7.02 12.73
C ALA B 133 2.03 -8.24 13.29
N THR B 134 0.92 -8.04 13.97
CA THR B 134 0.20 -9.12 14.67
C THR B 134 -0.99 -9.60 13.82
N HIS B 135 -1.71 -10.60 14.32
CA HIS B 135 -2.99 -11.02 13.71
C HIS B 135 -2.76 -11.40 12.26
N ALA B 136 -1.68 -12.13 11.98
CA ALA B 136 -1.45 -12.69 10.63
C ALA B 136 -2.21 -14.01 10.48
N GLY B 137 -2.52 -14.38 9.24
CA GLY B 137 -3.07 -15.71 8.92
C GLY B 137 -4.54 -15.83 9.18
N LEU B 138 -5.03 -17.06 9.19
CA LEU B 138 -6.46 -17.38 9.40
C LEU B 138 -6.81 -17.37 10.89
N THR B 139 -5.84 -17.52 11.77
CA THR B 139 -6.11 -17.66 13.24
C THR B 139 -6.60 -16.32 13.82
N VAL B 140 -6.67 -15.26 13.00
CA VAL B 140 -7.45 -14.05 13.33
C VAL B 140 -8.89 -14.44 13.68
N GLY B 141 -9.48 -15.37 12.95
CA GLY B 141 -10.84 -15.87 13.24
C GLY B 141 -11.95 -14.97 12.73
N GLU B 142 -12.85 -14.56 13.61
CA GLU B 142 -14.21 -14.11 13.21
C GLU B 142 -14.22 -12.76 12.48
N ASP B 143 -13.18 -11.92 12.59
CA ASP B 143 -13.12 -10.67 11.79
C ASP B 143 -13.15 -11.01 10.29
N GLY B 144 -12.64 -12.17 9.89
CA GLY B 144 -12.82 -12.68 8.52
C GLY B 144 -11.82 -12.12 7.51
N ALA B 145 -12.18 -12.22 6.24
CA ALA B 145 -11.22 -12.18 5.12
C ALA B 145 -10.40 -10.88 5.07
N SER B 146 -11.00 -9.71 5.32
CA SER B 146 -10.31 -8.40 5.18
C SER B 146 -9.12 -8.32 6.16
N HIS B 147 -9.18 -9.08 7.25
CA HIS B 147 -8.20 -8.99 8.36
C HIS B 147 -7.24 -10.18 8.38
N GLN B 148 -7.49 -11.22 7.59
CA GLN B 148 -6.68 -12.46 7.60
C GLN B 148 -5.54 -12.33 6.58
N ALA B 149 -4.34 -11.96 7.05
CA ALA B 149 -3.19 -11.75 6.14
C ALA B 149 -2.71 -13.10 5.60
N ILE B 150 -2.85 -13.31 4.30
CA ILE B 150 -2.33 -14.51 3.60
C ILE B 150 -1.28 -14.13 2.57
N GLU B 151 -0.88 -12.85 2.53
CA GLU B 151 0.04 -12.30 1.50
C GLU B 151 1.25 -11.59 2.08
N ASP B 152 1.28 -11.38 3.39
CA ASP B 152 2.26 -10.44 4.00
C ASP B 152 3.69 -10.96 3.81
N LEU B 153 3.91 -12.27 3.87
CA LEU B 153 5.28 -12.80 3.69
C LEU B 153 5.74 -12.62 2.26
N ALA B 154 4.85 -12.75 1.27
CA ALA B 154 5.23 -12.50 -0.12
C ALA B 154 5.64 -11.04 -0.32
N LEU B 155 4.91 -10.11 0.29
CA LEU B 155 5.22 -8.67 0.16
C LEU B 155 6.55 -8.33 0.84
N MET B 156 6.77 -8.84 2.05
CA MET B 156 7.99 -8.45 2.78
C MET B 156 9.21 -9.18 2.21
N ARG B 157 9.07 -10.40 1.70
CA ARG B 157 10.20 -11.20 1.15
CA ARG B 157 10.28 -11.12 1.23
C ARG B 157 10.74 -10.57 -0.14
N VAL B 158 9.89 -9.90 -0.91
CA VAL B 158 10.36 -9.31 -2.19
C VAL B 158 11.10 -7.98 -1.98
N LEU B 159 11.07 -7.39 -0.78
CA LEU B 159 11.74 -6.09 -0.58
C LEU B 159 13.24 -6.28 -0.36
N PRO B 160 14.09 -5.67 -1.22
CA PRO B 160 15.51 -5.63 -0.93
C PRO B 160 15.73 -4.98 0.43
N ASN B 161 16.71 -5.53 1.17
CA ASN B 161 17.20 -5.05 2.48
C ASN B 161 16.25 -5.41 3.60
N MET B 162 15.09 -6.01 3.35
CA MET B 162 14.18 -6.45 4.43
C MET B 162 14.61 -7.85 4.93
N GLN B 163 14.65 -8.02 6.24
CA GLN B 163 14.76 -9.36 6.87
C GLN B 163 13.38 -9.72 7.41
N VAL B 164 13.01 -10.99 7.27
CA VAL B 164 11.64 -11.47 7.54
C VAL B 164 11.76 -12.64 8.51
N PHE B 165 11.23 -12.46 9.71
CA PHE B 165 11.34 -13.44 10.82
C PHE B 165 9.95 -13.80 11.30
N VAL B 166 9.69 -15.11 11.43
CA VAL B 166 8.34 -15.64 11.72
C VAL B 166 8.42 -16.60 12.90
N PRO B 167 8.28 -16.12 14.16
CA PRO B 167 8.42 -17.00 15.32
CA PRO B 167 8.41 -16.99 15.32
C PRO B 167 7.34 -18.09 15.40
N ALA B 168 7.74 -19.25 15.92
CA ALA B 168 6.83 -20.40 16.11
C ALA B 168 6.04 -20.26 17.42
N ASP B 169 6.68 -19.76 18.47
CA ASP B 169 6.11 -19.84 19.84
C ASP B 169 6.63 -18.67 20.67
N ALA B 170 6.32 -18.65 21.96
CA ALA B 170 6.70 -17.53 22.84
C ALA B 170 8.23 -17.45 22.98
N ALA B 171 8.91 -18.56 23.24
CA ALA B 171 10.37 -18.52 23.46
C ALA B 171 11.09 -17.97 22.22
N GLN B 172 10.72 -18.45 21.04
CA GLN B 172 11.40 -17.97 19.82
C GLN B 172 10.98 -16.52 19.53
N THR B 173 9.76 -16.12 19.88
CA THR B 173 9.35 -14.70 19.71
C THR B 173 10.30 -13.79 20.51
N ARG B 174 10.53 -14.11 21.78
CA ARG B 174 11.40 -13.29 22.64
C ARG B 174 12.79 -13.19 22.01
N ALA B 175 13.36 -14.31 21.54
CA ALA B 175 14.71 -14.31 20.94
C ALA B 175 14.73 -13.47 19.66
N ILE B 176 13.69 -13.55 18.83
CA ILE B 176 13.63 -12.81 17.54
C ILE B 176 13.47 -11.31 17.81
N VAL B 177 12.60 -10.94 18.75
CA VAL B 177 12.40 -9.49 19.05
C VAL B 177 13.69 -8.88 19.56
N LYS B 178 14.40 -9.58 20.45
CA LYS B 178 15.68 -9.05 20.99
C LYS B 178 16.71 -8.96 19.86
N LYS B 179 16.80 -9.97 18.99
CA LYS B 179 17.76 -9.94 17.87
CA LYS B 179 17.77 -9.95 17.87
C LYS B 179 17.44 -8.80 16.91
N ALA B 180 16.16 -8.58 16.60
CA ALA B 180 15.74 -7.51 15.69
C ALA B 180 16.25 -6.16 16.21
N ALA B 181 16.24 -5.93 17.53
CA ALA B 181 16.68 -4.66 18.13
C ALA B 181 18.20 -4.50 18.02
N GLU B 182 18.96 -5.59 17.93
CA GLU B 182 20.45 -5.62 17.91
CA GLU B 182 20.44 -5.58 17.91
C GLU B 182 20.94 -5.40 16.47
N ILE B 183 20.23 -5.96 15.50
CA ILE B 183 20.49 -5.95 14.02
CA ILE B 183 20.79 -5.90 14.13
C ILE B 183 20.42 -4.53 13.51
N GLU B 184 21.25 -4.14 12.55
CA GLU B 184 21.11 -2.86 11.81
CA GLU B 184 21.08 -2.85 11.83
C GLU B 184 20.24 -3.10 10.57
N GLY B 185 19.13 -2.36 10.45
CA GLY B 185 18.37 -2.35 9.19
C GLY B 185 16.95 -2.83 9.38
N PRO B 186 16.20 -2.83 8.26
CA PRO B 186 14.77 -3.15 8.31
C PRO B 186 14.50 -4.61 8.68
N VAL B 187 13.52 -4.82 9.55
CA VAL B 187 13.09 -6.17 10.00
C VAL B 187 11.58 -6.20 10.05
N TYR B 188 10.99 -7.28 9.55
CA TYR B 188 9.56 -7.61 9.69
C TYR B 188 9.43 -8.85 10.56
N ILE B 189 8.71 -8.71 11.66
CA ILE B 189 8.39 -9.80 12.60
C ILE B 189 6.91 -10.11 12.48
N ARG B 190 6.58 -11.33 12.05
CA ARG B 190 5.17 -11.75 11.86
C ARG B 190 4.67 -12.41 13.14
N LEU B 191 3.56 -11.93 13.68
CA LEU B 191 2.99 -12.39 14.97
C LEU B 191 1.53 -12.78 14.79
N GLY B 192 0.97 -13.40 15.81
N GLY B 192 0.95 -13.37 15.83
CA GLY B 192 -0.38 -14.00 15.74
CA GLY B 192 -0.37 -14.02 15.77
C GLY B 192 -1.22 -13.67 16.95
C GLY B 192 -1.42 -13.32 16.61
N ARG B 193 -2.49 -14.04 16.89
CA ARG B 193 -3.55 -13.60 17.84
C ARG B 193 -3.59 -14.56 19.01
N SER B 194 -3.63 -15.87 18.74
CA SER B 194 -4.08 -16.92 19.67
CA SER B 194 -4.08 -16.87 19.74
C SER B 194 -2.89 -17.62 20.35
N GLY B 195 -3.11 -18.19 21.53
CA GLY B 195 -2.11 -19.06 22.18
C GLY B 195 -1.68 -20.18 21.25
N VAL B 196 -0.39 -20.54 21.28
CA VAL B 196 0.21 -21.60 20.42
C VAL B 196 1.06 -22.51 21.30
N PRO B 197 1.22 -23.78 20.91
CA PRO B 197 2.01 -24.72 21.71
C PRO B 197 3.49 -24.36 21.78
N GLU B 198 4.13 -24.73 22.89
CA GLU B 198 5.60 -24.64 23.07
CA GLU B 198 5.59 -24.63 23.07
C GLU B 198 6.29 -25.54 22.04
N VAL B 199 7.33 -25.02 21.40
CA VAL B 199 8.20 -25.76 20.45
C VAL B 199 9.66 -25.69 20.93
N PHE B 200 10.12 -24.49 21.28
CA PHE B 200 11.52 -24.20 21.63
C PHE B 200 11.66 -24.09 23.15
N SER B 201 12.87 -24.39 23.62
CA SER B 201 13.21 -24.30 25.06
CA SER B 201 13.26 -24.30 25.05
C SER B 201 13.56 -22.85 25.41
N PRO B 202 13.55 -22.49 26.71
CA PRO B 202 13.90 -21.13 27.11
C PRO B 202 15.33 -20.70 26.73
N ASP B 203 16.19 -21.66 26.36
CA ASP B 203 17.60 -21.46 25.98
CA ASP B 203 17.60 -21.29 26.01
C ASP B 203 17.75 -21.11 24.49
N ILE B 204 16.64 -21.03 23.75
CA ILE B 204 16.72 -20.84 22.26
C ILE B 204 17.59 -19.61 21.94
N ARG B 205 18.48 -19.78 20.97
CA ARG B 205 19.30 -18.72 20.37
CA ARG B 205 19.29 -18.70 20.37
C ARG B 205 18.86 -18.53 18.91
N PHE B 206 18.46 -17.32 18.53
CA PHE B 206 18.02 -17.02 17.14
C PHE B 206 19.19 -16.41 16.37
N GLU B 207 19.50 -16.97 15.20
CA GLU B 207 20.55 -16.45 14.29
CA GLU B 207 20.55 -16.45 14.29
C GLU B 207 19.94 -16.25 12.90
N PRO B 208 19.85 -15.00 12.40
CA PRO B 208 19.36 -14.76 11.05
C PRO B 208 20.16 -15.60 10.05
N GLY B 209 19.44 -16.26 9.14
CA GLY B 209 20.02 -17.14 8.12
C GLY B 209 20.22 -18.57 8.56
N ARG B 210 19.81 -18.91 9.80
CA ARG B 210 19.95 -20.29 10.32
CA ARG B 210 19.96 -20.29 10.33
C ARG B 210 18.57 -20.83 10.72
N GLY B 211 18.23 -21.99 10.17
CA GLY B 211 17.06 -22.78 10.58
C GLY B 211 17.45 -23.79 11.63
N THR B 212 16.50 -24.60 12.07
CA THR B 212 16.72 -25.55 13.17
C THR B 212 16.14 -26.91 12.81
N VAL B 213 16.94 -27.95 12.92
CA VAL B 213 16.43 -29.35 12.83
C VAL B 213 15.83 -29.71 14.19
N LEU B 214 14.52 -29.93 14.24
CA LEU B 214 13.79 -30.27 15.49
C LEU B 214 13.58 -31.78 15.60
N LYS B 215 13.69 -32.50 14.49
CA LYS B 215 13.56 -33.98 14.44
C LYS B 215 14.31 -34.49 13.23
N GLU B 216 15.00 -35.64 13.35
CA GLU B 216 15.69 -36.27 12.20
C GLU B 216 14.78 -37.35 11.60
N GLY B 217 14.93 -37.58 10.31
CA GLY B 217 14.23 -38.66 9.58
C GLY B 217 14.76 -38.76 8.17
N LYS B 218 14.82 -39.97 7.61
CA LYS B 218 15.43 -40.25 6.29
CA LYS B 218 15.44 -40.23 6.29
C LYS B 218 14.42 -40.11 5.14
N ASP B 219 13.11 -40.15 5.40
CA ASP B 219 12.13 -40.38 4.30
C ASP B 219 11.71 -39.07 3.62
N VAL B 220 11.60 -37.99 4.38
CA VAL B 220 11.01 -36.72 3.91
C VAL B 220 11.43 -35.63 4.89
N THR B 221 11.47 -34.38 4.42
CA THR B 221 11.67 -33.20 5.29
C THR B 221 10.40 -32.35 5.27
N ILE B 222 9.90 -32.01 6.44
CA ILE B 222 8.82 -30.99 6.59
C ILE B 222 9.52 -29.70 7.03
N VAL B 223 9.43 -28.67 6.21
CA VAL B 223 9.96 -27.30 6.52
C VAL B 223 8.75 -26.46 6.90
N ALA B 224 8.77 -25.82 8.06
CA ALA B 224 7.61 -25.07 8.54
C ALA B 224 8.04 -23.78 9.22
N LEU B 225 7.11 -22.87 9.39
CA LEU B 225 7.33 -21.69 10.26
C LEU B 225 5.99 -21.28 10.88
N GLY B 226 6.06 -20.40 11.86
CA GLY B 226 4.87 -19.88 12.53
C GLY B 226 4.11 -20.98 13.23
N ILE B 227 2.78 -20.97 13.15
CA ILE B 227 1.94 -21.96 13.86
C ILE B 227 2.16 -23.37 13.28
N MET B 228 2.72 -23.48 12.10
CA MET B 228 2.80 -24.78 11.41
C MET B 228 3.95 -25.62 11.98
N THR B 229 4.93 -25.04 12.67
CA THR B 229 6.06 -25.86 13.17
C THR B 229 5.55 -26.90 14.18
N ALA B 230 4.71 -26.50 15.13
CA ALA B 230 4.15 -27.46 16.12
C ALA B 230 3.32 -28.51 15.39
N LYS B 231 2.58 -28.11 14.35
CA LYS B 231 1.74 -29.06 13.59
C LYS B 231 2.63 -30.03 12.80
N ALA B 232 3.79 -29.60 12.31
CA ALA B 232 4.75 -30.46 11.60
C ALA B 232 5.27 -31.52 12.57
N LEU B 233 5.57 -31.15 13.80
CA LEU B 233 6.03 -32.13 14.82
C LEU B 233 4.91 -33.12 15.13
N GLU B 234 3.66 -32.68 15.23
CA GLU B 234 2.51 -33.59 15.45
CA GLU B 234 2.52 -33.59 15.45
C GLU B 234 2.37 -34.51 14.23
N ALA B 235 2.47 -33.99 13.02
CA ALA B 235 2.41 -34.80 11.79
C ALA B 235 3.54 -35.83 11.83
N ALA B 236 4.75 -35.47 12.25
CA ALA B 236 5.89 -36.41 12.24
C ALA B 236 5.62 -37.55 13.23
N LYS B 237 4.94 -37.29 14.36
CA LYS B 237 4.53 -38.38 15.29
C LYS B 237 3.52 -39.29 14.61
N MET B 238 2.52 -38.73 13.92
CA MET B 238 1.52 -39.53 13.16
C MET B 238 2.22 -40.37 12.08
N LEU B 239 3.21 -39.81 11.39
CA LEU B 239 3.92 -40.51 10.31
C LEU B 239 4.75 -41.65 10.89
N GLU B 240 5.41 -41.45 12.03
CA GLU B 240 6.25 -42.49 12.68
CA GLU B 240 6.25 -42.49 12.66
C GLU B 240 5.36 -43.72 12.94
N ALA B 241 4.10 -43.48 13.31
CA ALA B 241 3.13 -44.55 13.62
C ALA B 241 2.79 -45.38 12.36
N GLU B 242 3.04 -44.87 11.14
CA GLU B 242 2.81 -45.61 9.87
CA GLU B 242 2.82 -45.64 9.88
C GLU B 242 4.16 -45.87 9.17
N GLY B 243 5.25 -45.86 9.92
CA GLY B 243 6.58 -46.29 9.43
C GLY B 243 7.29 -45.29 8.55
N ILE B 244 6.91 -44.00 8.62
CA ILE B 244 7.58 -42.90 7.86
CA ILE B 244 7.57 -42.90 7.86
C ILE B 244 8.35 -42.02 8.84
N ALA B 245 9.66 -41.85 8.58
CA ALA B 245 10.56 -41.02 9.39
C ALA B 245 10.73 -39.64 8.74
N ALA B 246 10.09 -38.63 9.32
CA ALA B 246 10.16 -37.24 8.78
C ALA B 246 11.20 -36.44 9.57
N ARG B 247 12.10 -35.79 8.85
CA ARG B 247 12.88 -34.66 9.38
C ARG B 247 11.92 -33.47 9.52
N VAL B 248 12.05 -32.70 10.60
CA VAL B 248 11.28 -31.44 10.75
C VAL B 248 12.27 -30.29 10.92
N VAL B 249 12.14 -29.29 10.07
CA VAL B 249 12.99 -28.06 10.07
C VAL B 249 12.10 -26.86 10.36
N ASP B 250 12.43 -26.08 11.39
CA ASP B 250 11.85 -24.74 11.58
C ASP B 250 12.66 -23.71 10.79
N MET B 251 11.96 -22.86 10.02
CA MET B 251 12.61 -21.81 9.21
C MET B 251 11.99 -20.45 9.56
N ALA B 252 11.97 -20.10 10.85
CA ALA B 252 11.56 -18.75 11.29
C ALA B 252 12.31 -17.68 10.48
N SER B 253 13.59 -17.90 10.19
CA SER B 253 14.39 -17.00 9.33
C SER B 253 13.99 -17.21 7.87
N LEU B 254 12.91 -16.58 7.43
CA LEU B 254 12.43 -16.73 6.03
C LEU B 254 13.33 -15.93 5.08
N LYS B 255 13.85 -14.78 5.52
CA LYS B 255 14.78 -13.96 4.72
C LYS B 255 15.76 -13.30 5.69
N PRO B 256 17.08 -13.59 5.64
CA PRO B 256 17.69 -14.57 4.73
C PRO B 256 17.35 -16.02 5.11
N ILE B 257 17.02 -16.83 4.10
CA ILE B 257 16.67 -18.25 4.32
C ILE B 257 17.95 -19.06 4.51
N ASP B 258 17.85 -20.20 5.22
CA ASP B 258 19.01 -21.11 5.44
C ASP B 258 19.13 -22.03 4.22
N ARG B 259 19.77 -21.55 3.17
CA ARG B 259 19.94 -22.29 1.90
C ARG B 259 20.66 -23.59 2.18
N GLU B 260 21.73 -23.55 2.99
CA GLU B 260 22.58 -24.74 3.21
C GLU B 260 21.74 -25.83 3.88
N LEU B 261 20.90 -25.48 4.86
CA LEU B 261 20.09 -26.48 5.58
C LEU B 261 19.04 -27.05 4.62
N LEU B 262 18.48 -26.24 3.72
CA LEU B 262 17.50 -26.78 2.75
C LEU B 262 18.19 -27.80 1.85
N VAL B 263 19.37 -27.49 1.34
CA VAL B 263 20.10 -28.42 0.42
C VAL B 263 20.49 -29.68 1.19
N GLU B 264 21.01 -29.55 2.41
CA GLU B 264 21.37 -30.72 3.27
CA GLU B 264 21.36 -30.71 3.26
C GLU B 264 20.13 -31.61 3.41
N SER B 265 18.99 -31.02 3.74
CA SER B 265 17.73 -31.76 3.95
C SER B 265 17.33 -32.46 2.65
N ALA B 266 17.41 -31.78 1.51
CA ALA B 266 17.05 -32.34 0.19
C ALA B 266 17.97 -33.52 -0.11
N ARG B 267 19.26 -33.42 0.19
CA ARG B 267 20.22 -34.52 -0.13
C ARG B 267 19.92 -35.72 0.77
N LEU B 268 19.57 -35.50 2.03
CA LEU B 268 19.34 -36.60 2.99
C LEU B 268 18.02 -37.32 2.71
N THR B 269 16.98 -36.60 2.26
CA THR B 269 15.59 -37.11 2.27
C THR B 269 14.95 -37.17 0.88
N GLY B 270 15.37 -36.36 -0.10
CA GLY B 270 14.88 -36.42 -1.48
C GLY B 270 13.44 -35.94 -1.68
N ALA B 271 12.81 -35.37 -0.66
CA ALA B 271 11.43 -34.87 -0.79
C ALA B 271 11.13 -33.90 0.34
N VAL B 272 10.44 -32.80 0.00
CA VAL B 272 10.11 -31.73 0.99
C VAL B 272 8.61 -31.45 0.95
N VAL B 273 8.04 -31.27 2.12
CA VAL B 273 6.75 -30.59 2.33
C VAL B 273 7.02 -29.26 3.04
N THR B 274 6.48 -28.17 2.53
CA THR B 274 6.52 -26.88 3.24
C THR B 274 5.14 -26.63 3.86
N ALA B 275 5.11 -25.96 5.00
CA ALA B 275 3.85 -25.72 5.72
C ALA B 275 3.85 -24.30 6.29
N GLU B 276 2.87 -23.50 5.87
CA GLU B 276 2.81 -22.07 6.24
C GLU B 276 1.35 -21.64 6.34
N GLU B 277 1.08 -20.78 7.30
CA GLU B 277 -0.23 -20.13 7.48
C GLU B 277 -0.22 -18.87 6.59
N HIS B 278 -0.25 -19.08 5.30
CA HIS B 278 0.01 -18.04 4.26
C HIS B 278 -0.37 -18.66 2.92
N SER B 279 -0.61 -17.85 1.91
CA SER B 279 -0.75 -18.35 0.53
C SER B 279 0.41 -19.27 0.18
N VAL B 280 0.11 -20.31 -0.62
CA VAL B 280 1.18 -21.12 -1.26
C VAL B 280 1.98 -20.29 -2.27
N ILE B 281 1.49 -19.13 -2.69
CA ILE B 281 2.23 -18.21 -3.60
C ILE B 281 3.11 -17.28 -2.77
N GLY B 282 4.41 -17.27 -3.08
CA GLY B 282 5.32 -16.16 -2.70
C GLY B 282 5.89 -16.24 -1.29
N GLY B 283 5.49 -17.21 -0.47
CA GLY B 283 5.94 -17.37 0.92
C GLY B 283 7.01 -18.43 1.09
N LEU B 284 6.86 -19.29 2.09
CA LEU B 284 7.87 -20.34 2.42
C LEU B 284 7.98 -21.34 1.27
N GLY B 285 6.85 -21.89 0.81
CA GLY B 285 6.89 -22.88 -0.29
C GLY B 285 7.63 -22.32 -1.50
N SER B 286 7.36 -21.07 -1.85
CA SER B 286 8.02 -20.36 -2.96
CA SER B 286 8.02 -20.36 -2.96
C SER B 286 9.52 -20.23 -2.67
N ALA B 287 9.88 -19.77 -1.47
CA ALA B 287 11.29 -19.56 -1.11
C ALA B 287 12.08 -20.87 -1.22
N VAL B 288 11.49 -21.97 -0.76
CA VAL B 288 12.18 -23.29 -0.77
C VAL B 288 12.26 -23.81 -2.21
N ALA B 289 11.18 -23.69 -2.99
CA ALA B 289 11.18 -24.11 -4.41
C ALA B 289 12.27 -23.32 -5.17
N GLU B 290 12.39 -22.02 -4.91
CA GLU B 290 13.41 -21.19 -5.61
C GLU B 290 14.80 -21.76 -5.31
N VAL B 291 15.13 -22.01 -4.05
CA VAL B 291 16.48 -22.51 -3.65
C VAL B 291 16.73 -23.89 -4.26
N LEU B 292 15.82 -24.83 -4.06
CA LEU B 292 16.12 -26.23 -4.45
C LEU B 292 16.07 -26.36 -5.97
N SER B 293 15.25 -25.60 -6.67
CA SER B 293 15.24 -25.67 -8.16
CA SER B 293 15.23 -25.66 -8.16
C SER B 293 16.57 -25.17 -8.73
N GLU B 294 17.32 -24.31 -8.03
CA GLU B 294 18.64 -23.80 -8.46
CA GLU B 294 18.62 -23.88 -8.60
C GLU B 294 19.79 -24.74 -8.07
N GLU B 295 19.62 -25.52 -7.00
CA GLU B 295 20.77 -26.23 -6.35
C GLU B 295 20.59 -27.75 -6.34
N TYR B 296 19.40 -28.27 -6.08
CA TYR B 296 19.18 -29.73 -5.92
C TYR B 296 17.70 -30.04 -6.11
N PRO B 297 17.24 -30.12 -7.37
CA PRO B 297 15.81 -30.23 -7.67
C PRO B 297 15.21 -31.52 -7.11
N ILE B 298 14.20 -31.37 -6.26
CA ILE B 298 13.43 -32.45 -5.61
C ILE B 298 11.98 -31.99 -5.53
N PRO B 299 11.04 -32.90 -5.25
CA PRO B 299 9.66 -32.50 -4.98
C PRO B 299 9.55 -31.56 -3.77
N VAL B 300 8.77 -30.51 -3.96
CA VAL B 300 8.38 -29.55 -2.90
C VAL B 300 6.86 -29.42 -2.96
N VAL B 301 6.18 -30.10 -2.05
CA VAL B 301 4.71 -30.11 -1.95
C VAL B 301 4.31 -29.09 -0.88
N LYS B 302 3.44 -28.17 -1.25
CA LYS B 302 3.21 -26.93 -0.46
C LYS B 302 1.88 -27.02 0.29
N VAL B 303 1.93 -26.98 1.61
CA VAL B 303 0.75 -26.84 2.49
C VAL B 303 0.63 -25.36 2.83
N GLY B 304 -0.51 -24.77 2.50
CA GLY B 304 -0.76 -23.36 2.74
C GLY B 304 -2.15 -23.02 2.26
N VAL B 305 -2.47 -21.75 2.25
CA VAL B 305 -3.80 -21.30 1.75
C VAL B 305 -3.74 -21.36 0.23
N ASN B 306 -4.72 -21.99 -0.41
CA ASN B 306 -4.67 -22.37 -1.84
CA ASN B 306 -4.63 -22.35 -1.85
C ASN B 306 -5.14 -21.19 -2.71
N ASP B 307 -4.46 -20.05 -2.63
CA ASP B 307 -4.72 -18.86 -3.49
C ASP B 307 -6.19 -18.44 -3.37
N VAL B 308 -6.67 -18.35 -2.14
CA VAL B 308 -8.02 -17.86 -1.80
C VAL B 308 -7.89 -16.89 -0.63
N PHE B 309 -8.88 -16.02 -0.47
CA PHE B 309 -9.10 -15.28 0.78
C PHE B 309 -9.74 -16.21 1.81
N GLY B 310 -9.65 -15.80 3.07
CA GLY B 310 -10.32 -16.51 4.18
C GLY B 310 -11.79 -16.11 4.32
N GLU B 311 -12.31 -16.30 5.51
CA GLU B 311 -13.73 -16.06 5.85
C GLU B 311 -13.84 -16.03 7.37
N SER B 312 -14.97 -15.59 7.89
CA SER B 312 -15.23 -15.60 9.33
C SER B 312 -15.45 -17.03 9.83
N GLY B 313 -14.84 -17.33 10.98
CA GLY B 313 -15.11 -18.57 11.72
C GLY B 313 -14.18 -18.66 12.90
N THR B 314 -14.32 -19.71 13.72
CA THR B 314 -13.33 -19.94 14.80
C THR B 314 -11.99 -20.27 14.15
N PRO B 315 -10.86 -19.92 14.80
CA PRO B 315 -9.56 -20.32 14.27
C PRO B 315 -9.48 -21.81 13.90
N GLN B 316 -9.96 -22.71 14.78
CA GLN B 316 -9.82 -24.16 14.52
CA GLN B 316 -9.88 -24.18 14.57
C GLN B 316 -10.69 -24.56 13.32
N ALA B 317 -11.91 -24.04 13.18
CA ALA B 317 -12.78 -24.38 12.04
C ALA B 317 -12.11 -23.93 10.73
N LEU B 318 -11.46 -22.77 10.75
CA LEU B 318 -10.78 -22.22 9.55
C LEU B 318 -9.57 -23.08 9.18
N LEU B 319 -8.75 -23.45 10.16
CA LEU B 319 -7.56 -24.29 9.86
C LEU B 319 -8.04 -25.60 9.23
N GLU B 320 -9.13 -26.17 9.74
CA GLU B 320 -9.68 -27.45 9.21
CA GLU B 320 -9.68 -27.46 9.21
C GLU B 320 -10.16 -27.24 7.76
N LYS B 321 -10.97 -26.20 7.53
CA LYS B 321 -11.58 -26.00 6.19
C LYS B 321 -10.49 -25.71 5.14
N TYR B 322 -9.47 -24.93 5.50
CA TYR B 322 -8.47 -24.38 4.54
C TYR B 322 -7.24 -25.30 4.46
N GLY B 323 -7.23 -26.41 5.20
CA GLY B 323 -6.23 -27.48 5.01
C GLY B 323 -4.93 -27.21 5.74
N LEU B 324 -4.96 -26.55 6.90
CA LEU B 324 -3.76 -26.18 7.69
C LEU B 324 -3.68 -26.97 8.99
N THR B 325 -3.92 -28.28 8.93
CA THR B 325 -3.88 -29.17 10.12
C THR B 325 -2.71 -30.16 10.00
N ALA B 326 -2.36 -30.81 11.12
CA ALA B 326 -1.34 -31.88 11.10
C ALA B 326 -1.75 -32.97 10.08
N ARG B 327 -3.03 -33.34 10.02
CA ARG B 327 -3.51 -34.39 9.08
CA ARG B 327 -3.49 -34.40 9.08
C ARG B 327 -3.28 -33.94 7.63
N ASP B 328 -3.42 -32.65 7.32
CA ASP B 328 -3.12 -32.13 5.96
C ASP B 328 -1.61 -32.23 5.65
N VAL B 329 -0.76 -32.01 6.66
CA VAL B 329 0.71 -32.18 6.49
C VAL B 329 1.00 -33.66 6.22
N VAL B 330 0.34 -34.57 6.94
CA VAL B 330 0.52 -36.02 6.69
C VAL B 330 0.16 -36.34 5.23
N ALA B 331 -0.97 -35.82 4.74
CA ALA B 331 -1.44 -36.08 3.37
C ALA B 331 -0.42 -35.53 2.37
N ALA B 332 0.14 -34.35 2.63
CA ALA B 332 1.14 -33.73 1.73
C ALA B 332 2.41 -34.59 1.70
N VAL B 333 2.81 -35.12 2.84
CA VAL B 333 3.99 -36.03 2.91
C VAL B 333 3.75 -37.26 2.05
N GLN B 334 2.57 -37.86 2.13
CA GLN B 334 2.28 -39.06 1.31
CA GLN B 334 2.23 -39.05 1.30
C GLN B 334 2.38 -38.67 -0.18
N LYS B 335 1.90 -37.51 -0.60
CA LYS B 335 2.02 -37.05 -2.01
CA LYS B 335 2.02 -37.04 -2.01
C LYS B 335 3.50 -36.85 -2.37
N ALA B 336 4.28 -36.20 -1.51
CA ALA B 336 5.70 -35.92 -1.79
C ALA B 336 6.47 -37.23 -1.99
N LEU B 337 6.17 -38.22 -1.16
CA LEU B 337 6.85 -39.54 -1.25
C LEU B 337 6.55 -40.24 -2.56
N THR B 338 5.39 -40.00 -3.20
CA THR B 338 5.09 -40.59 -4.52
C THR B 338 6.00 -40.01 -5.61
N LEU B 339 6.55 -38.80 -5.41
CA LEU B 339 7.39 -38.11 -6.42
C LEU B 339 8.88 -38.33 -6.16
N LYS B 340 9.25 -38.83 -4.99
CA LYS B 340 10.66 -38.96 -4.56
C LYS B 340 11.40 -39.94 -5.49
N ARG B 341 12.60 -39.58 -5.94
CA ARG B 341 13.49 -40.51 -6.68
C ARG B 341 14.13 -41.48 -5.67
N ASP C 28 -49.84 13.94 13.57
CA ASP C 28 -50.78 13.06 12.81
C ASP C 28 -50.02 11.80 12.35
N ASP C 29 -49.88 11.63 11.03
CA ASP C 29 -49.17 10.48 10.41
C ASP C 29 -47.67 10.68 10.54
N MET C 30 -47.21 11.94 10.58
CA MET C 30 -45.79 12.33 10.77
C MET C 30 -45.31 11.87 12.16
N GLN C 31 -46.09 12.14 13.22
CA GLN C 31 -45.74 11.76 14.61
C GLN C 31 -45.82 10.24 14.76
N ASP C 32 -46.78 9.59 14.11
CA ASP C 32 -46.88 8.09 14.08
CA ASP C 32 -46.88 8.09 14.07
C ASP C 32 -45.67 7.54 13.30
N GLU C 33 -45.27 8.22 12.21
CA GLU C 33 -44.07 7.82 11.41
C GLU C 33 -42.82 7.83 12.32
N ILE C 34 -42.64 8.89 13.12
CA ILE C 34 -41.48 9.05 14.03
C ILE C 34 -41.52 7.94 15.09
N LEU C 35 -42.68 7.68 15.70
CA LEU C 35 -42.80 6.62 16.73
C LEU C 35 -42.40 5.27 16.12
N ASN C 36 -42.86 4.98 14.91
CA ASN C 36 -42.57 3.69 14.22
CA ASN C 36 -42.57 3.69 14.23
C ASN C 36 -41.06 3.58 13.99
N LEU C 37 -40.39 4.69 13.65
CA LEU C 37 -38.91 4.67 13.43
C LEU C 37 -38.20 4.42 14.77
N LYS C 38 -38.68 5.00 15.87
CA LYS C 38 -38.08 4.74 17.21
C LYS C 38 -38.26 3.26 17.58
N LEU C 39 -39.42 2.67 17.27
CA LEU C 39 -39.65 1.24 17.55
C LEU C 39 -38.71 0.39 16.69
N ILE C 40 -38.55 0.72 15.41
CA ILE C 40 -37.62 -0.03 14.53
C ILE C 40 -36.19 0.10 15.09
N ALA C 41 -35.75 1.29 15.47
CA ALA C 41 -34.39 1.49 16.02
C ALA C 41 -34.19 0.60 17.25
N ASN C 42 -35.20 0.52 18.11
CA ASN C 42 -35.14 -0.35 19.32
C ASN C 42 -34.98 -1.82 18.89
N GLN C 43 -35.73 -2.27 17.88
CA GLN C 43 -35.64 -3.65 17.35
C GLN C 43 -34.21 -3.90 16.82
N LEU C 44 -33.64 -2.94 16.09
CA LEU C 44 -32.27 -3.11 15.55
C LEU C 44 -31.30 -3.29 16.72
N ARG C 45 -31.45 -2.49 17.78
CA ARG C 45 -30.55 -2.60 18.97
C ARG C 45 -30.71 -3.99 19.62
N GLN C 46 -31.94 -4.49 19.74
CA GLN C 46 -32.15 -5.83 20.34
C GLN C 46 -31.47 -6.89 19.48
N HIS C 47 -31.61 -6.82 18.15
CA HIS C 47 -30.91 -7.75 17.24
C HIS C 47 -29.38 -7.67 17.46
N VAL C 48 -28.84 -6.47 17.55
CA VAL C 48 -27.36 -6.27 17.69
C VAL C 48 -26.89 -7.02 18.94
N VAL C 49 -27.51 -6.77 20.08
CA VAL C 49 -27.07 -7.37 21.37
C VAL C 49 -27.15 -8.89 21.28
N LYS C 50 -28.26 -9.42 20.78
CA LYS C 50 -28.48 -10.88 20.72
CA LYS C 50 -28.50 -10.88 20.70
C LYS C 50 -27.48 -11.52 19.74
N MET C 51 -27.24 -10.93 18.57
CA MET C 51 -26.44 -11.63 17.54
CA MET C 51 -26.44 -11.60 17.52
C MET C 51 -24.95 -11.59 17.95
N VAL C 52 -24.49 -10.52 18.60
CA VAL C 52 -23.08 -10.44 19.08
C VAL C 52 -22.89 -11.42 20.25
N GLY C 53 -23.84 -11.48 21.17
CA GLY C 53 -23.80 -12.46 22.28
C GLY C 53 -23.72 -13.88 21.76
N GLU C 54 -24.56 -14.25 20.79
CA GLU C 54 -24.62 -15.63 20.23
CA GLU C 54 -24.63 -15.62 20.22
C GLU C 54 -23.30 -15.94 19.50
N ALA C 55 -22.74 -14.96 18.79
CA ALA C 55 -21.49 -15.16 18.01
C ALA C 55 -20.27 -15.27 18.93
N ASN C 56 -20.33 -14.75 20.16
CA ASN C 56 -19.19 -14.58 21.09
C ASN C 56 -18.13 -13.66 20.47
N SER C 57 -18.55 -12.80 19.56
CA SER C 57 -17.63 -12.00 18.73
C SER C 57 -18.43 -10.86 18.10
N GLY C 58 -17.81 -9.69 17.97
CA GLY C 58 -18.42 -8.57 17.23
C GLY C 58 -18.35 -7.28 17.99
N HIS C 59 -19.06 -6.27 17.50
CA HIS C 59 -18.77 -4.84 17.84
C HIS C 59 -20.05 -4.15 18.28
N PRO C 60 -20.45 -4.29 19.55
CA PRO C 60 -21.71 -3.70 19.98
C PRO C 60 -21.68 -2.17 20.04
N GLY C 61 -20.61 -1.55 20.56
CA GLY C 61 -20.60 -0.09 20.83
C GLY C 61 -20.93 0.73 19.59
N GLY C 62 -20.18 0.52 18.52
CA GLY C 62 -20.32 1.30 17.28
C GLY C 62 -21.47 0.82 16.42
N SER C 63 -22.11 -0.31 16.76
CA SER C 63 -23.37 -0.77 16.13
C SER C 63 -24.52 -0.01 16.78
N LEU C 64 -24.54 0.02 18.12
CA LEU C 64 -25.63 0.68 18.88
C LEU C 64 -25.62 2.20 18.63
N SER C 65 -24.45 2.84 18.46
CA SER C 65 -24.36 4.30 18.20
C SER C 65 -25.07 4.65 16.89
N ALA C 66 -25.12 3.73 15.92
CA ALA C 66 -25.60 4.02 14.55
C ALA C 66 -27.06 3.58 14.33
N ALA C 67 -27.75 2.99 15.32
CA ALA C 67 -29.05 2.32 15.07
C ALA C 67 -30.14 3.33 14.64
N ASP C 68 -30.13 4.56 15.15
CA ASP C 68 -31.18 5.54 14.77
C ASP C 68 -30.94 6.00 13.33
N ILE C 69 -29.68 6.17 12.95
CA ILE C 69 -29.31 6.57 11.57
C ILE C 69 -29.78 5.47 10.62
N LEU C 70 -29.48 4.20 10.90
CA LEU C 70 -29.88 3.14 9.95
CA LEU C 70 -29.88 3.04 10.04
C LEU C 70 -31.41 2.94 9.97
N ALA C 71 -32.09 3.20 11.08
CA ALA C 71 -33.57 3.14 11.09
C ALA C 71 -34.11 4.15 10.07
N VAL C 72 -33.63 5.39 10.13
CA VAL C 72 -34.10 6.47 9.23
C VAL C 72 -33.78 6.08 7.78
N LEU C 73 -32.57 5.58 7.51
CA LEU C 73 -32.16 5.30 6.11
C LEU C 73 -32.99 4.13 5.56
N PHE C 74 -33.04 3.00 6.26
CA PHE C 74 -33.60 1.75 5.69
C PHE C 74 -35.13 1.72 5.79
N PHE C 75 -35.76 2.56 6.62
CA PHE C 75 -37.22 2.44 6.86
C PHE C 75 -37.93 3.76 6.54
N LYS C 76 -37.24 4.76 5.98
CA LYS C 76 -37.93 5.99 5.50
CA LYS C 76 -37.93 5.99 5.51
C LYS C 76 -37.26 6.55 4.24
N GLU C 77 -35.97 6.84 4.29
CA GLU C 77 -35.36 7.73 3.27
C GLU C 77 -34.90 7.00 2.01
N MET C 78 -34.29 5.83 2.13
CA MET C 78 -33.71 5.12 0.96
CA MET C 78 -33.71 5.16 0.94
C MET C 78 -34.80 4.49 0.09
N ARG C 79 -34.62 4.61 -1.22
CA ARG C 79 -35.43 3.91 -2.25
CA ARG C 79 -35.44 3.91 -2.24
C ARG C 79 -34.73 2.60 -2.60
N ILE C 80 -35.22 1.49 -2.06
CA ILE C 80 -34.61 0.15 -2.26
C ILE C 80 -35.75 -0.87 -2.33
N ASP C 81 -35.44 -2.04 -2.89
CA ASP C 81 -36.44 -3.12 -3.08
C ASP C 81 -35.76 -4.46 -2.82
N PRO C 82 -36.09 -5.14 -1.71
CA PRO C 82 -35.52 -6.46 -1.42
C PRO C 82 -35.81 -7.51 -2.50
N ALA C 83 -36.87 -7.32 -3.30
CA ALA C 83 -37.23 -8.22 -4.43
C ALA C 83 -36.39 -7.91 -5.67
N ASN C 84 -35.69 -6.77 -5.67
CA ASN C 84 -34.86 -6.31 -6.82
CA ASN C 84 -34.89 -6.28 -6.82
C ASN C 84 -33.61 -5.65 -6.28
N PRO C 85 -32.74 -6.42 -5.59
CA PRO C 85 -31.56 -5.84 -4.93
C PRO C 85 -30.54 -5.22 -5.91
N LYS C 86 -30.59 -5.53 -7.20
CA LYS C 86 -29.69 -4.91 -8.22
C LYS C 86 -30.47 -3.95 -9.13
N TRP C 87 -31.63 -3.47 -8.70
CA TRP C 87 -32.30 -2.32 -9.36
C TRP C 87 -31.27 -1.22 -9.65
N GLN C 88 -31.09 -0.80 -10.91
CA GLN C 88 -29.96 0.07 -11.31
C GLN C 88 -30.03 1.45 -10.64
N ASP C 89 -31.22 1.96 -10.35
CA ASP C 89 -31.41 3.33 -9.80
C ASP C 89 -31.71 3.30 -8.31
N ARG C 90 -31.46 2.17 -7.65
CA ARG C 90 -31.64 2.07 -6.18
C ARG C 90 -30.71 3.06 -5.48
N ASP C 91 -31.14 3.56 -4.34
CA ASP C 91 -30.20 4.22 -3.41
C ASP C 91 -29.22 3.16 -2.90
N ARG C 92 -28.04 3.61 -2.56
CA ARG C 92 -26.98 2.73 -2.01
CA ARG C 92 -27.00 2.73 -2.00
C ARG C 92 -26.58 3.21 -0.62
N PHE C 93 -26.34 2.27 0.28
CA PHE C 93 -25.74 2.54 1.60
C PHE C 93 -24.41 1.80 1.63
N VAL C 94 -23.36 2.51 2.00
CA VAL C 94 -22.02 1.90 2.21
C VAL C 94 -21.65 2.06 3.69
N LEU C 95 -21.39 0.94 4.36
CA LEU C 95 -20.93 0.95 5.77
C LEU C 95 -19.40 1.03 5.76
N SER C 96 -18.84 2.23 5.71
CA SER C 96 -17.36 2.37 5.64
C SER C 96 -16.74 1.86 6.95
N LYS C 97 -17.39 2.10 8.08
CA LYS C 97 -16.98 1.55 9.41
C LYS C 97 -17.59 0.14 9.51
N GLY C 98 -17.02 -0.81 8.76
CA GLY C 98 -17.60 -2.11 8.48
C GLY C 98 -17.72 -3.03 9.68
N HIS C 99 -17.00 -2.73 10.76
CA HIS C 99 -17.09 -3.55 11.99
C HIS C 99 -18.47 -3.41 12.60
N ALA C 100 -19.23 -2.34 12.27
CA ALA C 100 -20.63 -2.19 12.72
C ALA C 100 -21.61 -3.04 11.88
N SER C 101 -21.12 -4.11 11.26
CA SER C 101 -21.98 -5.03 10.46
C SER C 101 -23.22 -5.48 11.22
N PRO C 102 -23.22 -5.72 12.56
CA PRO C 102 -24.47 -6.16 13.20
C PRO C 102 -25.66 -5.25 12.94
N VAL C 103 -25.47 -3.93 13.00
CA VAL C 103 -26.63 -3.00 12.84
C VAL C 103 -27.05 -3.00 11.37
N LEU C 104 -26.13 -3.12 10.42
CA LEU C 104 -26.51 -3.21 8.99
C LEU C 104 -27.29 -4.52 8.75
N TYR C 105 -26.79 -5.64 9.23
CA TYR C 105 -27.48 -6.93 9.04
C TYR C 105 -28.87 -6.91 9.69
N ALA C 106 -28.99 -6.30 10.86
CA ALA C 106 -30.30 -6.18 11.55
C ALA C 106 -31.26 -5.40 10.64
N ALA C 107 -30.82 -4.28 10.09
CA ALA C 107 -31.65 -3.44 9.20
C ALA C 107 -32.05 -4.23 7.95
N LEU C 108 -31.11 -4.90 7.29
CA LEU C 108 -31.41 -5.62 6.02
C LEU C 108 -32.38 -6.77 6.31
N ALA C 109 -32.21 -7.48 7.42
CA ALA C 109 -33.14 -8.57 7.80
C ALA C 109 -34.54 -8.01 8.06
N GLU C 110 -34.65 -6.91 8.78
CA GLU C 110 -35.96 -6.32 9.11
C GLU C 110 -36.61 -5.74 7.84
N ARG C 111 -35.82 -5.34 6.83
CA ARG C 111 -36.35 -4.81 5.54
CA ARG C 111 -36.35 -4.81 5.54
C ARG C 111 -36.74 -5.95 4.59
N GLY C 112 -36.35 -7.19 4.90
CA GLY C 112 -36.71 -8.40 4.15
C GLY C 112 -35.73 -8.81 3.08
N PHE C 113 -34.45 -8.42 3.17
CA PHE C 113 -33.45 -8.77 2.14
C PHE C 113 -33.03 -10.25 2.23
N PHE C 114 -33.11 -10.83 3.41
CA PHE C 114 -32.71 -12.24 3.66
C PHE C 114 -33.42 -12.68 4.94
N PRO C 115 -33.49 -14.00 5.21
CA PRO C 115 -34.22 -14.49 6.39
C PRO C 115 -33.63 -14.02 7.72
N LYS C 116 -34.49 -13.68 8.68
CA LYS C 116 -34.04 -13.25 10.02
C LYS C 116 -33.22 -14.35 10.69
N GLU C 117 -33.45 -15.62 10.32
CA GLU C 117 -32.72 -16.79 10.88
CA GLU C 117 -32.71 -16.79 10.89
C GLU C 117 -31.21 -16.66 10.61
N TRP C 118 -30.82 -15.97 9.53
CA TRP C 118 -29.38 -15.76 9.22
C TRP C 118 -28.69 -15.07 10.40
N LEU C 119 -29.39 -14.19 11.14
CA LEU C 119 -28.74 -13.38 12.21
C LEU C 119 -28.14 -14.27 13.28
N SER C 120 -28.69 -15.47 13.49
CA SER C 120 -28.23 -16.40 14.56
CA SER C 120 -28.24 -16.42 14.54
C SER C 120 -26.91 -17.07 14.18
N GLN C 121 -26.45 -16.91 12.93
CA GLN C 121 -25.16 -17.53 12.49
C GLN C 121 -24.12 -16.45 12.13
N PHE C 122 -24.31 -15.22 12.59
CA PHE C 122 -23.31 -14.13 12.48
C PHE C 122 -21.92 -14.64 12.89
N ARG C 123 -20.92 -14.42 12.02
CA ARG C 123 -19.47 -14.67 12.25
C ARG C 123 -19.15 -16.17 12.34
N LYS C 124 -20.10 -17.07 12.05
CA LYS C 124 -19.85 -18.54 12.07
CA LYS C 124 -19.83 -18.54 12.08
C LYS C 124 -19.28 -18.99 10.72
N ILE C 125 -18.44 -20.01 10.74
CA ILE C 125 -17.93 -20.60 9.47
CA ILE C 125 -17.93 -20.66 9.50
C ILE C 125 -19.10 -21.02 8.58
N ASN C 126 -18.93 -20.88 7.27
CA ASN C 126 -19.88 -21.33 6.22
C ASN C 126 -21.20 -20.56 6.32
N SER C 127 -21.22 -19.37 6.90
CA SER C 127 -22.42 -18.50 7.10
CA SER C 127 -22.44 -18.56 7.02
C SER C 127 -22.27 -17.27 6.23
N PRO C 128 -23.34 -16.77 5.57
CA PRO C 128 -23.23 -15.56 4.75
C PRO C 128 -22.88 -14.29 5.56
N LEU C 129 -23.29 -14.19 6.82
CA LEU C 129 -23.13 -12.95 7.61
C LEU C 129 -21.71 -12.89 8.22
N GLN C 130 -20.78 -12.47 7.39
CA GLN C 130 -19.35 -12.33 7.71
C GLN C 130 -19.17 -11.23 8.76
N GLY C 131 -18.06 -11.27 9.48
CA GLY C 131 -17.76 -10.28 10.52
C GLY C 131 -17.75 -8.85 10.00
N HIS C 132 -17.28 -8.65 8.77
CA HIS C 132 -17.40 -7.37 8.02
C HIS C 132 -18.25 -7.66 6.79
N PRO C 133 -19.01 -6.68 6.26
CA PRO C 133 -19.98 -6.95 5.18
C PRO C 133 -19.26 -7.48 3.93
N ASP C 134 -19.87 -8.51 3.32
CA ASP C 134 -19.38 -9.17 2.08
C ASP C 134 -20.47 -9.01 1.02
N MET C 135 -20.24 -8.15 0.03
CA MET C 135 -21.27 -7.81 -0.97
C MET C 135 -21.63 -9.03 -1.84
N LYS C 136 -20.76 -10.03 -1.94
CA LYS C 136 -21.03 -11.22 -2.79
C LYS C 136 -21.77 -12.31 -2.00
N LYS C 137 -21.91 -12.17 -0.68
CA LYS C 137 -22.63 -13.18 0.14
C LYS C 137 -23.96 -12.67 0.67
N VAL C 138 -24.18 -11.36 0.76
CA VAL C 138 -25.37 -10.82 1.48
C VAL C 138 -26.17 -9.88 0.59
N PRO C 139 -27.43 -10.23 0.22
CA PRO C 139 -28.29 -9.31 -0.50
C PRO C 139 -28.45 -7.99 0.26
N GLY C 140 -28.31 -6.87 -0.44
CA GLY C 140 -28.48 -5.53 0.12
C GLY C 140 -27.17 -4.90 0.57
N VAL C 141 -26.08 -5.68 0.65
CA VAL C 141 -24.74 -5.12 0.95
C VAL C 141 -24.12 -4.60 -0.35
N GLU C 142 -23.75 -3.33 -0.38
CA GLU C 142 -23.31 -2.63 -1.61
C GLU C 142 -21.78 -2.66 -1.79
N MET C 143 -21.03 -2.89 -0.72
CA MET C 143 -19.56 -2.98 -0.83
C MET C 143 -19.06 -3.87 0.29
N SER C 144 -18.04 -4.67 -0.01
CA SER C 144 -17.29 -5.40 1.05
C SER C 144 -16.38 -4.40 1.75
N THR C 145 -16.58 -4.18 3.05
CA THR C 145 -15.85 -3.14 3.80
C THR C 145 -15.21 -3.81 5.01
N GLY C 146 -14.53 -3.05 5.86
CA GLY C 146 -13.76 -3.67 6.95
C GLY C 146 -12.36 -3.09 7.03
N SER C 147 -11.80 -2.65 5.91
CA SER C 147 -10.54 -1.89 5.90
C SER C 147 -10.90 -0.41 5.94
N LEU C 148 -10.62 0.26 7.04
CA LEU C 148 -11.16 1.62 7.26
C LEU C 148 -10.67 2.61 6.20
N GLY C 149 -11.60 3.46 5.78
CA GLY C 149 -11.42 4.46 4.73
C GLY C 149 -11.82 3.94 3.37
N GLN C 150 -11.72 2.63 3.12
CA GLN C 150 -11.92 2.12 1.74
C GLN C 150 -13.38 2.25 1.32
N GLY C 151 -14.34 1.95 2.17
CA GLY C 151 -15.76 2.03 1.78
C GLY C 151 -16.10 3.42 1.30
N PHE C 152 -15.61 4.44 1.98
CA PHE C 152 -15.86 5.85 1.59
C PHE C 152 -15.31 6.11 0.19
N SER C 153 -14.09 5.66 -0.12
CA SER C 153 -13.50 5.84 -1.47
C SER C 153 -14.39 5.14 -2.51
N THR C 154 -14.86 3.93 -2.25
CA THR C 154 -15.73 3.22 -3.22
C THR C 154 -17.04 4.00 -3.37
N ALA C 155 -17.55 4.59 -2.29
CA ALA C 155 -18.82 5.36 -2.34
C ALA C 155 -18.66 6.55 -3.28
N VAL C 156 -17.51 7.21 -3.27
CA VAL C 156 -17.22 8.33 -4.20
C VAL C 156 -17.27 7.79 -5.64
N GLY C 157 -16.69 6.63 -5.91
CA GLY C 157 -16.74 6.00 -7.25
C GLY C 157 -18.16 5.67 -7.66
N MET C 158 -18.97 5.14 -6.76
CA MET C 158 -20.39 4.83 -7.07
C MET C 158 -21.10 6.14 -7.45
N ALA C 159 -20.93 7.19 -6.65
CA ALA C 159 -21.61 8.48 -6.89
C ALA C 159 -21.14 9.06 -8.21
N LEU C 160 -19.85 8.94 -8.54
CA LEU C 160 -19.30 9.48 -9.80
C LEU C 160 -19.98 8.76 -10.97
N GLY C 161 -20.10 7.43 -10.92
CA GLY C 161 -20.71 6.67 -12.03
C GLY C 161 -22.20 6.95 -12.14
N LEU C 162 -22.91 7.05 -11.02
CA LEU C 162 -24.36 7.31 -11.01
C LEU C 162 -24.62 8.74 -11.52
N LYS C 163 -23.76 9.70 -11.22
CA LYS C 163 -23.89 11.10 -11.72
CA LYS C 163 -23.90 11.09 -11.73
C LYS C 163 -23.72 11.07 -13.24
N LEU C 164 -22.74 10.30 -13.76
CA LEU C 164 -22.50 10.26 -15.22
CA LEU C 164 -22.48 10.16 -15.22
C LEU C 164 -23.78 9.74 -15.91
N ASP C 165 -24.46 8.75 -15.30
CA ASP C 165 -25.67 8.11 -15.89
CA ASP C 165 -25.68 8.06 -15.83
C ASP C 165 -26.93 8.91 -15.55
N ARG C 166 -26.78 10.08 -14.90
CA ARG C 166 -27.90 10.94 -14.43
C ARG C 166 -28.94 10.12 -13.66
N SER C 167 -28.48 9.16 -12.88
CA SER C 167 -29.36 8.37 -12.00
C SER C 167 -29.93 9.28 -10.93
N PRO C 168 -31.20 9.07 -10.51
CA PRO C 168 -31.72 9.74 -9.33
C PRO C 168 -31.20 9.15 -8.00
N ALA C 169 -30.43 8.07 -8.07
CA ALA C 169 -29.90 7.36 -6.88
C ALA C 169 -29.10 8.32 -6.00
N ARG C 170 -29.18 8.10 -4.71
CA ARG C 170 -28.31 8.75 -3.71
C ARG C 170 -27.43 7.68 -3.08
N VAL C 171 -26.17 8.04 -2.87
CA VAL C 171 -25.18 7.18 -2.16
C VAL C 171 -25.02 7.74 -0.75
N TYR C 172 -25.45 6.96 0.23
CA TYR C 172 -25.28 7.27 1.67
C TYR C 172 -24.10 6.46 2.18
N VAL C 173 -23.23 7.08 2.97
CA VAL C 173 -22.04 6.35 3.46
C VAL C 173 -21.79 6.76 4.92
N LEU C 174 -21.64 5.77 5.79
CA LEU C 174 -21.41 5.98 7.25
C LEU C 174 -19.91 5.78 7.56
N LEU C 175 -19.32 6.80 8.17
CA LEU C 175 -17.90 6.86 8.59
CA LEU C 175 -17.89 6.82 8.60
C LEU C 175 -17.81 6.83 10.12
N GLY C 176 -16.72 6.28 10.64
CA GLY C 176 -16.35 6.44 12.06
C GLY C 176 -15.49 7.67 12.28
N ASP C 177 -15.43 8.18 13.52
CA ASP C 177 -14.57 9.35 13.81
C ASP C 177 -13.12 8.97 14.12
N GLY C 178 -12.81 7.71 14.39
CA GLY C 178 -11.42 7.22 14.28
C GLY C 178 -11.07 7.01 12.82
N GLU C 179 -12.00 6.46 12.04
CA GLU C 179 -11.80 6.16 10.61
C GLU C 179 -11.26 7.37 9.83
N ILE C 180 -11.68 8.58 10.17
CA ILE C 180 -11.27 9.81 9.43
C ILE C 180 -9.83 10.21 9.73
N GLN C 181 -9.08 9.41 10.49
CA GLN C 181 -7.61 9.55 10.62
C GLN C 181 -6.91 8.98 9.38
N GLU C 182 -7.59 8.18 8.55
CA GLU C 182 -6.99 7.59 7.33
C GLU C 182 -6.87 8.63 6.21
N GLY C 183 -5.71 8.66 5.56
CA GLY C 183 -5.45 9.57 4.43
C GLY C 183 -6.43 9.37 3.29
N ILE C 184 -6.84 8.14 3.00
CA ILE C 184 -7.74 7.89 1.84
C ILE C 184 -9.05 8.65 2.06
N VAL C 185 -9.48 8.89 3.28
CA VAL C 185 -10.74 9.65 3.52
C VAL C 185 -10.58 11.06 2.94
N TRP C 186 -9.43 11.70 3.13
CA TRP C 186 -9.22 13.10 2.69
C TRP C 186 -9.01 13.12 1.18
N GLU C 187 -8.38 12.10 0.59
CA GLU C 187 -8.28 11.98 -0.89
C GLU C 187 -9.71 11.89 -1.45
N ALA C 188 -10.52 10.99 -0.90
CA ALA C 188 -11.90 10.75 -1.37
C ALA C 188 -12.73 12.03 -1.20
N ALA C 189 -12.58 12.74 -0.09
CA ALA C 189 -13.32 14.00 0.15
C ALA C 189 -12.92 15.03 -0.91
N MET C 190 -11.63 15.18 -1.15
CA MET C 190 -11.13 16.17 -2.14
C MET C 190 -11.74 15.83 -3.51
N ALA C 191 -11.77 14.54 -3.88
CA ALA C 191 -12.30 14.11 -5.20
C ALA C 191 -13.82 14.34 -5.25
N ALA C 192 -14.56 14.07 -4.19
CA ALA C 192 -16.03 14.22 -4.19
C ALA C 192 -16.37 15.70 -4.39
N ALA C 193 -15.63 16.61 -3.77
CA ALA C 193 -15.85 18.07 -3.95
C ALA C 193 -15.47 18.46 -5.38
N HIS C 194 -14.34 17.99 -5.91
CA HIS C 194 -13.84 18.37 -7.25
C HIS C 194 -14.87 17.94 -8.30
N TYR C 195 -15.45 16.74 -8.18
CA TYR C 195 -16.41 16.18 -9.15
C TYR C 195 -17.85 16.60 -8.80
N LYS C 196 -18.06 17.44 -7.80
CA LYS C 196 -19.38 18.06 -7.48
CA LYS C 196 -19.37 18.06 -7.47
C LYS C 196 -20.42 16.97 -7.23
N LEU C 197 -20.08 15.97 -6.42
CA LEU C 197 -20.96 14.80 -6.21
C LEU C 197 -22.03 15.12 -5.15
N ASN C 198 -23.05 15.89 -5.56
CA ASN C 198 -24.18 16.27 -4.67
C ASN C 198 -25.06 15.06 -4.35
N ASN C 199 -24.88 13.96 -5.09
CA ASN C 199 -25.61 12.69 -4.91
C ASN C 199 -24.93 11.81 -3.85
N LEU C 200 -23.85 12.30 -3.23
CA LEU C 200 -23.15 11.60 -2.12
C LEU C 200 -23.50 12.31 -0.81
N THR C 201 -24.09 11.58 0.13
CA THR C 201 -24.36 12.07 1.50
C THR C 201 -23.54 11.23 2.48
N ALA C 202 -22.52 11.84 3.06
CA ALA C 202 -21.71 11.19 4.12
C ALA C 202 -22.37 11.44 5.47
N ILE C 203 -22.21 10.50 6.38
CA ILE C 203 -22.71 10.62 7.77
C ILE C 203 -21.54 10.20 8.66
N LEU C 204 -21.19 11.05 9.62
CA LEU C 204 -20.13 10.73 10.60
C LEU C 204 -20.79 10.29 11.89
N ASP C 205 -20.44 9.08 12.36
CA ASP C 205 -20.86 8.55 13.67
C ASP C 205 -19.92 9.18 14.70
N TYR C 206 -20.29 10.35 15.21
CA TYR C 206 -19.40 11.23 16.01
C TYR C 206 -19.57 10.87 17.48
N ASN C 207 -18.99 9.75 17.91
CA ASN C 207 -19.17 9.19 19.27
C ASN C 207 -17.95 9.44 20.15
N GLY C 208 -16.86 9.99 19.61
CA GLY C 208 -15.70 10.44 20.39
C GLY C 208 -14.74 9.36 20.85
N LEU C 209 -15.00 8.08 20.56
CA LEU C 209 -14.17 6.96 21.08
C LEU C 209 -13.62 6.10 19.94
N GLN C 210 -12.44 5.53 20.15
CA GLN C 210 -11.88 4.50 19.22
C GLN C 210 -11.23 3.42 20.10
N ILE C 211 -10.37 2.56 19.57
CA ILE C 211 -9.98 1.33 20.32
C ILE C 211 -9.13 1.70 21.54
N ASP C 212 -8.13 2.56 21.40
CA ASP C 212 -7.11 2.80 22.44
C ASP C 212 -7.53 3.93 23.37
N GLY C 213 -8.70 4.52 23.16
CA GLY C 213 -9.19 5.60 24.03
C GLY C 213 -10.03 6.61 23.27
N PRO C 214 -10.30 7.76 23.89
CA PRO C 214 -10.99 8.85 23.21
C PRO C 214 -10.17 9.30 22.00
N VAL C 215 -10.86 9.66 20.93
CA VAL C 215 -10.17 10.07 19.67
CA VAL C 215 -10.21 10.09 19.66
C VAL C 215 -9.29 11.30 19.95
N GLN C 216 -9.69 12.16 20.89
CA GLN C 216 -8.89 13.38 21.19
CA GLN C 216 -8.91 13.39 21.22
C GLN C 216 -7.55 13.01 21.83
N GLU C 217 -7.47 11.85 22.50
CA GLU C 217 -6.22 11.38 23.14
CA GLU C 217 -6.24 11.34 23.16
C GLU C 217 -5.36 10.60 22.14
N VAL C 218 -5.98 9.77 21.31
CA VAL C 218 -5.24 8.85 20.41
C VAL C 218 -4.64 9.63 19.24
N MET C 219 -5.46 10.41 18.53
CA MET C 219 -4.98 11.17 17.34
C MET C 219 -6.08 12.18 17.01
N ASN C 220 -5.98 13.36 17.60
CA ASN C 220 -7.13 14.30 17.65
C ASN C 220 -7.48 14.79 16.24
N PRO C 221 -8.69 14.50 15.70
CA PRO C 221 -9.07 15.04 14.39
C PRO C 221 -9.79 16.39 14.47
N GLU C 222 -9.96 16.97 15.65
CA GLU C 222 -10.65 18.28 15.77
C GLU C 222 -9.77 19.36 15.17
N PRO C 223 -10.33 20.45 14.59
CA PRO C 223 -11.78 20.69 14.47
C PRO C 223 -12.45 19.98 13.28
N VAL C 224 -13.30 19.01 13.54
CA VAL C 224 -13.78 18.06 12.50
C VAL C 224 -14.68 18.80 11.49
N ALA C 225 -15.65 19.61 11.93
CA ALA C 225 -16.52 20.33 10.99
C ALA C 225 -15.69 21.28 10.13
N ASP C 226 -14.71 22.00 10.70
CA ASP C 226 -13.84 22.89 9.90
C ASP C 226 -13.09 22.09 8.83
N LYS C 227 -12.59 20.90 9.16
CA LYS C 227 -11.86 20.06 8.17
C LYS C 227 -12.79 19.74 6.99
N TRP C 228 -13.99 19.24 7.27
CA TRP C 228 -14.93 18.86 6.18
C TRP C 228 -15.31 20.09 5.34
N ARG C 229 -15.53 21.25 5.97
CA ARG C 229 -15.85 22.48 5.20
CA ARG C 229 -15.85 22.50 5.21
C ARG C 229 -14.66 22.86 4.32
N SER C 230 -13.43 22.72 4.81
CA SER C 230 -12.22 23.12 4.07
CA SER C 230 -12.22 23.12 4.05
C SER C 230 -11.97 22.16 2.89
N PHE C 231 -12.53 20.94 2.97
CA PHE C 231 -12.45 19.93 1.89
C PHE C 231 -13.67 20.07 0.94
N GLY C 232 -14.50 21.09 1.11
CA GLY C 232 -15.54 21.43 0.11
C GLY C 232 -16.88 20.77 0.38
N PHE C 233 -17.11 20.20 1.55
CA PHE C 233 -18.41 19.60 1.92
C PHE C 233 -19.26 20.65 2.63
N LYS C 234 -20.54 20.67 2.32
CA LYS C 234 -21.53 21.27 3.23
C LYS C 234 -21.55 20.42 4.50
N VAL C 235 -21.58 21.06 5.67
CA VAL C 235 -21.63 20.35 6.97
C VAL C 235 -22.95 20.66 7.67
N ILE C 236 -23.66 19.63 8.09
CA ILE C 236 -24.84 19.76 9.00
C ILE C 236 -24.54 18.98 10.28
N THR C 237 -24.70 19.60 11.43
CA THR C 237 -24.49 18.93 12.74
CA THR C 237 -24.48 18.97 12.76
C THR C 237 -25.86 18.57 13.31
N VAL C 238 -26.01 17.34 13.78
CA VAL C 238 -27.27 16.83 14.38
C VAL C 238 -26.95 16.02 15.63
N ASP C 239 -27.96 15.87 16.48
CA ASP C 239 -28.01 14.81 17.50
C ASP C 239 -28.34 13.51 16.77
N GLY C 240 -27.39 12.56 16.74
CA GLY C 240 -27.55 11.29 16.00
C GLY C 240 -28.53 10.33 16.63
N HIS C 241 -29.16 10.70 17.76
CA HIS C 241 -30.25 9.92 18.39
C HIS C 241 -31.59 10.68 18.30
N ASN C 242 -31.63 11.78 17.54
CA ASN C 242 -32.84 12.60 17.32
C ASN C 242 -33.33 12.35 15.88
N ILE C 243 -34.35 11.52 15.73
CA ILE C 243 -34.80 11.05 14.39
C ILE C 243 -35.29 12.22 13.55
N PRO C 244 -36.11 13.17 14.07
CA PRO C 244 -36.48 14.34 13.26
C PRO C 244 -35.28 15.16 12.76
N GLU C 245 -34.25 15.35 13.58
CA GLU C 245 -33.05 16.11 13.15
C GLU C 245 -32.35 15.36 12.00
N ILE C 246 -32.25 14.04 12.09
CA ILE C 246 -31.59 13.23 11.03
C ILE C 246 -32.38 13.38 9.73
N ILE C 247 -33.71 13.22 9.81
CA ILE C 247 -34.61 13.36 8.62
C ILE C 247 -34.40 14.75 8.00
N ASN C 248 -34.43 15.80 8.81
CA ASN C 248 -34.33 17.19 8.30
C ASN C 248 -32.96 17.39 7.64
N ALA C 249 -31.88 16.83 8.21
CA ALA C 249 -30.52 17.00 7.67
C ALA C 249 -30.42 16.30 6.31
N ILE C 250 -31.01 15.12 6.19
CA ILE C 250 -31.01 14.35 4.91
C ILE C 250 -31.75 15.19 3.85
N ASP C 251 -32.87 15.83 4.22
CA ASP C 251 -33.62 16.66 3.24
C ASP C 251 -32.76 17.85 2.82
N ALA C 252 -32.04 18.49 3.73
CA ALA C 252 -31.17 19.65 3.40
C ALA C 252 -30.04 19.20 2.46
N ALA C 253 -29.45 18.01 2.70
CA ALA C 253 -28.43 17.46 1.80
C ALA C 253 -29.02 17.28 0.39
N ARG C 254 -30.22 16.70 0.31
CA ARG C 254 -30.89 16.41 -0.98
CA ARG C 254 -30.94 16.41 -0.96
C ARG C 254 -31.10 17.70 -1.79
N LEU C 255 -31.43 18.79 -1.10
CA LEU C 255 -31.75 20.07 -1.77
C LEU C 255 -30.48 20.81 -2.16
N HIS C 256 -29.32 20.44 -1.63
CA HIS C 256 -28.04 21.11 -1.95
C HIS C 256 -27.45 20.45 -3.20
N LEU C 257 -27.61 21.06 -4.38
CA LEU C 257 -27.24 20.45 -5.67
C LEU C 257 -25.80 20.75 -6.07
N GLU C 258 -25.09 21.63 -5.36
CA GLU C 258 -23.77 22.16 -5.82
CA GLU C 258 -23.78 22.17 -5.80
C GLU C 258 -22.63 21.22 -5.44
N GLY C 259 -22.84 20.32 -4.48
CA GLY C 259 -21.73 19.45 -4.03
C GLY C 259 -22.19 18.55 -2.90
N PRO C 260 -21.27 17.71 -2.38
CA PRO C 260 -21.62 16.77 -1.33
C PRO C 260 -21.84 17.42 0.03
N THR C 261 -22.55 16.69 0.89
CA THR C 261 -22.85 17.07 2.28
C THR C 261 -22.35 15.98 3.20
N ILE C 262 -21.82 16.37 4.37
CA ILE C 262 -21.61 15.40 5.47
C ILE C 262 -22.51 15.83 6.65
N ILE C 263 -23.24 14.87 7.19
CA ILE C 263 -24.06 15.02 8.42
C ILE C 263 -23.19 14.51 9.56
N ILE C 264 -22.74 15.42 10.42
CA ILE C 264 -21.95 15.07 11.63
C ILE C 264 -22.94 14.77 12.74
N ALA C 265 -23.11 13.49 13.05
CA ALA C 265 -24.16 12.99 13.95
C ALA C 265 -23.51 12.68 15.31
N LYS C 266 -23.71 13.56 16.29
CA LYS C 266 -23.18 13.37 17.65
C LYS C 266 -23.95 12.22 18.31
N THR C 267 -23.23 11.16 18.71
CA THR C 267 -23.80 9.90 19.20
C THR C 267 -23.13 9.47 20.48
N VAL C 268 -23.77 8.52 21.14
CA VAL C 268 -23.26 7.82 22.34
C VAL C 268 -22.85 6.42 21.91
N LYS C 269 -21.57 6.08 22.04
CA LYS C 269 -21.13 4.69 21.74
C LYS C 269 -21.88 3.78 22.72
N GLY C 270 -22.49 2.71 22.23
CA GLY C 270 -23.25 1.79 23.09
C GLY C 270 -24.63 2.31 23.45
N LYS C 271 -25.13 3.34 22.75
CA LYS C 271 -26.45 3.96 23.05
C LYS C 271 -27.53 2.90 23.25
N GLY C 272 -28.26 3.01 24.37
CA GLY C 272 -29.44 2.17 24.66
C GLY C 272 -29.16 1.11 25.71
N VAL C 273 -27.89 0.83 26.01
CA VAL C 273 -27.48 -0.18 27.03
C VAL C 273 -26.64 0.54 28.09
N SER C 274 -27.18 0.71 29.30
CA SER C 274 -26.59 1.57 30.37
C SER C 274 -25.10 1.29 30.54
N PHE C 275 -24.71 0.01 30.68
CA PHE C 275 -23.33 -0.39 31.06
C PHE C 275 -22.40 -0.33 29.84
N MET C 276 -22.91 -0.08 28.63
CA MET C 276 -22.07 0.09 27.41
C MET C 276 -21.90 1.57 27.04
N GLU C 277 -22.77 2.46 27.51
CA GLU C 277 -22.80 3.86 27.01
C GLU C 277 -21.49 4.59 27.33
N ASN C 278 -20.85 5.17 26.30
CA ASN C 278 -19.63 5.99 26.43
CA ASN C 278 -19.62 5.99 26.40
C ASN C 278 -18.46 5.15 27.00
N ARG C 279 -18.45 3.84 26.78
CA ARG C 279 -17.39 2.93 27.31
CA ARG C 279 -17.39 2.94 27.30
C ARG C 279 -16.47 2.49 26.16
N VAL C 280 -15.19 2.84 26.25
CA VAL C 280 -14.16 2.46 25.24
C VAL C 280 -14.13 0.94 25.08
N GLU C 281 -14.28 0.19 26.18
CA GLU C 281 -14.07 -1.28 26.24
C GLU C 281 -15.22 -2.04 25.57
N TRP C 282 -16.32 -1.40 25.17
CA TRP C 282 -17.43 -2.11 24.49
C TRP C 282 -17.35 -1.90 22.97
N HIS C 283 -16.21 -1.43 22.47
CA HIS C 283 -15.94 -1.35 21.01
C HIS C 283 -16.10 -2.73 20.35
N GLY C 284 -15.43 -3.76 20.88
CA GLY C 284 -15.22 -5.03 20.14
C GLY C 284 -15.31 -6.25 21.03
N SER C 285 -16.05 -6.16 22.13
CA SER C 285 -16.21 -7.26 23.12
C SER C 285 -17.67 -7.74 23.09
N ALA C 286 -17.86 -9.06 23.11
CA ALA C 286 -19.20 -9.68 23.08
C ALA C 286 -19.72 -9.80 24.50
N PRO C 287 -21.00 -9.42 24.74
CA PRO C 287 -21.59 -9.59 26.07
C PRO C 287 -21.79 -11.08 26.41
N LYS C 288 -21.55 -11.42 27.68
CA LYS C 288 -21.83 -12.78 28.23
C LYS C 288 -23.34 -12.91 28.41
N PRO C 289 -23.89 -14.14 28.57
CA PRO C 289 -25.34 -14.31 28.63
C PRO C 289 -26.05 -13.42 29.66
N GLU C 290 -25.46 -13.22 30.85
CA GLU C 290 -26.03 -12.36 31.93
CA GLU C 290 -26.06 -12.37 31.91
C GLU C 290 -26.13 -10.92 31.42
N GLN C 291 -25.12 -10.47 30.66
CA GLN C 291 -25.08 -9.09 30.10
C GLN C 291 -26.08 -8.97 28.94
N VAL C 292 -26.24 -10.01 28.11
CA VAL C 292 -27.29 -10.01 27.04
C VAL C 292 -28.66 -9.85 27.72
N ALA C 293 -28.92 -10.61 28.79
CA ALA C 293 -30.22 -10.59 29.49
C ALA C 293 -30.49 -9.19 30.05
N GLU C 294 -29.50 -8.58 30.68
CA GLU C 294 -29.60 -7.23 31.27
C GLU C 294 -29.88 -6.21 30.15
N ALA C 295 -29.12 -6.28 29.05
CA ALA C 295 -29.25 -5.31 27.93
C ALA C 295 -30.64 -5.43 27.30
N LEU C 296 -31.11 -6.66 27.04
CA LEU C 296 -32.44 -6.89 26.43
C LEU C 296 -33.55 -6.40 27.37
N SER C 297 -33.39 -6.59 28.69
CA SER C 297 -34.38 -6.10 29.69
CA SER C 297 -34.38 -6.11 29.68
C SER C 297 -34.51 -4.58 29.59
N GLU C 298 -33.38 -3.87 29.55
CA GLU C 298 -33.37 -2.39 29.43
C GLU C 298 -34.07 -1.99 28.11
N LEU C 299 -33.72 -2.66 27.00
CA LEU C 299 -34.27 -2.30 25.67
C LEU C 299 -35.77 -2.64 25.64
N GLN C 300 -36.21 -3.72 26.28
CA GLN C 300 -37.65 -4.10 26.31
CA GLN C 300 -37.64 -4.12 26.34
C GLN C 300 -38.43 -3.09 27.17
N VAL C 301 -37.85 -2.63 28.28
CA VAL C 301 -38.47 -1.57 29.14
C VAL C 301 -38.58 -0.29 28.30
N GLY C 302 -37.53 0.06 27.55
CA GLY C 302 -37.55 1.18 26.61
C GLY C 302 -38.64 1.04 25.56
N ARG C 303 -38.83 -0.18 25.04
CA ARG C 303 -39.82 -0.46 23.97
C ARG C 303 -41.25 -0.30 24.52
N GLU C 304 -41.50 -0.85 25.71
CA GLU C 304 -42.86 -0.79 26.35
C GLU C 304 -43.24 0.68 26.55
N LYS C 305 -42.27 1.53 26.91
CA LYS C 305 -42.44 2.98 27.15
CA LYS C 305 -42.46 2.98 27.15
C LYS C 305 -42.81 3.69 25.83
N LEU C 306 -42.30 3.21 24.69
CA LEU C 306 -42.63 3.77 23.36
C LEU C 306 -44.08 3.41 23.01
N TRP C 307 -44.51 2.19 23.34
CA TRP C 307 -45.91 1.73 23.08
CA TRP C 307 -45.90 1.72 23.09
C TRP C 307 -46.89 2.50 23.97
N GLU C 308 -46.41 3.18 25.01
CA GLU C 308 -47.20 4.09 25.89
C GLU C 308 -47.48 5.41 25.17
N GLU C 309 -46.60 5.84 24.26
CA GLU C 309 -46.81 7.07 23.43
C GLU C 309 -47.66 6.70 22.22
N GLY D 31 13.04 -2.52 -33.15
CA GLY D 31 12.66 -1.09 -33.01
C GLY D 31 11.16 -0.88 -33.17
N GLY D 32 10.37 -1.28 -32.16
CA GLY D 32 8.91 -1.09 -32.12
C GLY D 32 8.51 0.00 -31.14
N ILE D 33 7.23 0.31 -31.06
CA ILE D 33 6.76 1.35 -30.11
C ILE D 33 6.79 0.77 -28.69
N ALA D 34 6.77 1.63 -27.70
CA ALA D 34 6.71 1.25 -26.27
C ALA D 34 5.36 0.58 -26.00
N THR D 35 5.32 -0.33 -25.04
CA THR D 35 4.05 -0.97 -24.65
C THR D 35 3.08 0.10 -24.12
N ARG D 36 3.55 1.16 -23.43
CA ARG D 36 2.62 2.21 -22.96
C ARG D 36 1.95 2.90 -24.15
N GLU D 37 2.67 3.08 -25.27
CA GLU D 37 2.12 3.75 -26.48
CA GLU D 37 2.12 3.74 -26.48
C GLU D 37 1.04 2.84 -27.10
N ALA D 38 1.32 1.55 -27.21
CA ALA D 38 0.34 0.57 -27.72
C ALA D 38 -0.90 0.55 -26.82
N TYR D 39 -0.70 0.62 -25.50
CA TYR D 39 -1.81 0.68 -24.52
C TYR D 39 -2.69 1.91 -24.79
N GLY D 40 -2.08 3.10 -24.92
CA GLY D 40 -2.85 4.33 -25.10
C GLY D 40 -3.73 4.24 -26.35
N LYS D 41 -3.20 3.67 -27.42
CA LYS D 41 -3.96 3.55 -28.70
CA LYS D 41 -3.98 3.56 -28.69
C LYS D 41 -5.07 2.49 -28.53
N ALA D 42 -4.78 1.38 -27.86
CA ALA D 42 -5.78 0.31 -27.63
C ALA D 42 -6.93 0.86 -26.79
N LEU D 43 -6.66 1.72 -25.80
CA LEU D 43 -7.74 2.30 -24.97
C LEU D 43 -8.70 3.12 -25.83
N VAL D 44 -8.17 3.89 -26.78
CA VAL D 44 -9.04 4.72 -27.67
C VAL D 44 -9.93 3.76 -28.48
N GLU D 45 -9.34 2.69 -29.01
CA GLU D 45 -10.10 1.65 -29.77
CA GLU D 45 -10.09 1.64 -29.76
C GLU D 45 -11.21 1.08 -28.88
N LEU D 46 -10.91 0.73 -27.63
CA LEU D 46 -11.94 0.22 -26.69
C LEU D 46 -13.01 1.28 -26.45
N GLY D 47 -12.64 2.55 -26.28
CA GLY D 47 -13.62 3.62 -26.01
C GLY D 47 -14.59 3.77 -27.18
N GLN D 48 -14.09 3.57 -28.38
CA GLN D 48 -14.93 3.65 -29.63
C GLN D 48 -15.89 2.45 -29.65
N GLU D 49 -15.43 1.27 -29.27
CA GLU D 49 -16.21 0.01 -29.38
C GLU D 49 -17.27 -0.08 -28.26
N ASN D 50 -16.97 0.43 -27.06
CA ASN D 50 -17.72 0.07 -25.84
C ASN D 50 -17.97 1.31 -25.00
N PRO D 51 -19.20 1.85 -24.90
CA PRO D 51 -19.47 3.05 -24.12
CA PRO D 51 -19.47 3.05 -24.12
C PRO D 51 -19.28 2.88 -22.60
N LYS D 52 -19.13 1.65 -22.12
CA LYS D 52 -19.00 1.35 -20.67
CA LYS D 52 -18.99 1.32 -20.69
C LYS D 52 -17.54 1.51 -20.21
N ILE D 53 -16.58 1.60 -21.14
CA ILE D 53 -15.15 1.78 -20.75
C ILE D 53 -15.00 3.18 -20.16
N VAL D 54 -14.36 3.28 -18.98
CA VAL D 54 -13.94 4.57 -18.39
C VAL D 54 -12.48 4.43 -18.00
N VAL D 55 -11.77 5.55 -17.92
CA VAL D 55 -10.31 5.55 -17.68
C VAL D 55 -10.01 6.53 -16.56
N LEU D 56 -9.13 6.11 -15.64
CA LEU D 56 -8.69 6.95 -14.50
C LEU D 56 -7.17 7.04 -14.50
N ASP D 57 -6.65 8.15 -14.00
CA ASP D 57 -5.20 8.34 -13.82
C ASP D 57 -4.99 9.11 -12.52
N ALA D 58 -3.72 9.26 -12.16
CA ALA D 58 -3.29 9.95 -10.92
C ALA D 58 -2.20 10.96 -11.26
N ASP D 59 -2.56 11.97 -12.08
CA ASP D 59 -1.66 13.05 -12.57
C ASP D 59 -0.46 12.47 -13.33
N LEU D 60 -0.61 11.33 -14.02
CA LEU D 60 0.46 10.80 -14.89
C LEU D 60 -0.10 10.45 -16.27
N SER D 61 -1.24 11.04 -16.66
CA SER D 61 -1.89 10.75 -17.95
C SER D 61 -0.92 11.02 -19.12
N LYS D 62 -0.14 12.11 -19.04
CA LYS D 62 0.86 12.46 -20.07
C LYS D 62 1.87 11.33 -20.26
N SER D 63 2.22 10.63 -19.19
CA SER D 63 3.30 9.61 -19.16
C SER D 63 2.77 8.18 -19.36
N THR D 64 1.62 7.83 -18.80
CA THR D 64 1.02 6.49 -18.94
C THR D 64 0.43 6.31 -20.35
N LYS D 65 0.12 7.43 -21.01
CA LYS D 65 -0.57 7.47 -22.33
C LYS D 65 -2.06 7.21 -22.20
N THR D 66 -2.68 7.31 -21.02
CA THR D 66 -4.14 7.48 -20.92
C THR D 66 -4.54 8.80 -21.59
N SER D 67 -3.58 9.70 -21.86
CA SER D 67 -3.83 11.03 -22.47
C SER D 67 -4.56 10.87 -23.82
N ASP D 68 -4.29 9.79 -24.56
CA ASP D 68 -4.99 9.61 -25.88
C ASP D 68 -6.50 9.49 -25.64
N PHE D 69 -6.91 8.64 -24.71
CA PHE D 69 -8.32 8.44 -24.33
C PHE D 69 -8.87 9.73 -23.71
N ALA D 70 -8.09 10.40 -22.84
CA ALA D 70 -8.53 11.64 -22.17
C ALA D 70 -8.94 12.69 -23.22
N LYS D 71 -8.21 12.75 -24.33
CA LYS D 71 -8.48 13.74 -25.40
CA LYS D 71 -8.48 13.74 -25.40
C LYS D 71 -9.72 13.32 -26.20
N ALA D 72 -9.86 12.02 -26.48
CA ALA D 72 -10.96 11.48 -27.32
C ALA D 72 -12.29 11.46 -26.56
N PHE D 73 -12.27 11.14 -25.26
CA PHE D 73 -13.46 10.88 -24.44
C PHE D 73 -13.30 11.58 -23.09
N PRO D 74 -13.23 12.94 -23.05
CA PRO D 74 -13.00 13.62 -21.79
C PRO D 74 -14.07 13.33 -20.72
N GLU D 75 -15.32 13.07 -21.12
CA GLU D 75 -16.43 12.82 -20.16
CA GLU D 75 -16.42 12.84 -20.14
C GLU D 75 -16.33 11.42 -19.53
N ARG D 76 -15.48 10.56 -20.04
CA ARG D 76 -15.29 9.17 -19.52
CA ARG D 76 -15.31 9.20 -19.46
C ARG D 76 -13.89 9.02 -18.90
N PHE D 77 -13.18 10.13 -18.75
CA PHE D 77 -11.80 10.15 -18.21
C PHE D 77 -11.82 10.91 -16.91
N PHE D 78 -11.26 10.31 -15.85
CA PHE D 78 -11.29 10.87 -14.48
C PHE D 78 -9.88 10.91 -13.92
N ASN D 79 -9.30 12.10 -13.91
CA ASN D 79 -8.01 12.32 -13.22
C ASN D 79 -8.30 12.40 -11.72
N MET D 80 -7.60 11.58 -10.94
CA MET D 80 -7.83 11.57 -9.48
C MET D 80 -6.76 12.38 -8.75
N GLY D 81 -5.87 13.05 -9.49
CA GLY D 81 -4.74 13.73 -8.85
C GLY D 81 -3.78 12.73 -8.25
N ILE D 82 -2.88 13.21 -7.39
CA ILE D 82 -1.74 12.38 -6.89
C ILE D 82 -2.22 11.63 -5.65
N ALA D 83 -3.02 10.58 -5.86
CA ALA D 83 -3.88 9.96 -4.83
C ALA D 83 -4.18 8.53 -5.25
N GLU D 84 -3.17 7.67 -5.22
CA GLU D 84 -3.31 6.32 -5.82
C GLU D 84 -4.24 5.43 -4.98
N GLN D 85 -4.31 5.58 -3.66
CA GLN D 85 -5.27 4.75 -2.88
CA GLN D 85 -5.28 4.81 -2.83
C GLN D 85 -6.69 5.08 -3.35
N ASN D 86 -7.03 6.35 -3.44
CA ASN D 86 -8.39 6.76 -3.89
C ASN D 86 -8.60 6.40 -5.36
N LEU D 87 -7.57 6.47 -6.19
CA LEU D 87 -7.70 6.04 -7.62
C LEU D 87 -8.33 4.64 -7.65
N MET D 88 -7.78 3.70 -6.89
CA MET D 88 -8.25 2.30 -6.97
C MET D 88 -9.60 2.14 -6.26
N GLY D 89 -9.88 2.85 -5.18
CA GLY D 89 -11.20 2.78 -4.52
C GLY D 89 -12.29 3.33 -5.43
N VAL D 90 -12.03 4.47 -6.08
CA VAL D 90 -13.02 5.07 -7.01
C VAL D 90 -13.22 4.12 -8.20
N ALA D 91 -12.17 3.51 -8.71
CA ALA D 91 -12.32 2.54 -9.81
C ALA D 91 -13.23 1.40 -9.35
N ALA D 92 -13.00 0.86 -8.14
CA ALA D 92 -13.85 -0.22 -7.60
C ALA D 92 -15.31 0.24 -7.59
N GLY D 93 -15.59 1.43 -7.06
CA GLY D 93 -16.98 1.90 -7.02
C GLY D 93 -17.58 2.05 -8.42
N LEU D 94 -16.83 2.59 -9.37
CA LEU D 94 -17.32 2.77 -10.76
C LEU D 94 -17.69 1.41 -11.34
N SER D 95 -16.95 0.35 -11.02
CA SER D 95 -17.19 -1.00 -11.58
C SER D 95 -18.56 -1.52 -11.13
N THR D 96 -19.13 -1.00 -10.05
CA THR D 96 -20.43 -1.47 -9.50
C THR D 96 -21.59 -0.68 -10.14
N VAL D 97 -21.29 0.31 -10.97
CA VAL D 97 -22.34 1.16 -11.63
CA VAL D 97 -22.40 1.09 -11.61
C VAL D 97 -22.28 0.93 -13.14
N GLY D 98 -21.92 -0.27 -13.57
CA GLY D 98 -22.00 -0.69 -14.99
C GLY D 98 -20.85 -0.18 -15.85
N LYS D 99 -19.77 0.32 -15.26
CA LYS D 99 -18.59 0.78 -16.02
CA LYS D 99 -18.59 0.77 -16.05
C LYS D 99 -17.49 -0.30 -15.95
N ILE D 100 -16.61 -0.29 -16.94
CA ILE D 100 -15.40 -1.15 -17.00
C ILE D 100 -14.22 -0.20 -16.89
N PRO D 101 -13.68 0.03 -15.66
CA PRO D 101 -12.62 1.02 -15.49
C PRO D 101 -11.23 0.43 -15.74
N PHE D 102 -10.43 1.22 -16.44
CA PHE D 102 -8.97 1.06 -16.56
C PHE D 102 -8.35 2.15 -15.71
N ALA D 103 -7.58 1.77 -14.69
CA ALA D 103 -6.89 2.72 -13.78
C ALA D 103 -5.39 2.65 -14.03
N SER D 104 -4.75 3.79 -14.25
CA SER D 104 -3.31 3.85 -14.59
C SER D 104 -2.55 4.80 -13.67
N THR D 105 -1.31 4.41 -13.44
CA THR D 105 -0.21 5.20 -12.84
C THR D 105 1.04 4.34 -13.03
N PHE D 106 2.18 4.77 -12.51
CA PHE D 106 3.41 3.94 -12.59
C PHE D 106 3.26 2.72 -11.66
N ALA D 107 3.85 1.61 -12.06
CA ALA D 107 3.74 0.31 -11.35
C ALA D 107 4.10 0.45 -9.86
N VAL D 108 5.15 1.18 -9.48
CA VAL D 108 5.51 1.24 -8.04
CA VAL D 108 5.51 1.27 -8.04
C VAL D 108 4.32 1.83 -7.27
N PHE D 109 3.62 2.79 -7.82
CA PHE D 109 2.50 3.45 -7.11
C PHE D 109 1.22 2.64 -7.26
N ALA D 110 0.96 2.04 -8.41
CA ALA D 110 -0.28 1.27 -8.65
C ALA D 110 -0.29 0.02 -7.78
N ALA D 111 0.75 -0.80 -7.89
CA ALA D 111 0.82 -2.10 -7.20
C ALA D 111 1.11 -1.87 -5.71
N GLY D 112 1.93 -0.88 -5.37
CA GLY D 112 2.44 -0.73 -4.00
C GLY D 112 1.67 0.27 -3.17
N ARG D 113 1.56 1.52 -3.60
CA ARG D 113 0.89 2.55 -2.78
CA ARG D 113 0.89 2.55 -2.77
C ARG D 113 -0.57 2.15 -2.57
N ALA D 114 -1.20 1.54 -3.57
CA ALA D 114 -2.63 1.15 -3.51
C ALA D 114 -2.82 -0.35 -3.25
N PHE D 115 -1.78 -1.10 -2.90
CA PHE D 115 -1.86 -2.57 -2.73
C PHE D 115 -3.10 -2.97 -1.96
N GLU D 116 -3.30 -2.42 -0.75
CA GLU D 116 -4.32 -2.98 0.16
C GLU D 116 -5.73 -2.55 -0.25
N ILE D 117 -5.85 -1.51 -1.05
CA ILE D 117 -7.15 -1.11 -1.66
C ILE D 117 -7.44 -2.10 -2.79
N ILE D 118 -6.48 -2.40 -3.63
CA ILE D 118 -6.65 -3.46 -4.66
C ILE D 118 -7.03 -4.76 -3.95
N ARG D 119 -6.38 -5.09 -2.84
CA ARG D 119 -6.64 -6.35 -2.12
C ARG D 119 -8.08 -6.40 -1.60
N ASN D 120 -8.49 -5.42 -0.80
CA ASN D 120 -9.73 -5.52 -0.01
C ASN D 120 -10.95 -4.92 -0.72
N SER D 121 -10.78 -3.98 -1.66
CA SER D 121 -11.92 -3.38 -2.40
C SER D 121 -12.05 -3.93 -3.83
N ILE D 122 -11.05 -4.60 -4.37
CA ILE D 122 -11.12 -5.11 -5.77
C ILE D 122 -11.03 -6.65 -5.76
N CYS D 123 -9.97 -7.23 -5.21
CA CYS D 123 -9.75 -8.68 -5.35
C CYS D 123 -10.70 -9.49 -4.46
N TYR D 124 -10.85 -9.13 -3.19
CA TYR D 124 -11.73 -9.89 -2.28
C TYR D 124 -13.15 -9.93 -2.85
N PRO D 125 -13.78 -8.78 -3.20
CA PRO D 125 -15.12 -8.82 -3.80
C PRO D 125 -15.18 -9.20 -5.30
N LYS D 126 -14.02 -9.47 -5.90
CA LYS D 126 -13.86 -9.88 -7.31
C LYS D 126 -14.55 -8.86 -8.24
N LEU D 127 -14.17 -7.60 -8.12
CA LEU D 127 -14.76 -6.52 -8.94
C LEU D 127 -14.01 -6.38 -10.26
N ASN D 128 -14.72 -5.83 -11.25
CA ASN D 128 -14.28 -5.81 -12.66
C ASN D 128 -13.43 -4.57 -12.93
N VAL D 129 -12.26 -4.48 -12.30
CA VAL D 129 -11.31 -3.34 -12.47
C VAL D 129 -10.05 -3.82 -13.19
N LYS D 130 -9.60 -3.04 -14.17
CA LYS D 130 -8.35 -3.30 -14.92
C LYS D 130 -7.31 -2.28 -14.48
N ILE D 131 -6.17 -2.76 -14.02
CA ILE D 131 -5.05 -1.89 -13.59
CA ILE D 131 -5.04 -1.89 -13.58
C ILE D 131 -3.97 -1.98 -14.67
N ALA D 132 -3.71 -0.88 -15.36
CA ALA D 132 -2.71 -0.82 -16.43
C ALA D 132 -1.60 0.09 -15.94
N ALA D 133 -0.54 -0.51 -15.44
CA ALA D 133 0.55 0.20 -14.74
C ALA D 133 1.76 0.29 -15.66
N THR D 134 2.25 1.50 -15.89
CA THR D 134 3.36 1.73 -16.83
C THR D 134 4.68 1.86 -16.05
N HIS D 135 5.78 2.05 -16.77
CA HIS D 135 7.07 2.42 -16.14
C HIS D 135 7.44 1.32 -15.14
N ALA D 136 7.28 0.06 -15.51
CA ALA D 136 7.80 -1.04 -14.66
C ALA D 136 9.25 -1.32 -15.04
N GLY D 137 10.00 -1.89 -14.10
CA GLY D 137 11.34 -2.40 -14.35
C GLY D 137 12.42 -1.33 -14.32
N LEU D 138 13.62 -1.69 -14.74
CA LEU D 138 14.80 -0.77 -14.79
C LEU D 138 14.72 0.16 -16.00
N THR D 139 13.97 -0.18 -17.04
CA THR D 139 13.94 0.62 -18.30
C THR D 139 13.22 1.95 -18.08
N VAL D 140 12.70 2.21 -16.89
CA VAL D 140 12.30 3.58 -16.47
C VAL D 140 13.48 4.53 -16.65
N GLY D 141 14.69 4.10 -16.31
CA GLY D 141 15.89 4.91 -16.53
C GLY D 141 16.10 5.95 -15.44
N GLU D 142 16.23 7.21 -15.82
CA GLU D 142 16.92 8.23 -15.00
C GLU D 142 16.14 8.63 -13.74
N ASP D 143 14.84 8.42 -13.66
CA ASP D 143 14.11 8.72 -12.39
C ASP D 143 14.67 7.85 -11.25
N GLY D 144 15.24 6.67 -11.54
CA GLY D 144 15.99 5.88 -10.56
C GLY D 144 15.13 5.01 -9.65
N ALA D 145 15.72 4.62 -8.53
CA ALA D 145 15.29 3.45 -7.75
C ALA D 145 13.86 3.57 -7.25
N SER D 146 13.43 4.75 -6.81
CA SER D 146 12.09 4.92 -6.20
C SER D 146 10.99 4.61 -7.22
N HIS D 147 11.31 4.73 -8.51
CA HIS D 147 10.33 4.61 -9.62
C HIS D 147 10.48 3.28 -10.38
N GLN D 148 11.57 2.55 -10.18
CA GLN D 148 11.85 1.31 -10.95
C GLN D 148 11.21 0.12 -10.26
N ALA D 149 10.02 -0.28 -10.71
CA ALA D 149 9.26 -1.38 -10.08
C ALA D 149 9.97 -2.72 -10.34
N ILE D 150 10.48 -3.36 -9.30
CA ILE D 150 11.12 -4.70 -9.38
C ILE D 150 10.35 -5.71 -8.52
N GLU D 151 9.22 -5.30 -7.95
CA GLU D 151 8.42 -6.10 -6.98
C GLU D 151 6.96 -6.28 -7.41
N ASP D 152 6.52 -5.57 -8.44
CA ASP D 152 5.08 -5.43 -8.72
C ASP D 152 4.47 -6.79 -9.11
N LEU D 153 5.21 -7.65 -9.81
CA LEU D 153 4.66 -8.97 -10.19
C LEU D 153 4.51 -9.85 -8.95
N ALA D 154 5.41 -9.77 -7.99
CA ALA D 154 5.27 -10.54 -6.73
C ALA D 154 3.99 -10.12 -5.99
N LEU D 155 3.74 -8.81 -5.94
CA LEU D 155 2.56 -8.26 -5.23
C LEU D 155 1.28 -8.69 -5.96
N MET D 156 1.23 -8.57 -7.27
CA MET D 156 -0.04 -8.85 -7.97
C MET D 156 -0.27 -10.36 -8.08
N ARG D 157 0.77 -11.18 -8.18
CA ARG D 157 0.65 -12.66 -8.30
CA ARG D 157 0.50 -12.64 -8.36
C ARG D 157 0.08 -13.28 -7.02
N VAL D 158 0.37 -12.67 -5.85
CA VAL D 158 -0.09 -13.28 -4.58
C VAL D 158 -1.57 -12.95 -4.30
N LEU D 159 -2.20 -12.07 -5.08
CA LEU D 159 -3.60 -11.70 -4.79
C LEU D 159 -4.56 -12.73 -5.38
N PRO D 160 -5.39 -13.38 -4.53
CA PRO D 160 -6.47 -14.20 -5.06
C PRO D 160 -7.38 -13.39 -5.98
N ASN D 161 -7.82 -14.02 -7.05
CA ASN D 161 -8.75 -13.47 -8.07
C ASN D 161 -8.05 -12.50 -9.03
N MET D 162 -6.80 -12.14 -8.83
CA MET D 162 -6.07 -11.26 -9.77
C MET D 162 -5.51 -12.09 -10.93
N GLN D 163 -5.65 -11.59 -12.15
CA GLN D 163 -4.93 -12.11 -13.33
C GLN D 163 -3.83 -11.13 -13.68
N VAL D 164 -2.67 -11.63 -14.07
CA VAL D 164 -1.43 -10.84 -14.23
C VAL D 164 -0.86 -11.11 -15.62
N PHE D 165 -0.88 -10.08 -16.47
CA PHE D 165 -0.48 -10.20 -17.89
C PHE D 165 0.64 -9.21 -18.18
N VAL D 166 1.67 -9.68 -18.85
CA VAL D 166 2.93 -8.91 -19.07
C VAL D 166 3.28 -8.94 -20.56
N PRO D 167 2.80 -7.96 -21.36
CA PRO D 167 3.09 -8.00 -22.79
C PRO D 167 4.57 -7.83 -23.14
N ALA D 168 5.01 -8.50 -24.21
CA ALA D 168 6.38 -8.40 -24.72
C ALA D 168 6.58 -7.15 -25.58
N ASP D 169 5.58 -6.79 -26.38
CA ASP D 169 5.73 -5.79 -27.46
C ASP D 169 4.39 -5.11 -27.72
N ALA D 170 4.33 -4.25 -28.75
CA ALA D 170 3.11 -3.49 -29.07
C ALA D 170 1.96 -4.42 -29.47
N ALA D 171 2.20 -5.40 -30.34
CA ALA D 171 1.10 -6.27 -30.84
C ALA D 171 0.49 -7.06 -29.68
N GLN D 172 1.32 -7.61 -28.79
CA GLN D 172 0.79 -8.41 -27.67
C GLN D 172 0.13 -7.47 -26.66
N THR D 173 0.60 -6.23 -26.53
CA THR D 173 -0.04 -5.25 -25.63
C THR D 173 -1.50 -5.04 -26.08
N ARG D 174 -1.70 -4.77 -27.37
CA ARG D 174 -3.05 -4.51 -27.90
C ARG D 174 -3.95 -5.74 -27.64
N ALA D 175 -3.47 -6.95 -27.88
CA ALA D 175 -4.25 -8.18 -27.68
C ALA D 175 -4.62 -8.33 -26.19
N ILE D 176 -3.67 -8.05 -25.29
CA ILE D 176 -3.89 -8.23 -23.83
C ILE D 176 -4.87 -7.17 -23.34
N VAL D 177 -4.74 -5.93 -23.79
CA VAL D 177 -5.66 -4.85 -23.34
C VAL D 177 -7.09 -5.18 -23.77
N LYS D 178 -7.27 -5.62 -25.02
CA LYS D 178 -8.62 -5.99 -25.53
C LYS D 178 -9.17 -7.18 -24.75
N LYS D 179 -8.35 -8.19 -24.48
CA LYS D 179 -8.79 -9.37 -23.71
C LYS D 179 -9.18 -8.94 -22.28
N ALA D 180 -8.38 -8.09 -21.64
CA ALA D 180 -8.67 -7.63 -20.26
C ALA D 180 -10.06 -6.99 -20.20
N ALA D 181 -10.48 -6.25 -21.22
CA ALA D 181 -11.79 -5.56 -21.26
C ALA D 181 -12.94 -6.59 -21.38
N GLU D 182 -12.66 -7.78 -21.94
CA GLU D 182 -13.67 -8.85 -22.17
CA GLU D 182 -13.64 -8.87 -22.19
C GLU D 182 -13.80 -9.73 -20.92
N ILE D 183 -12.72 -9.95 -20.19
CA ILE D 183 -12.66 -10.73 -18.92
CA ILE D 183 -12.83 -10.84 -19.01
C ILE D 183 -13.57 -10.10 -17.88
N GLU D 184 -14.26 -10.89 -17.08
CA GLU D 184 -15.00 -10.38 -15.88
CA GLU D 184 -15.01 -10.39 -15.88
C GLU D 184 -14.12 -10.61 -14.66
N GLY D 185 -13.60 -9.54 -14.08
CA GLY D 185 -12.81 -9.62 -12.83
C GLY D 185 -11.52 -8.83 -12.91
N PRO D 186 -10.75 -8.83 -11.81
CA PRO D 186 -9.54 -8.02 -11.70
C PRO D 186 -8.42 -8.46 -12.65
N VAL D 187 -7.78 -7.50 -13.30
CA VAL D 187 -6.64 -7.76 -14.21
C VAL D 187 -5.56 -6.70 -13.96
N TYR D 188 -4.31 -7.12 -13.92
CA TYR D 188 -3.12 -6.25 -13.87
C TYR D 188 -2.35 -6.44 -15.17
N ILE D 189 -2.16 -5.34 -15.90
CA ILE D 189 -1.36 -5.30 -17.14
C ILE D 189 -0.10 -4.49 -16.86
N ARG D 190 1.04 -5.15 -17.00
CA ARG D 190 2.35 -4.51 -16.72
C ARG D 190 2.89 -3.91 -18.00
N LEU D 191 3.20 -2.62 -17.99
CA LEU D 191 3.66 -1.88 -19.17
C LEU D 191 4.98 -1.16 -18.89
N GLY D 192 5.60 -0.64 -19.94
N GLY D 192 5.58 -0.62 -19.95
CA GLY D 192 6.95 -0.06 -19.87
CA GLY D 192 6.96 -0.08 -19.94
C GLY D 192 7.05 1.29 -20.54
C GLY D 192 6.99 1.43 -20.04
N ARG D 193 8.18 1.95 -20.33
CA ARG D 193 8.42 3.34 -20.76
C ARG D 193 8.95 3.38 -22.20
N SER D 194 9.91 2.50 -22.51
CA SER D 194 10.81 2.63 -23.69
CA SER D 194 10.81 2.64 -23.69
C SER D 194 10.33 1.77 -24.86
N GLY D 195 10.68 2.16 -26.08
CA GLY D 195 10.44 1.33 -27.28
C GLY D 195 11.10 -0.03 -27.11
N VAL D 196 10.43 -1.08 -27.60
CA VAL D 196 10.89 -2.49 -27.50
C VAL D 196 10.75 -3.15 -28.86
N PRO D 197 11.60 -4.14 -29.18
CA PRO D 197 11.54 -4.82 -30.47
C PRO D 197 10.25 -5.60 -30.69
N GLU D 198 9.84 -5.70 -31.95
CA GLU D 198 8.69 -6.52 -32.39
CA GLU D 198 8.69 -6.53 -32.40
C GLU D 198 9.03 -8.00 -32.13
N VAL D 199 8.07 -8.72 -31.56
CA VAL D 199 8.17 -10.19 -31.31
C VAL D 199 6.99 -10.89 -31.98
N PHE D 200 5.78 -10.36 -31.82
CA PHE D 200 4.51 -10.98 -32.26
C PHE D 200 3.99 -10.25 -33.48
N SER D 201 3.20 -10.94 -34.30
CA SER D 201 2.53 -10.35 -35.50
CA SER D 201 2.55 -10.34 -35.49
C SER D 201 1.27 -9.61 -35.05
N PRO D 202 0.75 -8.67 -35.85
CA PRO D 202 -0.48 -7.97 -35.50
C PRO D 202 -1.70 -8.87 -35.33
N ASP D 203 -1.63 -10.12 -35.79
CA ASP D 203 -2.75 -11.10 -35.74
CA ASP D 203 -2.77 -11.08 -35.72
C ASP D 203 -2.74 -11.87 -34.40
N ILE D 204 -1.81 -11.56 -33.49
CA ILE D 204 -1.64 -12.35 -32.24
C ILE D 204 -2.98 -12.44 -31.51
N ARG D 205 -3.28 -13.65 -31.04
CA ARG D 205 -4.46 -13.95 -30.17
CA ARG D 205 -4.46 -13.96 -30.18
C ARG D 205 -3.94 -14.26 -28.76
N PHE D 206 -4.41 -13.49 -27.77
CA PHE D 206 -3.98 -13.70 -26.37
C PHE D 206 -5.00 -14.57 -25.64
N GLU D 207 -4.52 -15.65 -25.02
CA GLU D 207 -5.36 -16.59 -24.24
CA GLU D 207 -5.36 -16.59 -24.24
C GLU D 207 -4.80 -16.72 -22.82
N PRO D 208 -5.52 -16.20 -21.80
CA PRO D 208 -5.10 -16.38 -20.41
C PRO D 208 -4.85 -17.86 -20.12
N GLY D 209 -3.72 -18.16 -19.48
CA GLY D 209 -3.32 -19.53 -19.13
C GLY D 209 -2.56 -20.26 -20.21
N ARG D 210 -2.28 -19.60 -21.34
CA ARG D 210 -1.53 -20.21 -22.47
CA ARG D 210 -1.55 -20.20 -22.48
C ARG D 210 -0.30 -19.38 -22.77
N GLY D 211 0.86 -20.04 -22.77
CA GLY D 211 2.14 -19.47 -23.22
C GLY D 211 2.36 -19.80 -24.67
N THR D 212 3.44 -19.31 -25.26
CA THR D 212 3.73 -19.47 -26.70
C THR D 212 5.13 -20.00 -26.89
N VAL D 213 5.27 -21.07 -27.66
CA VAL D 213 6.62 -21.54 -28.08
C VAL D 213 7.03 -20.71 -29.29
N LEU D 214 8.06 -19.89 -29.15
CA LEU D 214 8.54 -18.97 -30.22
C LEU D 214 9.71 -19.62 -30.97
N LYS D 215 10.35 -20.60 -30.38
CA LYS D 215 11.50 -21.34 -30.99
C LYS D 215 11.54 -22.70 -30.35
N GLU D 216 11.82 -23.75 -31.14
CA GLU D 216 11.96 -25.12 -30.61
CA GLU D 216 11.95 -25.13 -30.64
C GLU D 216 13.45 -25.44 -30.40
N GLY D 217 13.73 -26.29 -29.43
CA GLY D 217 15.10 -26.76 -29.11
C GLY D 217 15.07 -27.82 -28.04
N LYS D 218 15.97 -28.78 -28.08
CA LYS D 218 15.96 -29.98 -27.20
CA LYS D 218 15.91 -29.96 -27.17
C LYS D 218 16.82 -29.81 -25.95
N ASP D 219 17.75 -28.83 -25.92
CA ASP D 219 18.82 -28.83 -24.88
C ASP D 219 18.38 -28.11 -23.59
N VAL D 220 17.55 -27.08 -23.72
CA VAL D 220 17.17 -26.19 -22.58
C VAL D 220 15.93 -25.43 -23.02
N THR D 221 15.13 -24.97 -22.06
CA THR D 221 14.02 -24.03 -22.32
C THR D 221 14.31 -22.70 -21.63
N ILE D 222 14.22 -21.61 -22.38
CA ILE D 222 14.24 -20.25 -21.80
C ILE D 222 12.80 -19.79 -21.75
N VAL D 223 12.29 -19.52 -20.54
CA VAL D 223 10.93 -18.96 -20.31
C VAL D 223 11.10 -17.49 -19.98
N ALA D 224 10.42 -16.60 -20.70
CA ALA D 224 10.61 -15.16 -20.52
C ALA D 224 9.29 -14.41 -20.62
N LEU D 225 9.28 -13.17 -20.16
CA LEU D 225 8.15 -12.27 -20.41
C LEU D 225 8.66 -10.84 -20.46
N GLY D 226 7.81 -9.95 -20.94
CA GLY D 226 8.12 -8.52 -21.04
C GLY D 226 9.28 -8.31 -21.99
N ILE D 227 10.20 -7.41 -21.65
CA ILE D 227 11.33 -7.06 -22.54
C ILE D 227 12.27 -8.26 -22.72
N MET D 228 12.19 -9.27 -21.86
CA MET D 228 13.20 -10.35 -21.87
C MET D 228 12.86 -11.37 -22.97
N THR D 229 11.64 -11.38 -23.52
CA THR D 229 11.30 -12.37 -24.58
C THR D 229 12.19 -12.15 -25.81
N ALA D 230 12.34 -10.90 -26.25
CA ALA D 230 13.19 -10.59 -27.43
C ALA D 230 14.64 -10.96 -27.11
N LYS D 231 15.08 -10.71 -25.88
CA LYS D 231 16.47 -11.03 -25.46
C LYS D 231 16.69 -12.54 -25.41
N ALA D 232 15.65 -13.32 -25.03
CA ALA D 232 15.72 -14.79 -25.01
C ALA D 232 15.92 -15.31 -26.44
N LEU D 233 15.21 -14.71 -27.40
CA LEU D 233 15.38 -15.10 -28.83
C LEU D 233 16.80 -14.76 -29.30
N GLU D 234 17.35 -13.61 -28.91
CA GLU D 234 18.75 -13.24 -29.24
CA GLU D 234 18.75 -13.24 -29.25
C GLU D 234 19.72 -14.23 -28.58
N ALA D 235 19.51 -14.57 -27.31
CA ALA D 235 20.34 -15.57 -26.60
C ALA D 235 20.28 -16.91 -27.35
N ALA D 236 19.08 -17.31 -27.81
CA ALA D 236 18.92 -18.61 -28.49
C ALA D 236 19.71 -18.60 -29.80
N LYS D 237 19.80 -17.46 -30.51
CA LYS D 237 20.63 -17.37 -31.74
CA LYS D 237 20.62 -17.36 -31.73
C LYS D 237 22.10 -17.53 -31.37
N MET D 238 22.55 -16.86 -30.29
CA MET D 238 23.95 -16.99 -29.81
C MET D 238 24.25 -18.44 -29.43
N LEU D 239 23.31 -19.13 -28.78
CA LEU D 239 23.50 -20.54 -28.34
C LEU D 239 23.58 -21.46 -29.56
N GLU D 240 22.74 -21.25 -30.57
CA GLU D 240 22.73 -22.08 -31.81
CA GLU D 240 22.75 -22.13 -31.77
C GLU D 240 24.13 -22.04 -32.43
N ALA D 241 24.79 -20.88 -32.37
CA ALA D 241 26.14 -20.67 -32.95
C ALA D 241 27.19 -21.51 -32.21
N GLU D 242 26.92 -21.96 -30.98
CA GLU D 242 27.85 -22.87 -30.24
CA GLU D 242 27.78 -22.82 -30.14
C GLU D 242 27.20 -24.25 -30.03
N GLY D 243 26.25 -24.61 -30.90
CA GLY D 243 25.70 -25.98 -31.00
C GLY D 243 24.72 -26.33 -29.88
N ILE D 244 24.11 -25.32 -29.25
CA ILE D 244 23.06 -25.51 -28.19
CA ILE D 244 23.07 -25.52 -28.19
C ILE D 244 21.71 -25.06 -28.75
N ALA D 245 20.72 -25.95 -28.71
CA ALA D 245 19.36 -25.71 -29.22
C ALA D 245 18.42 -25.37 -28.06
N ALA D 246 18.05 -24.10 -27.94
CA ALA D 246 17.15 -23.63 -26.86
C ALA D 246 15.72 -23.51 -27.39
N ARG D 247 14.78 -24.08 -26.65
CA ARG D 247 13.35 -23.74 -26.77
C ARG D 247 13.17 -22.37 -26.13
N VAL D 248 12.36 -21.51 -26.75
CA VAL D 248 12.05 -20.18 -26.16
C VAL D 248 10.53 -20.14 -25.97
N VAL D 249 10.08 -19.84 -24.75
CA VAL D 249 8.65 -19.75 -24.38
C VAL D 249 8.38 -18.33 -23.89
N ASP D 250 7.41 -17.65 -24.48
CA ASP D 250 6.86 -16.40 -23.92
C ASP D 250 5.74 -16.75 -22.95
N MET D 251 5.76 -16.19 -21.74
CA MET D 251 4.74 -16.45 -20.69
C MET D 251 4.15 -15.11 -20.24
N ALA D 252 3.65 -14.30 -21.18
CA ALA D 252 2.95 -13.05 -20.83
C ALA D 252 1.84 -13.35 -19.80
N SER D 253 1.18 -14.50 -19.91
CA SER D 253 0.17 -14.95 -18.93
C SER D 253 0.87 -15.48 -17.68
N LEU D 254 1.26 -14.59 -16.76
CA LEU D 254 1.97 -15.02 -15.53
C LEU D 254 0.99 -15.64 -14.51
N LYS D 255 -0.23 -15.13 -14.47
CA LYS D 255 -1.29 -15.70 -13.61
C LYS D 255 -2.61 -15.54 -14.35
N PRO D 256 -3.30 -16.63 -14.76
CA PRO D 256 -2.87 -18.02 -14.55
C PRO D 256 -1.71 -18.43 -15.46
N ILE D 257 -0.72 -19.12 -14.91
CA ILE D 257 0.47 -19.56 -15.68
C ILE D 257 0.11 -20.82 -16.48
N ASP D 258 0.83 -21.05 -17.57
CA ASP D 258 0.64 -22.27 -18.42
C ASP D 258 1.42 -23.43 -17.80
N ARG D 259 0.83 -24.11 -16.82
CA ARG D 259 1.49 -25.20 -16.09
C ARG D 259 1.83 -26.33 -17.09
N GLU D 260 0.89 -26.66 -17.97
CA GLU D 260 1.08 -27.79 -18.91
C GLU D 260 2.28 -27.53 -19.82
N LEU D 261 2.45 -26.30 -20.32
CA LEU D 261 3.58 -25.96 -21.22
C LEU D 261 4.89 -26.04 -20.43
N LEU D 262 4.90 -25.64 -19.15
CA LEU D 262 6.11 -25.76 -18.33
C LEU D 262 6.51 -27.22 -18.18
N VAL D 263 5.56 -28.09 -17.87
CA VAL D 263 5.85 -29.54 -17.66
C VAL D 263 6.30 -30.16 -19.01
N GLU D 264 5.63 -29.81 -20.10
CA GLU D 264 6.05 -30.30 -21.45
C GLU D 264 7.50 -29.90 -21.70
N SER D 265 7.85 -28.64 -21.43
CA SER D 265 9.22 -28.12 -21.63
C SER D 265 10.22 -28.88 -20.75
N ALA D 266 9.87 -29.16 -19.49
CA ALA D 266 10.71 -29.92 -18.56
C ALA D 266 10.94 -31.33 -19.12
N ARG D 267 9.88 -31.97 -19.63
CA ARG D 267 10.01 -33.36 -20.18
C ARG D 267 10.90 -33.35 -21.42
N LEU D 268 10.77 -32.36 -22.28
CA LEU D 268 11.54 -32.34 -23.56
C LEU D 268 13.00 -31.97 -23.32
N THR D 269 13.29 -31.04 -22.39
CA THR D 269 14.62 -30.36 -22.34
C THR D 269 15.38 -30.60 -21.02
N GLY D 270 14.69 -30.89 -19.92
CA GLY D 270 15.32 -31.21 -18.62
C GLY D 270 15.96 -30.02 -17.90
N ALA D 271 15.80 -28.80 -18.40
CA ALA D 271 16.43 -27.63 -17.75
C ALA D 271 15.73 -26.36 -18.20
N VAL D 272 15.51 -25.44 -17.25
CA VAL D 272 14.84 -24.16 -17.55
C VAL D 272 15.71 -22.99 -17.06
N VAL D 273 15.81 -21.98 -17.89
CA VAL D 273 16.24 -20.62 -17.49
C VAL D 273 15.03 -19.71 -17.57
N THR D 274 14.77 -18.93 -16.53
CA THR D 274 13.72 -17.89 -16.56
C THR D 274 14.38 -16.53 -16.71
N ALA D 275 13.72 -15.59 -17.37
CA ALA D 275 14.28 -14.25 -17.61
C ALA D 275 13.18 -13.21 -17.44
N GLU D 276 13.39 -12.28 -16.51
CA GLU D 276 12.37 -11.26 -16.17
C GLU D 276 13.05 -9.94 -15.76
N GLU D 277 12.43 -8.84 -16.13
CA GLU D 277 12.83 -7.48 -15.69
C GLU D 277 12.12 -7.20 -14.36
N HIS D 278 12.55 -7.91 -13.33
CA HIS D 278 11.85 -8.00 -12.03
C HIS D 278 12.81 -8.70 -11.08
N SER D 279 12.60 -8.55 -9.77
CA SER D 279 13.34 -9.35 -8.78
C SER D 279 13.27 -10.84 -9.15
N VAL D 280 14.34 -11.57 -8.87
CA VAL D 280 14.31 -13.06 -8.89
C VAL D 280 13.39 -13.59 -7.80
N ILE D 281 13.01 -12.79 -6.81
CA ILE D 281 12.05 -13.21 -5.75
C ILE D 281 10.62 -12.91 -6.21
N GLY D 282 9.77 -13.94 -6.24
CA GLY D 282 8.32 -13.78 -6.30
C GLY D 282 7.71 -13.55 -7.66
N GLY D 283 8.52 -13.47 -8.72
CA GLY D 283 8.03 -13.21 -10.08
C GLY D 283 7.98 -14.47 -10.94
N LEU D 284 8.46 -14.36 -12.18
CA LEU D 284 8.40 -15.49 -13.15
C LEU D 284 9.23 -16.66 -12.66
N GLY D 285 10.49 -16.45 -12.28
CA GLY D 285 11.35 -17.53 -11.80
C GLY D 285 10.70 -18.27 -10.65
N SER D 286 10.11 -17.53 -9.71
CA SER D 286 9.38 -18.10 -8.56
CA SER D 286 9.39 -18.13 -8.55
C SER D 286 8.18 -18.92 -9.04
N ALA D 287 7.39 -18.37 -9.95
CA ALA D 287 6.16 -19.03 -10.43
C ALA D 287 6.54 -20.36 -11.11
N VAL D 288 7.59 -20.35 -11.91
CA VAL D 288 8.04 -21.57 -12.64
C VAL D 288 8.60 -22.59 -11.64
N ALA D 289 9.44 -22.15 -10.69
CA ALA D 289 9.99 -23.04 -9.65
C ALA D 289 8.85 -23.67 -8.86
N GLU D 290 7.83 -22.90 -8.48
CA GLU D 290 6.68 -23.41 -7.71
C GLU D 290 6.03 -24.57 -8.50
N VAL D 291 5.75 -24.36 -9.77
CA VAL D 291 5.06 -25.39 -10.61
C VAL D 291 5.96 -26.61 -10.75
N LEU D 292 7.17 -26.44 -11.22
CA LEU D 292 8.01 -27.62 -11.58
C LEU D 292 8.41 -28.37 -10.31
N SER D 293 8.61 -27.71 -9.17
CA SER D 293 8.98 -28.41 -7.93
CA SER D 293 8.98 -28.42 -7.93
C SER D 293 7.84 -29.33 -7.46
N GLU D 294 6.57 -29.06 -7.84
CA GLU D 294 5.46 -29.93 -7.39
CA GLU D 294 5.40 -29.86 -7.41
C GLU D 294 5.06 -30.92 -8.49
N GLU D 295 5.52 -30.75 -9.74
CA GLU D 295 5.02 -31.58 -10.88
CA GLU D 295 5.02 -31.52 -10.93
C GLU D 295 6.14 -32.33 -11.59
N TYR D 296 7.33 -31.75 -11.76
CA TYR D 296 8.41 -32.36 -12.58
C TYR D 296 9.72 -31.66 -12.24
N PRO D 297 10.31 -31.95 -11.07
CA PRO D 297 11.44 -31.15 -10.58
C PRO D 297 12.68 -31.26 -11.46
N ILE D 298 13.13 -30.11 -11.96
CA ILE D 298 14.34 -29.94 -12.82
C ILE D 298 15.00 -28.63 -12.43
N PRO D 299 16.22 -28.36 -12.92
CA PRO D 299 16.86 -27.07 -12.69
C PRO D 299 16.03 -25.92 -13.25
N VAL D 300 15.90 -24.87 -12.44
CA VAL D 300 15.31 -23.56 -12.85
C VAL D 300 16.32 -22.49 -12.43
N VAL D 301 17.08 -21.99 -13.38
CA VAL D 301 18.12 -20.96 -13.16
C VAL D 301 17.51 -19.61 -13.52
N LYS D 302 17.55 -18.65 -12.60
CA LYS D 302 16.73 -17.41 -12.70
CA LYS D 302 16.73 -17.41 -12.71
C LYS D 302 17.61 -16.22 -13.11
N VAL D 303 17.28 -15.60 -14.22
CA VAL D 303 17.84 -14.30 -14.65
C VAL D 303 16.83 -13.23 -14.26
N GLY D 304 17.25 -12.26 -13.45
CA GLY D 304 16.40 -11.15 -13.02
C GLY D 304 17.20 -10.23 -12.15
N VAL D 305 16.53 -9.29 -11.50
CA VAL D 305 17.23 -8.34 -10.60
C VAL D 305 17.55 -9.10 -9.32
N ASN D 306 18.80 -9.04 -8.87
CA ASN D 306 19.31 -9.92 -7.79
CA ASN D 306 19.34 -9.91 -7.80
C ASN D 306 19.01 -9.32 -6.41
N ASP D 307 17.73 -9.12 -6.11
CA ASP D 307 17.25 -8.68 -4.77
C ASP D 307 17.95 -7.38 -4.37
N VAL D 308 17.95 -6.44 -5.29
CA VAL D 308 18.46 -5.06 -5.09
C VAL D 308 17.46 -4.09 -5.68
N PHE D 309 17.51 -2.85 -5.22
CA PHE D 309 16.89 -1.70 -5.91
C PHE D 309 17.76 -1.29 -7.08
N GLY D 310 17.16 -0.58 -8.01
CA GLY D 310 17.90 0.00 -9.15
C GLY D 310 18.58 1.30 -8.79
N GLU D 311 18.83 2.12 -9.81
CA GLU D 311 19.54 3.41 -9.68
C GLU D 311 19.28 4.21 -10.96
N SER D 312 19.60 5.50 -10.97
CA SER D 312 19.47 6.35 -12.16
C SER D 312 20.51 5.93 -13.21
N GLY D 313 20.07 5.88 -14.47
CA GLY D 313 20.96 5.69 -15.61
C GLY D 313 20.15 5.52 -16.87
N THR D 314 20.80 5.42 -18.03
CA THR D 314 20.09 5.08 -19.26
C THR D 314 19.55 3.66 -19.13
N PRO D 315 18.39 3.36 -19.75
CA PRO D 315 17.88 1.98 -19.75
C PRO D 315 18.94 0.95 -20.15
N GLN D 316 19.69 1.19 -21.24
CA GLN D 316 20.66 0.17 -21.71
CA GLN D 316 20.71 0.23 -21.76
C GLN D 316 21.79 0.00 -20.70
N ALA D 317 22.31 1.07 -20.10
CA ALA D 317 23.41 0.95 -19.13
C ALA D 317 22.91 0.14 -17.91
N LEU D 318 21.67 0.38 -17.50
CA LEU D 318 21.08 -0.33 -16.33
C LEU D 318 20.90 -1.83 -16.64
N LEU D 319 20.37 -2.16 -17.81
CA LEU D 319 20.19 -3.60 -18.16
C LEU D 319 21.55 -4.30 -18.15
N GLU D 320 22.60 -3.63 -18.64
CA GLU D 320 23.96 -4.22 -18.66
CA GLU D 320 23.95 -4.25 -18.67
C GLU D 320 24.46 -4.41 -17.24
N LYS D 321 24.36 -3.38 -16.41
CA LYS D 321 24.94 -3.43 -15.05
C LYS D 321 24.22 -4.49 -14.20
N TYR D 322 22.90 -4.60 -14.33
CA TYR D 322 22.05 -5.44 -13.44
C TYR D 322 21.86 -6.85 -14.05
N GLY D 323 22.49 -7.12 -15.19
CA GLY D 323 22.57 -8.51 -15.72
C GLY D 323 21.32 -8.97 -16.47
N LEU D 324 20.64 -8.06 -17.16
CA LEU D 324 19.41 -8.36 -17.93
C LEU D 324 19.68 -8.26 -19.44
N THR D 325 20.71 -8.95 -19.90
CA THR D 325 21.13 -8.93 -21.33
C THR D 325 21.02 -10.34 -21.90
N ALA D 326 21.03 -10.45 -23.23
CA ALA D 326 21.10 -11.75 -23.91
C ALA D 326 22.32 -12.54 -23.44
N ARG D 327 23.48 -11.89 -23.26
CA ARG D 327 24.71 -12.59 -22.82
CA ARG D 327 24.74 -12.52 -22.78
C ARG D 327 24.51 -13.18 -21.40
N ASP D 328 23.77 -12.50 -20.52
CA ASP D 328 23.46 -13.04 -19.17
C ASP D 328 22.55 -14.27 -19.28
N VAL D 329 21.62 -14.26 -20.23
CA VAL D 329 20.75 -15.45 -20.47
C VAL D 329 21.62 -16.61 -20.99
N VAL D 330 22.56 -16.32 -21.88
CA VAL D 330 23.50 -17.38 -22.37
C VAL D 330 24.27 -17.97 -21.18
N ALA D 331 24.79 -17.13 -20.27
CA ALA D 331 25.56 -17.60 -19.11
C ALA D 331 24.68 -18.49 -18.22
N ALA D 332 23.42 -18.10 -18.01
CA ALA D 332 22.48 -18.88 -17.18
C ALA D 332 22.20 -20.24 -17.84
N VAL D 333 22.08 -20.27 -19.16
CA VAL D 333 21.88 -21.55 -19.90
C VAL D 333 23.11 -22.45 -19.68
N GLN D 334 24.32 -21.90 -19.79
CA GLN D 334 25.54 -22.73 -19.56
C GLN D 334 25.49 -23.33 -18.16
N LYS D 335 25.09 -22.56 -17.14
CA LYS D 335 24.97 -23.08 -15.75
CA LYS D 335 24.98 -23.10 -15.75
C LYS D 335 23.90 -24.20 -15.70
N ALA D 336 22.72 -23.95 -16.29
CA ALA D 336 21.61 -24.92 -16.27
C ALA D 336 22.05 -26.25 -16.91
N LEU D 337 22.82 -26.19 -17.99
CA LEU D 337 23.31 -27.43 -18.68
C LEU D 337 24.23 -28.23 -17.77
N THR D 338 24.99 -27.59 -16.87
CA THR D 338 25.87 -28.33 -15.92
C THR D 338 25.03 -29.03 -14.86
N LEU D 339 23.80 -28.58 -14.61
CA LEU D 339 22.94 -29.09 -13.51
C LEU D 339 21.98 -30.18 -14.03
N LYS D 340 21.74 -30.25 -15.33
CA LYS D 340 20.63 -31.13 -15.83
C LYS D 340 21.09 -32.59 -15.83
N ARG D 341 20.12 -33.49 -15.75
CA ARG D 341 20.38 -34.96 -15.84
C ARG D 341 20.70 -35.35 -17.28
C4' 8EL E . 5.38 10.49 -7.61
C5' 8EL E . 4.45 10.60 -8.67
C6' 8EL E . 3.21 10.05 -8.42
N1' 8EL E . 2.86 9.47 -7.25
N3' 8EL E . 5.04 9.94 -6.43
C2' 8EL E . 3.79 9.46 -6.29
CM4 8EL E . 2.55 13.20 -10.35
CM2 8EL E . 3.43 8.83 -4.99
C7 8EL E . 3.96 16.82 -8.72
C6 8EL E . 3.66 16.14 -10.02
C2 8EL E . 6.21 13.20 -9.86
C7' 8EL E . 4.81 11.21 -10.02
C4 8EL E . 3.98 13.61 -10.14
C5 8EL E . 4.45 14.87 -10.07
N4' 8EL E . 6.66 10.89 -7.72
N3 8EL E . 5.00 12.67 -10.01
O1B 8EL E . 4.89 21.74 -9.40
O1A 8EL E . 2.81 20.26 -7.80
O2B 8EL E . 6.50 21.83 -7.50
O3B 8EL E . 7.02 20.50 -9.55
O2A 8EL E . 3.84 18.49 -6.31
O7 8EL E . 3.50 18.16 -8.82
O3A 8EL E . 5.30 19.70 -7.94
PB 8EL E . 5.99 21.00 -8.67
PA 8EL E . 3.83 19.19 -7.64
S1 8EL E . 6.19 14.90 -9.93
H1 8EL E . 2.50 10.10 -9.23
H2 8EL E . 1.96 13.58 -9.55
H3 8EL E . 2.19 13.60 -11.26
H4 8EL E . 2.48 12.14 -10.36
H5 8EL E . 4.05 8.00 -4.81
H6 8EL E . 3.53 9.54 -4.21
H7 8EL E . 2.42 8.50 -5.04
H8 8EL E . 3.44 16.32 -7.90
H9 8EL E . 5.03 16.82 -8.52
H10 8EL E . 3.95 16.79 -10.84
H11 8EL E . 2.59 15.93 -10.08
H12 8EL E . 6.87 12.84 -10.66
H13 8EL E . 6.62 12.91 -8.90
H14 8EL E . 5.73 10.73 -10.35
H15 8EL E . 3.99 10.95 -10.70
H16 8EL E . 7.27 10.80 -6.99
CA CA F . 2.90 22.45 -8.46
CA CA G . 21.30 17.87 -23.50
C1 MLT H . 26.22 23.10 -13.27
O1 MLT H . 26.53 24.33 -13.26
O2 MLT H . 25.10 22.64 -12.97
C2 MLT H . 27.25 22.07 -13.66
O3 MLT H . 28.44 22.70 -14.18
C3 MLT H . 26.60 21.08 -14.63
C4 MLT H . 27.22 21.05 -16.01
O4 MLT H . 26.60 20.43 -16.89
O5 MLT H . 28.31 21.61 -16.24
H2 MLT H . 27.54 21.59 -12.86
HO3 MLT H . 28.57 22.40 -14.96
H31 MLT H . 25.66 21.31 -14.75
H32 MLT H . 26.69 20.18 -14.27
C1 MLT I . 8.32 22.73 -24.86
O1 MLT I . 7.23 23.14 -25.31
O2 MLT I . 9.28 23.52 -24.67
C2 MLT I . 8.50 21.26 -24.59
O3 MLT I . 7.32 20.77 -23.95
C3 MLT I . 9.68 20.94 -23.68
C4 MLT I . 10.82 20.31 -24.48
O4 MLT I . 10.58 19.30 -25.17
O5 MLT I . 11.96 20.82 -24.41
H2 MLT I . 8.63 20.82 -25.46
HO3 MLT I . 7.54 20.40 -23.22
H31 MLT I . 9.40 20.31 -22.99
H32 MLT I . 10.01 21.77 -23.28
C1 LMR J . 12.34 21.41 28.22
O1A LMR J . 11.48 22.34 28.26
O1B LMR J . 13.43 21.40 28.90
C2 LMR J . 12.02 20.37 27.14
O2 LMR J . 12.79 20.75 26.03
C3 LMR J . 12.24 18.87 27.44
C4 LMR J . 12.48 18.17 26.10
O4A LMR J . 12.02 17.01 25.90
O4B LMR J . 13.13 18.81 25.24
H2 LMR J . 11.06 20.51 26.95
HO2 LMR J . 13.22 20.07 25.75
H3 LMR J . 11.44 18.51 27.87
H3A LMR J . 13.02 18.77 28.01
C1 LMR K . -0.33 30.14 -8.01
O1A LMR K . 0.89 30.36 -8.11
O1B LMR K . -0.91 29.75 -6.98
C2 LMR K . -1.19 30.39 -9.25
O2 LMR K . -1.55 31.76 -9.36
C3 LMR K . -0.47 29.92 -10.52
C4 LMR K . -1.41 29.35 -11.57
O4A LMR K . -2.61 29.19 -11.26
O4B LMR K . -0.94 29.07 -12.69
H2 LMR K . -2.03 29.87 -9.15
HO2 LMR K . -1.29 32.03 -10.13
H3 LMR K . 0.18 29.23 -10.28
H3A LMR K . 0.00 30.69 -10.92
C1 LMR L . 29.33 -0.82 -8.23
O1A LMR L . 29.21 -2.02 -8.55
O1B LMR L . 30.32 -0.09 -8.50
C2 LMR L . 28.18 -0.16 -7.46
O2 LMR L . 27.73 1.00 -8.14
C3 LMR L . 27.01 -1.12 -7.22
C4 LMR L . 25.82 -0.47 -6.53
O4A LMR L . 25.93 0.71 -6.14
O4B LMR L . 24.78 -1.15 -6.40
H2 LMR L . 28.54 0.12 -6.58
HO2 LMR L . 26.90 0.92 -8.28
H3 LMR L . 27.31 -1.86 -6.66
H3A LMR L . 26.70 -1.47 -8.09
CL CL M . 17.39 34.73 -10.43
C1 MLT N . -12.75 -22.22 -0.34
O1 MLT N . -12.41 -22.19 -1.55
O2 MLT N . -13.28 -21.26 0.24
C2 MLT N . -12.53 -23.46 0.47
O3 MLT N . -11.75 -23.15 1.61
C3 MLT N . -11.81 -24.54 -0.33
C4 MLT N . -12.05 -25.89 0.29
O4 MLT N . -11.83 -26.90 -0.42
O5 MLT N . -12.46 -25.95 1.47
H2 MLT N . -13.43 -23.81 0.73
HO3 MLT N . -11.05 -23.63 1.59
H31 MLT N . -10.85 -24.33 -0.33
H32 MLT N . -12.15 -24.53 -1.25
C1 MLT O . -18.89 -25.16 2.31
O1 MLT O . -20.12 -24.96 2.46
O2 MLT O . -18.17 -25.63 3.21
C2 MLT O . -18.28 -24.85 0.97
O3 MLT O . -17.08 -25.63 0.83
C3 MLT O . -18.00 -23.34 0.86
C4 MLT O . -16.61 -22.99 0.36
O4 MLT O . -15.93 -23.86 -0.22
O5 MLT O . -16.18 -21.84 0.56
H2 MLT O . -18.90 -25.11 0.26
HO3 MLT O . -16.43 -25.11 0.70
H31 MLT O . -18.12 -22.93 1.74
H32 MLT O . -18.64 -22.95 0.22
C1 MLT P . 22.06 -39.75 -8.84
O1 MLT P . 22.02 -40.93 -9.23
O2 MLT P . 22.86 -38.91 -9.31
C2 MLT P . 21.13 -39.30 -7.75
O3 MLT P . 21.89 -39.10 -6.55
C3 MLT P . 20.03 -40.32 -7.43
C4 MLT P . 19.07 -39.77 -6.40
O4 MLT P . 18.73 -38.57 -6.44
O5 MLT P . 18.63 -40.56 -5.52
H2 MLT P . 20.70 -38.46 -8.05
HO3 MLT P . 21.57 -39.59 -5.94
H31 MLT P . 20.45 -41.14 -7.09
H32 MLT P . 19.54 -40.51 -8.26
C1 MLT Q . -7.92 -34.00 7.67
O1 MLT Q . -7.53 -33.52 6.57
O2 MLT Q . -7.73 -35.17 8.03
C2 MLT Q . -8.69 -33.16 8.65
O3 MLT Q . -9.50 -32.33 7.85
C3 MLT Q . -7.80 -32.33 9.57
C4 MLT Q . -7.72 -32.87 10.98
O4 MLT Q . -7.66 -34.12 11.15
O5 MLT Q . -7.70 -32.08 11.96
H2 MLT Q . -9.22 -33.78 9.21
HO3 MLT Q . -9.33 -31.52 8.05
H31 MLT Q . -8.16 -31.42 9.62
H32 MLT Q . -6.89 -32.31 9.20
CL CL R . 15.51 -24.64 21.94
C4' 8EL S . -9.16 -1.43 10.36
C5' 8EL S . -8.35 -1.22 11.52
C6' 8EL S . -7.19 -0.54 11.27
N1' 8EL S . -6.81 -0.09 10.06
N3' 8EL S . -8.80 -0.93 9.14
C2' 8EL S . -7.64 -0.30 9.04
CM4 8EL S . -8.56 0.69 14.55
CM2 8EL S . -7.26 0.22 7.68
C7 8EL S . -12.45 2.41 14.53
C6 8EL S . -11.46 1.63 15.37
C2 8EL S . -11.14 -1.67 13.30
C7' 8EL S . -8.71 -1.79 12.88
C4 8EL S . -9.86 0.00 14.24
C5 8EL S . -11.09 0.37 14.65
N4' 8EL S . -10.31 -2.11 10.41
N3 8EL S . -9.90 -1.18 13.48
O1B 8EL S . -16.91 1.92 16.32
O1A 8EL S . -13.99 4.56 13.26
O2B 8EL S . -16.36 4.19 17.20
O3B 8EL S . -17.88 3.97 15.25
O2A 8EL S . -14.20 5.55 15.61
O7 8EL S . -13.00 3.44 15.34
O3A 8EL S . -15.46 3.42 14.97
PB 8EL S . -16.73 3.36 16.01
PA 8EL S . -14.18 4.34 14.74
S1 8EL S . -12.32 -0.77 14.17
H1 8EL S . -6.54 -0.38 12.13
H2 8EL S . -8.60 1.68 14.17
H3 8EL S . -8.41 0.71 15.59
H4 8EL S . -7.76 0.17 14.09
H5 8EL S . -7.21 -0.59 6.99
H6 8EL S . -7.98 0.92 7.35
H7 8EL S . -6.31 0.69 7.74
H8 8EL S . -11.95 2.84 13.66
H9 8EL S . -13.25 1.75 14.19
H10 8EL S . -11.91 1.39 16.33
H11 8EL S . -10.56 2.24 15.53
H12 8EL S . -11.17 -2.71 13.65
H13 8EL S . -11.38 -1.64 12.24
H14 8EL S . -8.89 -2.86 12.74
H15 8EL S . -7.85 -1.65 13.52
H16 8EL S . -10.82 -2.23 9.62
CA CA T . -15.65 6.39 17.14
CA CA U . -22.24 -15.98 24.05
C1 MLT V . -31.38 -11.56 16.64
O1 MLT V . -30.31 -10.90 16.66
O2 MLT V . -32.43 -11.21 17.23
C2 MLT V . -31.38 -12.82 15.84
O3 MLT V . -32.53 -13.61 16.10
C3 MLT V . -30.08 -13.59 16.09
C4 MLT V . -30.03 -14.28 17.43
O4 MLT V . -28.95 -14.81 17.80
O5 MLT V . -31.08 -14.32 18.12
H2 MLT V . -31.41 -12.58 14.87
HO3 MLT V . -32.28 -14.38 16.35
H31 MLT V . -29.32 -12.97 16.06
H32 MLT V . -29.98 -14.28 15.40
C1 MLT W . -27.69 -14.85 -1.94
O1 MLT W . -28.77 -14.91 -2.59
O2 MLT W . -27.64 -15.20 -0.75
C2 MLT W . -26.43 -14.38 -2.62
O3 MLT W . -25.31 -15.16 -2.21
C3 MLT W . -26.13 -12.91 -2.29
C4 MLT W . -25.62 -12.11 -3.46
O4 MLT W . -24.99 -12.67 -4.39
O5 MLT W . -25.85 -10.87 -3.46
H2 MLT W . -26.56 -14.46 -3.60
HO3 MLT W . -24.73 -14.64 -1.88
H31 MLT W . -25.44 -12.88 -1.59
H32 MLT W . -26.95 -12.48 -1.98
C1 MLT X . -31.80 24.09 -5.14
O1 MLT X . -31.80 23.89 -6.37
O2 MLT X . -32.35 23.27 -4.36
C2 MLT X . -31.15 25.34 -4.64
O3 MLT X . -32.12 26.30 -4.20
C3 MLT X . -30.31 25.99 -5.74
C4 MLT X . -29.41 27.09 -5.21
O4 MLT X . -28.85 27.84 -6.05
O5 MLT X . -29.24 27.22 -3.98
H2 MLT X . -30.54 25.10 -3.89
HO3 MLT X . -32.01 27.01 -4.66
H31 MLT X . -30.91 26.38 -6.41
H32 MLT X . -29.74 25.30 -6.15
C1 MLT Y . -16.24 18.53 -13.39
O1 MLT Y . -16.52 19.22 -14.39
O2 MLT Y . -17.08 18.26 -12.50
C2 MLT Y . -14.83 18.04 -13.20
O3 MLT Y . -14.29 18.99 -12.28
C3 MLT Y . -13.94 18.06 -14.45
C4 MLT Y . -13.54 16.70 -15.02
O4 MLT Y . -14.39 15.86 -15.40
O5 MLT Y . -12.31 16.48 -15.14
H2 MLT Y . -14.91 17.11 -12.88
HO3 MLT Y . -13.61 19.34 -12.65
H31 MLT Y . -13.13 18.57 -14.25
H32 MLT Y . -14.49 18.52 -15.11
C1 MLT Z . -37.61 -10.81 -0.97
O1 MLT Z . -37.89 -10.92 -2.19
O2 MLT Z . -38.30 -10.13 -0.19
C2 MLT Z . -36.41 -11.56 -0.46
O3 MLT Z . -35.56 -11.83 -1.58
C3 MLT Z . -36.83 -12.87 0.22
C4 MLT Z . -35.97 -13.22 1.42
O4 MLT Z . -34.89 -13.82 1.23
O5 MLT Z . -36.38 -12.93 2.56
H2 MLT Z . -35.96 -10.99 0.20
HO3 MLT Z . -35.46 -12.66 -1.64
H31 MLT Z . -36.75 -13.60 -0.43
H32 MLT Z . -37.76 -12.78 0.52
CL CL AA . -33.79 2.21 21.43
C1 LMR BA . 26.79 -6.29 -9.28
O1A LMR BA . 26.98 -7.21 -10.10
O1B LMR BA . 27.10 -6.32 -8.08
C2 LMR BA . 26.14 -4.99 -9.80
O2 LMR BA . 26.16 -4.97 -11.22
C3 LMR BA . 24.69 -4.82 -9.30
C4 LMR BA . 24.56 -3.69 -8.29
O4A LMR BA . 25.40 -3.61 -7.37
O4B LMR BA . 23.61 -2.89 -8.42
H2 LMR BA . 26.68 -4.24 -9.48
HO2 LMR BA . 25.36 -4.86 -11.49
H3 LMR BA . 24.42 -5.65 -8.86
H3A LMR BA . 24.12 -4.62 -10.06
C1 LMR CA . 20.94 -12.07 -2.91
O1A LMR CA . 20.96 -12.16 -4.15
O1B LMR CA . 20.43 -12.91 -2.14
C2 LMR CA . 21.60 -10.82 -2.29
O2 LMR CA . 21.38 -9.70 -3.14
C3 LMR CA . 21.09 -10.49 -0.87
C4 LMR CA . 22.09 -10.78 0.22
O4A LMR CA . 22.01 -10.13 1.30
O4B LMR CA . 22.95 -11.66 0.03
H2 LMR CA . 22.56 -11.00 -2.25
HO2 LMR CA . 21.02 -9.09 -2.69
H3 LMR CA . 20.29 -11.03 -0.69
H3A LMR CA . 20.87 -9.54 -0.83
CL CL DA . 2.27 -13.85 -33.62
#